data_8IXP
#
_entry.id   8IXP
#
_cell.length_a   97.536
_cell.length_b   142.015
_cell.length_c   158.867
_cell.angle_alpha   90.000
_cell.angle_beta   90.000
_cell.angle_gamma   90.000
#
_symmetry.space_group_name_H-M   'P 21 21 21'
#
loop_
_entity.id
_entity.type
_entity.pdbx_description
1 polymer Glycosyltransferase
2 water water
#
_entity_poly.entity_id   1
_entity_poly.type   'polypeptide(L)'
_entity_poly.pdbx_seq_one_letter_code
;MTARTERGRALAFVWLMVEGAQVAAGGVAGYVRNLLDEQDALRDHLAERGWSVEFVLGEPFYDPGAPGYDEERWRRVREH
LAARGGRAVRLVSDSDGLDGWGEERFFHALSATGAQLVLDTAERCDAVVAVSGTSAFARVPGMVQRQGGELAAKVLHVHT
FGLATHDTAHVPSPAEIAADGDVAFWTRQSDRVSVGYISRYTAELYARTYAIPAAALLPNRSAIPRHAPRFGVLTEERIN
ERIAGLGLPAEGEFVVMWGRNSAPGLDKGYHLLLEAARDLPGVVPVIATRRPDPGLRRLADRYAVPAVLLDDQPFTHLSA
LLQSPRTLAAAFLGEAEPGAVSPMEAMWVARESGALVIAADTGNLPEVVDDGAAGIVTRRTAADVADAVRRVRKLTADER
RRMRAAAAARVRARFDFAANVRELADAAVDRLAEVSKLAAALEHHHHHHHH
;
_entity_poly.pdbx_strand_id   A,B,C,D
#
# COMPACT_ATOMS: atom_id res chain seq x y z
N GLY A 8 24.83 29.75 -15.98
CA GLY A 8 24.70 28.79 -14.90
C GLY A 8 23.88 29.30 -13.73
N ARG A 9 22.92 30.17 -14.04
CA ARG A 9 22.07 30.79 -13.05
C ARG A 9 20.61 30.53 -13.34
N ALA A 10 20.30 29.30 -13.76
CA ALA A 10 18.93 28.87 -14.05
C ALA A 10 18.32 28.29 -12.79
N LEU A 11 17.44 29.07 -12.16
CA LEU A 11 16.74 28.67 -10.95
C LEU A 11 15.31 28.32 -11.27
N ALA A 12 14.79 27.28 -10.64
CA ALA A 12 13.41 26.86 -10.82
C ALA A 12 12.71 26.74 -9.48
N PHE A 13 11.52 27.31 -9.38
CA PHE A 13 10.61 26.98 -8.28
C PHE A 13 9.59 26.00 -8.81
N VAL A 14 9.52 24.82 -8.17
CA VAL A 14 8.55 23.79 -8.53
C VAL A 14 7.48 23.78 -7.44
N TRP A 15 6.30 24.25 -7.78
CA TRP A 15 5.19 24.30 -6.82
C TRP A 15 4.38 23.03 -7.02
N LEU A 16 4.39 22.17 -6.01
CA LEU A 16 3.56 20.98 -5.99
C LEU A 16 2.33 21.29 -5.15
N MET A 17 1.17 21.38 -5.79
CA MET A 17 -0.06 21.79 -5.15
C MET A 17 -1.21 20.88 -5.58
N VAL A 18 -2.08 20.53 -4.62
CA VAL A 18 -3.19 19.63 -4.89
C VAL A 18 -4.32 20.28 -5.67
N GLU A 19 -4.30 21.62 -5.80
CA GLU A 19 -5.30 22.34 -6.59
C GLU A 19 -4.76 23.72 -6.91
N GLY A 20 -5.54 24.48 -7.69
CA GLY A 20 -5.11 25.83 -8.01
C GLY A 20 -4.99 26.16 -9.49
N ALA A 21 -5.20 25.17 -10.36
CA ALA A 21 -5.21 25.45 -11.80
C ALA A 21 -6.43 24.81 -12.43
N GLN A 22 -6.44 23.48 -12.55
CA GLN A 22 -7.65 22.79 -12.95
C GLN A 22 -8.78 23.10 -11.98
N VAL A 23 -8.49 23.06 -10.68
CA VAL A 23 -9.49 23.11 -9.64
C VAL A 23 -9.13 24.20 -8.64
N ALA A 24 -10.15 24.91 -8.18
CA ALA A 24 -9.99 25.95 -7.16
C ALA A 24 -11.12 25.76 -6.17
N ALA A 25 -10.80 25.33 -4.97
CA ALA A 25 -11.86 25.18 -3.96
C ALA A 25 -11.42 25.47 -2.54
N GLY A 26 -10.19 25.90 -2.29
CA GLY A 26 -9.75 26.13 -0.93
C GLY A 26 -8.53 27.03 -0.83
N GLY A 27 -7.88 26.97 0.34
CA GLY A 27 -6.74 27.83 0.59
C GLY A 27 -5.60 27.62 -0.39
N VAL A 28 -5.36 26.35 -0.78
CA VAL A 28 -4.22 26.04 -1.66
C VAL A 28 -4.41 26.71 -3.01
N ALA A 29 -5.64 26.77 -3.50
CA ALA A 29 -5.88 27.43 -4.78
C ALA A 29 -5.60 28.92 -4.70
N GLY A 30 -6.14 29.60 -3.67
CA GLY A 30 -5.83 31.01 -3.51
C GLY A 30 -4.34 31.27 -3.39
N TYR A 31 -3.62 30.39 -2.71
CA TYR A 31 -2.17 30.50 -2.66
C TYR A 31 -1.56 30.50 -4.07
N VAL A 32 -2.04 29.60 -4.94
CA VAL A 32 -1.49 29.48 -6.29
C VAL A 32 -1.80 30.72 -7.12
N ARG A 33 -3.08 31.15 -7.13
CA ARG A 33 -3.45 32.37 -7.84
C ARG A 33 -2.65 33.57 -7.34
N ASN A 34 -2.50 33.71 -6.03
CA ASN A 34 -1.72 34.83 -5.51
C ASN A 34 -0.25 34.69 -5.89
N LEU A 35 0.25 33.45 -5.88
CA LEU A 35 1.65 33.21 -6.24
C LEU A 35 1.94 33.63 -7.67
N LEU A 36 1.00 33.39 -8.59
CA LEU A 36 1.22 33.76 -9.98
C LEU A 36 1.16 35.28 -10.19
N ASP A 37 0.36 35.99 -9.40
CA ASP A 37 0.40 37.45 -9.52
C ASP A 37 1.76 38.01 -9.14
N GLU A 38 2.45 37.37 -8.20
CA GLU A 38 3.76 37.82 -7.75
C GLU A 38 4.92 37.30 -8.61
N GLN A 39 4.64 36.47 -9.64
CA GLN A 39 5.71 35.79 -10.36
C GLN A 39 6.69 36.77 -11.00
N ASP A 40 6.18 37.75 -11.75
CA ASP A 40 7.08 38.69 -12.41
C ASP A 40 7.85 39.52 -11.37
N ALA A 41 7.18 39.97 -10.31
CA ALA A 41 7.89 40.68 -9.26
C ALA A 41 8.98 39.81 -8.63
N LEU A 42 8.66 38.55 -8.33
CA LEU A 42 9.66 37.62 -7.82
C LEU A 42 10.79 37.41 -8.82
N ARG A 43 10.47 37.44 -10.11
CA ARG A 43 11.52 37.24 -11.10
C ARG A 43 12.48 38.42 -11.14
N ASP A 44 11.93 39.65 -11.09
CA ASP A 44 12.80 40.83 -11.01
C ASP A 44 13.65 40.81 -9.74
N HIS A 45 13.06 40.45 -8.61
CA HIS A 45 13.81 40.42 -7.35
C HIS A 45 14.94 39.40 -7.41
N LEU A 46 14.61 38.14 -7.69
CA LEU A 46 15.65 37.11 -7.70
C LEU A 46 16.68 37.39 -8.79
N ALA A 47 16.26 38.04 -9.89
CA ALA A 47 17.25 38.49 -10.88
C ALA A 47 18.27 39.42 -10.24
N GLU A 48 17.83 40.39 -9.42
CA GLU A 48 18.75 41.30 -8.77
C GLU A 48 19.78 40.54 -7.94
N ARG A 49 19.43 39.35 -7.44
CA ARG A 49 20.38 38.49 -6.75
C ARG A 49 21.12 37.53 -7.69
N GLY A 50 21.05 37.75 -8.99
CA GLY A 50 21.83 36.96 -9.94
C GLY A 50 21.18 35.69 -10.49
N TRP A 51 19.90 35.46 -10.19
CA TRP A 51 19.23 34.22 -10.58
C TRP A 51 18.18 34.50 -11.63
N SER A 52 18.12 33.64 -12.64
CA SER A 52 17.06 33.68 -13.66
C SER A 52 16.02 32.61 -13.30
N VAL A 53 14.81 33.03 -12.92
CA VAL A 53 13.85 32.15 -12.26
C VAL A 53 12.77 31.68 -13.23
N GLU A 54 12.40 30.42 -13.07
CA GLU A 54 11.32 29.79 -13.80
C GLU A 54 10.39 29.18 -12.77
N PHE A 55 9.10 29.17 -13.06
CA PHE A 55 8.10 28.54 -12.21
C PHE A 55 7.56 27.29 -12.89
N VAL A 56 7.59 26.18 -12.16
CA VAL A 56 6.94 24.94 -12.58
C VAL A 56 5.83 24.67 -11.57
N LEU A 57 4.62 24.49 -12.06
CA LEU A 57 3.48 24.15 -11.22
C LEU A 57 3.06 22.74 -11.56
N GLY A 58 3.03 21.87 -10.55
CA GLY A 58 2.51 20.52 -10.68
C GLY A 58 1.24 20.35 -9.86
N GLU A 59 0.21 19.80 -10.49
CA GLU A 59 -1.10 19.59 -9.88
C GLU A 59 -1.67 18.26 -10.38
N PRO A 60 -2.35 17.49 -9.52
CA PRO A 60 -2.84 16.18 -9.95
C PRO A 60 -3.83 16.34 -11.11
N PHE A 61 -3.86 15.34 -12.00
CA PHE A 61 -4.89 15.28 -13.03
C PHE A 61 -6.26 15.37 -12.38
N TYR A 62 -7.10 16.28 -12.89
CA TYR A 62 -8.51 16.29 -12.52
C TYR A 62 -9.38 15.90 -13.70
N ASP A 63 -10.44 15.14 -13.40
CA ASP A 63 -11.50 14.92 -14.36
C ASP A 63 -12.34 16.20 -14.50
N PRO A 64 -12.79 16.54 -15.71
CA PRO A 64 -13.56 17.79 -15.90
C PRO A 64 -14.80 17.93 -15.03
N GLY A 65 -15.38 16.84 -14.57
CA GLY A 65 -16.60 16.95 -13.79
C GLY A 65 -16.36 17.07 -12.30
N ALA A 66 -15.17 17.49 -11.93
CA ALA A 66 -14.90 17.48 -10.51
C ALA A 66 -15.28 18.82 -9.90
N PRO A 67 -15.69 18.84 -8.62
CA PRO A 67 -16.03 20.13 -8.00
C PRO A 67 -14.93 21.15 -8.23
N GLY A 68 -15.29 22.27 -8.82
CA GLY A 68 -14.37 23.38 -8.96
C GLY A 68 -13.55 23.37 -10.23
N TYR A 69 -13.78 22.41 -11.11
CA TYR A 69 -13.06 22.38 -12.38
C TYR A 69 -13.44 23.60 -13.23
N ASP A 70 -12.43 24.20 -13.88
CA ASP A 70 -12.68 25.26 -14.85
C ASP A 70 -11.61 25.15 -15.93
N GLU A 71 -11.99 24.68 -17.13
CA GLU A 71 -11.02 24.49 -18.20
C GLU A 71 -10.35 25.80 -18.61
N GLU A 72 -11.09 26.90 -18.60
CA GLU A 72 -10.50 28.18 -18.98
C GLU A 72 -9.44 28.61 -17.98
N ARG A 73 -9.69 28.41 -16.69
CA ARG A 73 -8.68 28.74 -15.69
C ARG A 73 -7.42 27.92 -15.91
N TRP A 74 -7.58 26.61 -16.10
CA TRP A 74 -6.42 25.77 -16.41
C TRP A 74 -5.65 26.33 -17.59
N ARG A 75 -6.34 26.94 -18.56
CA ARG A 75 -5.65 27.42 -19.75
C ARG A 75 -4.90 28.71 -19.45
N ARG A 76 -5.54 29.66 -18.76
CA ARG A 76 -4.84 30.90 -18.41
C ARG A 76 -3.59 30.61 -17.58
N VAL A 77 -3.72 29.73 -16.57
CA VAL A 77 -2.56 29.36 -15.74
C VAL A 77 -1.43 28.82 -16.62
N ARG A 78 -1.78 27.90 -17.52
CA ARG A 78 -0.78 27.24 -18.35
C ARG A 78 -0.16 28.19 -19.35
N GLU A 79 -0.95 29.11 -19.91
CA GLU A 79 -0.37 30.12 -20.78
C GLU A 79 0.47 31.14 -20.00
N HIS A 80 0.07 31.47 -18.78
CA HIS A 80 0.85 32.41 -17.98
C HIS A 80 2.23 31.83 -17.66
N LEU A 81 2.27 30.57 -17.26
CA LEU A 81 3.55 29.90 -17.01
C LEU A 81 4.37 29.81 -18.29
N ALA A 82 3.74 29.40 -19.41
CA ALA A 82 4.48 29.19 -20.65
C ALA A 82 5.05 30.50 -21.20
N ALA A 83 4.27 31.59 -21.10
CA ALA A 83 4.74 32.90 -21.55
C ALA A 83 6.03 33.33 -20.86
N ARG A 84 6.37 32.70 -19.73
CA ARG A 84 7.54 33.07 -18.95
C ARG A 84 8.56 31.93 -18.88
N GLY A 85 8.56 31.03 -19.86
CA GLY A 85 9.49 29.93 -19.86
C GLY A 85 9.19 28.86 -18.83
N GLY A 86 8.01 28.88 -18.23
CA GLY A 86 7.62 27.89 -17.27
C GLY A 86 6.58 26.94 -17.83
N ARG A 87 6.08 26.07 -16.97
CA ARG A 87 5.04 25.16 -17.38
C ARG A 87 4.22 24.73 -16.18
N ALA A 88 2.96 24.41 -16.44
CA ALA A 88 2.14 23.62 -15.56
C ALA A 88 2.18 22.16 -16.02
N VAL A 89 2.20 21.25 -15.07
CA VAL A 89 2.26 19.82 -15.37
C VAL A 89 1.21 19.12 -14.55
N ARG A 90 0.31 18.41 -15.22
CA ARG A 90 -0.67 17.61 -14.52
C ARG A 90 -0.06 16.28 -14.14
N LEU A 91 -0.33 15.83 -12.93
CA LEU A 91 0.37 14.70 -12.34
C LEU A 91 -0.56 13.51 -12.17
N VAL A 92 -0.06 12.32 -12.50
CA VAL A 92 -0.76 11.07 -12.24
C VAL A 92 -0.85 10.85 -10.74
N SER A 93 -2.03 10.52 -10.24
CA SER A 93 -2.23 10.33 -8.81
C SER A 93 -2.92 9.01 -8.52
N ASP A 94 -2.95 8.12 -9.51
CA ASP A 94 -3.61 6.82 -9.43
C ASP A 94 -5.00 6.95 -8.84
N SER A 95 -5.77 7.92 -9.36
CA SER A 95 -7.14 8.10 -8.94
C SER A 95 -7.98 8.49 -10.15
N ASP A 96 -9.29 8.59 -9.92
CA ASP A 96 -10.19 8.90 -11.02
C ASP A 96 -10.24 10.40 -11.33
N GLY A 97 -9.61 11.24 -10.52
CA GLY A 97 -9.55 12.66 -10.77
C GLY A 97 -10.78 13.45 -10.36
N LEU A 98 -11.63 12.89 -9.47
CA LEU A 98 -12.84 13.56 -9.02
C LEU A 98 -12.66 14.29 -7.70
N ASP A 99 -11.58 14.01 -6.97
CA ASP A 99 -11.35 14.65 -5.69
C ASP A 99 -9.85 14.84 -5.52
N GLY A 100 -9.45 16.01 -5.03
CA GLY A 100 -8.04 16.26 -4.79
C GLY A 100 -7.54 15.75 -3.46
N TRP A 101 -8.15 14.66 -2.94
CA TRP A 101 -7.64 14.01 -1.75
C TRP A 101 -7.71 12.51 -1.96
N GLY A 102 -7.37 11.76 -0.91
CA GLY A 102 -7.33 10.31 -1.04
C GLY A 102 -6.55 9.72 0.12
N GLU A 103 -6.22 8.43 -0.03
CA GLU A 103 -5.48 7.76 1.01
C GLU A 103 -4.11 7.29 0.51
N GLU A 104 -3.71 6.08 0.92
CA GLU A 104 -2.33 5.62 0.66
C GLU A 104 -2.01 5.67 -0.83
N ARG A 105 -2.89 5.12 -1.66
CA ARG A 105 -2.65 5.06 -3.09
C ARG A 105 -2.51 6.45 -3.69
N PHE A 106 -3.47 7.34 -3.39
CA PHE A 106 -3.42 8.72 -3.88
C PHE A 106 -2.11 9.41 -3.46
N PHE A 107 -1.81 9.40 -2.16
CA PHE A 107 -0.60 10.06 -1.64
C PHE A 107 0.66 9.50 -2.28
N HIS A 108 0.73 8.18 -2.43
CA HIS A 108 2.00 7.58 -2.83
C HIS A 108 2.30 7.90 -4.27
N ALA A 109 1.28 7.83 -5.12
CA ALA A 109 1.45 8.07 -6.56
C ALA A 109 1.72 9.53 -6.83
N LEU A 110 0.94 10.42 -6.18
CA LEU A 110 1.14 11.86 -6.37
C LEU A 110 2.50 12.31 -5.87
N SER A 111 2.92 11.81 -4.69
CA SER A 111 4.29 12.12 -4.27
C SER A 111 5.31 11.56 -5.25
N ALA A 112 5.03 10.40 -5.86
CA ALA A 112 6.01 9.81 -6.77
C ALA A 112 6.13 10.61 -8.05
N THR A 113 5.01 11.06 -8.61
CA THR A 113 5.07 11.85 -9.83
C THR A 113 5.46 13.28 -9.54
N GLY A 114 5.08 13.80 -8.36
CA GLY A 114 5.65 15.08 -7.92
C GLY A 114 7.16 15.01 -7.76
N ALA A 115 7.65 13.93 -7.16
CA ALA A 115 9.11 13.74 -7.12
C ALA A 115 9.71 13.66 -8.53
N GLN A 116 9.00 13.02 -9.47
CA GLN A 116 9.50 12.93 -10.84
C GLN A 116 9.69 14.32 -11.45
N LEU A 117 8.67 15.17 -11.34
CA LEU A 117 8.72 16.51 -11.93
C LEU A 117 9.79 17.39 -11.28
N VAL A 118 10.07 17.18 -9.98
CA VAL A 118 11.21 17.87 -9.37
C VAL A 118 12.51 17.41 -10.03
N LEU A 119 12.67 16.11 -10.24
CA LEU A 119 13.96 15.65 -10.76
C LEU A 119 14.11 16.01 -12.23
N ASP A 120 13.03 15.92 -13.01
CA ASP A 120 13.15 16.30 -14.42
C ASP A 120 13.52 17.77 -14.52
N THR A 121 12.94 18.62 -13.67
CA THR A 121 13.35 20.02 -13.60
C THR A 121 14.81 20.16 -13.15
N ALA A 122 15.21 19.41 -12.11
CA ALA A 122 16.61 19.40 -11.71
C ALA A 122 17.53 19.10 -12.89
N GLU A 123 17.11 18.19 -13.77
CA GLU A 123 17.96 17.78 -14.88
C GLU A 123 18.31 18.95 -15.80
N ARG A 124 17.38 19.90 -15.97
CA ARG A 124 17.55 20.96 -16.95
C ARG A 124 17.79 22.34 -16.34
N CYS A 125 17.94 22.44 -15.03
CA CYS A 125 18.18 23.72 -14.37
C CYS A 125 19.36 23.57 -13.43
N ASP A 126 19.95 24.69 -13.06
CA ASP A 126 21.11 24.61 -12.19
C ASP A 126 20.73 24.45 -10.74
N ALA A 127 19.48 24.77 -10.37
CA ALA A 127 19.04 24.70 -8.99
C ALA A 127 17.52 24.73 -8.94
N VAL A 128 16.97 23.97 -8.00
CA VAL A 128 15.52 23.81 -7.86
C VAL A 128 15.13 24.02 -6.41
N VAL A 129 14.13 24.86 -6.18
CA VAL A 129 13.42 24.88 -4.91
C VAL A 129 12.08 24.18 -5.13
N ALA A 130 11.92 23.04 -4.45
CA ALA A 130 10.74 22.18 -4.56
C ALA A 130 9.79 22.50 -3.39
N VAL A 131 8.84 23.39 -3.64
CA VAL A 131 7.88 23.78 -2.61
C VAL A 131 6.69 22.82 -2.73
N SER A 132 6.59 21.87 -1.80
CA SER A 132 5.54 20.86 -1.81
C SER A 132 4.51 21.14 -0.73
N GLY A 133 3.22 20.91 -1.04
CA GLY A 133 2.20 21.24 -0.05
C GLY A 133 1.24 20.13 0.32
N THR A 134 0.96 20.01 1.63
CA THR A 134 0.05 19.04 2.25
C THR A 134 0.59 17.61 2.19
N SER A 135 -0.07 16.72 2.95
CA SER A 135 0.36 15.34 3.06
C SER A 135 0.43 14.66 1.70
N ALA A 136 -0.49 15.00 0.79
CA ALA A 136 -0.46 14.42 -0.53
C ALA A 136 0.95 14.43 -1.11
N PHE A 137 1.71 15.50 -0.85
CA PHE A 137 3.04 15.65 -1.42
C PHE A 137 4.16 15.43 -0.42
N ALA A 138 3.83 14.90 0.76
CA ALA A 138 4.76 14.92 1.89
C ALA A 138 5.90 13.93 1.73
N ARG A 139 5.75 12.92 0.88
CA ARG A 139 6.82 11.98 0.67
C ARG A 139 7.79 12.41 -0.41
N VAL A 140 7.47 13.47 -1.18
CA VAL A 140 8.33 13.97 -2.25
C VAL A 140 9.76 14.21 -1.77
N PRO A 141 10.00 15.00 -0.70
CA PRO A 141 11.41 15.27 -0.31
C PRO A 141 12.20 13.99 -0.13
N GLY A 142 11.64 13.03 0.61
CA GLY A 142 12.32 11.76 0.80
C GLY A 142 12.54 11.00 -0.50
N MET A 143 11.52 10.96 -1.37
CA MET A 143 11.69 10.20 -2.60
C MET A 143 12.74 10.82 -3.51
N VAL A 144 12.78 12.16 -3.59
CA VAL A 144 13.83 12.81 -4.37
C VAL A 144 15.20 12.53 -3.77
N GLN A 145 15.33 12.71 -2.45
CA GLN A 145 16.66 12.70 -1.84
C GLN A 145 17.18 11.31 -1.62
N ARG A 146 16.30 10.31 -1.55
CA ARG A 146 16.77 8.95 -1.37
C ARG A 146 17.39 8.40 -2.65
N GLN A 147 16.82 8.78 -3.80
CA GLN A 147 17.04 8.09 -5.06
C GLN A 147 17.54 8.96 -6.21
N GLY A 148 17.45 10.28 -6.14
CA GLY A 148 17.86 11.06 -7.28
C GLY A 148 19.34 11.36 -7.43
N GLY A 149 20.20 10.80 -6.59
CA GLY A 149 21.65 11.00 -6.76
C GLY A 149 22.02 12.46 -6.97
N GLU A 150 22.75 12.72 -8.06
CA GLU A 150 23.33 14.04 -8.28
C GLU A 150 22.26 15.10 -8.56
N LEU A 151 21.20 14.73 -9.29
CA LEU A 151 20.12 15.67 -9.55
C LEU A 151 19.45 16.11 -8.25
N ALA A 152 19.40 15.22 -7.25
CA ALA A 152 18.86 15.58 -5.95
C ALA A 152 19.74 16.55 -5.19
N ALA A 153 21.03 16.62 -5.52
CA ALA A 153 21.94 17.57 -4.90
C ALA A 153 21.75 18.99 -5.42
N LYS A 154 20.86 19.19 -6.39
CA LYS A 154 20.51 20.52 -6.90
C LYS A 154 19.17 21.02 -6.36
N VAL A 155 18.56 20.28 -5.43
CA VAL A 155 17.22 20.58 -4.97
C VAL A 155 17.25 20.96 -3.50
N LEU A 156 16.45 21.96 -3.14
CA LEU A 156 16.08 22.22 -1.77
C LEU A 156 14.60 21.97 -1.65
N HIS A 157 14.20 21.17 -0.66
CA HIS A 157 12.80 20.91 -0.41
C HIS A 157 12.29 21.84 0.69
N VAL A 158 11.14 22.47 0.43
CA VAL A 158 10.39 23.27 1.40
C VAL A 158 9.00 22.68 1.43
N HIS A 159 8.72 21.85 2.42
CA HIS A 159 7.41 21.23 2.55
C HIS A 159 6.57 22.05 3.52
N THR A 160 5.34 22.37 3.11
CA THR A 160 4.52 23.35 3.79
C THR A 160 3.07 22.86 3.84
N PHE A 161 2.20 23.72 4.41
CA PHE A 161 0.75 23.51 4.52
C PHE A 161 0.39 22.27 5.33
N GLY A 162 1.06 22.08 6.46
CA GLY A 162 0.54 21.19 7.47
C GLY A 162 1.43 20.05 7.91
N LEU A 163 1.26 19.61 9.15
CA LEU A 163 1.75 18.33 9.64
C LEU A 163 0.75 17.83 10.67
N ALA A 164 0.43 16.52 10.62
CA ALA A 164 -0.55 15.92 11.51
C ALA A 164 -0.17 16.10 12.98
N THR A 165 -1.00 16.80 13.74
CA THR A 165 -0.64 17.12 15.12
C THR A 165 -1.71 16.58 16.09
N HIS A 166 -1.60 16.99 17.35
CA HIS A 166 -2.36 16.39 18.44
C HIS A 166 -3.21 17.39 19.22
N ASP A 167 -3.07 18.70 18.97
CA ASP A 167 -3.86 19.73 19.66
C ASP A 167 -5.24 19.86 19.00
N THR A 168 -5.81 18.77 18.49
CA THR A 168 -7.14 18.79 17.92
C THR A 168 -7.83 17.47 18.21
N ALA A 169 -9.15 17.55 18.36
CA ALA A 169 -9.98 16.35 18.51
C ALA A 169 -9.95 15.51 17.23
N HIS A 170 -9.54 16.10 16.12
CA HIS A 170 -9.43 15.39 14.84
C HIS A 170 -8.18 14.53 14.86
N VAL A 171 -8.35 13.23 14.66
CA VAL A 171 -7.24 12.28 14.52
C VAL A 171 -7.00 12.04 13.04
N PRO A 172 -5.82 12.36 12.51
CA PRO A 172 -5.58 12.19 11.07
C PRO A 172 -5.58 10.72 10.67
N SER A 173 -5.80 10.51 9.37
CA SER A 173 -5.82 9.17 8.82
C SER A 173 -4.42 8.55 8.92
N PRO A 174 -4.33 7.22 8.95
CA PRO A 174 -3.02 6.58 8.85
C PRO A 174 -2.16 7.13 7.73
N ALA A 175 -2.78 7.35 6.56
CA ALA A 175 -2.04 7.88 5.42
C ALA A 175 -1.43 9.23 5.73
N GLU A 176 -2.16 10.08 6.47
CA GLU A 176 -1.63 11.41 6.79
C GLU A 176 -0.50 11.31 7.79
N ILE A 177 -0.68 10.51 8.84
CA ILE A 177 0.35 10.31 9.85
C ILE A 177 1.66 9.85 9.21
N ALA A 178 1.57 8.82 8.34
CA ALA A 178 2.77 8.23 7.77
C ALA A 178 3.47 9.20 6.83
N ALA A 179 2.73 9.83 5.92
CA ALA A 179 3.33 10.81 5.04
C ALA A 179 4.02 11.93 5.83
N ASP A 180 3.33 12.46 6.86
CA ASP A 180 3.88 13.58 7.62
C ASP A 180 5.04 13.12 8.49
N GLY A 181 4.95 11.91 9.06
CA GLY A 181 6.08 11.38 9.80
C GLY A 181 7.28 11.17 8.90
N ASP A 182 7.02 10.76 7.65
CA ASP A 182 8.11 10.52 6.70
C ASP A 182 8.84 11.81 6.38
N VAL A 183 8.11 12.90 6.14
CA VAL A 183 8.81 14.16 5.83
C VAL A 183 9.53 14.69 7.07
N ALA A 184 8.98 14.44 8.27
CA ALA A 184 9.69 14.88 9.48
C ALA A 184 11.00 14.13 9.60
N PHE A 185 10.95 12.81 9.36
CA PHE A 185 12.17 12.02 9.32
C PHE A 185 13.18 12.65 8.38
N TRP A 186 12.74 13.11 7.22
CA TRP A 186 13.69 13.56 6.20
C TRP A 186 14.24 14.96 6.50
N THR A 187 13.52 15.79 7.27
CA THR A 187 14.11 17.06 7.71
C THR A 187 15.25 16.83 8.68
N ARG A 188 15.18 15.77 9.49
CA ARG A 188 16.29 15.43 10.38
C ARG A 188 17.39 14.65 9.69
N GLN A 189 17.06 13.97 8.60
CA GLN A 189 17.99 13.10 7.90
C GLN A 189 18.85 13.86 6.90
N SER A 190 18.34 14.96 6.37
CA SER A 190 18.88 15.55 5.15
C SER A 190 18.95 17.06 5.29
N ASP A 191 20.10 17.63 4.91
CA ASP A 191 20.27 19.07 4.87
C ASP A 191 19.36 19.74 3.84
N ARG A 192 18.81 18.99 2.90
CA ARG A 192 18.07 19.60 1.80
C ARG A 192 16.57 19.58 2.02
N VAL A 193 16.10 19.20 3.21
CA VAL A 193 14.68 19.07 3.46
C VAL A 193 14.29 20.05 4.56
N SER A 194 13.60 21.12 4.18
CA SER A 194 13.08 22.12 5.11
C SER A 194 11.57 22.01 5.19
N VAL A 195 11.04 22.30 6.37
CA VAL A 195 9.60 22.50 6.54
C VAL A 195 9.32 23.99 6.48
N GLY A 196 8.34 24.36 5.67
CA GLY A 196 7.93 25.75 5.57
C GLY A 196 6.78 26.05 6.51
N TYR A 197 7.07 26.70 7.62
CA TYR A 197 6.05 27.00 8.60
C TYR A 197 5.28 28.23 8.16
N ILE A 198 3.98 28.24 8.50
CA ILE A 198 3.11 29.30 8.03
C ILE A 198 2.84 30.33 9.11
N SER A 199 3.08 30.00 10.37
CA SER A 199 2.90 30.94 11.45
C SER A 199 4.01 30.75 12.48
N ARG A 200 4.04 31.64 13.45
CA ARG A 200 4.88 31.46 14.63
C ARG A 200 4.44 30.22 15.40
N TYR A 201 3.13 30.01 15.48
CA TYR A 201 2.60 28.92 16.30
C TYR A 201 2.97 27.55 15.73
N THR A 202 2.99 27.38 14.40
CA THR A 202 3.39 26.08 13.85
C THR A 202 4.91 25.89 13.84
N ALA A 203 5.70 26.98 13.70
CA ALA A 203 7.15 26.86 13.87
C ALA A 203 7.51 26.31 15.24
N GLU A 204 6.84 26.77 16.27
CA GLU A 204 7.11 26.24 17.60
C GLU A 204 6.51 24.86 17.76
N LEU A 205 5.29 24.68 17.25
CA LEU A 205 4.63 23.38 17.38
C LEU A 205 5.40 22.30 16.63
N TYR A 206 5.97 22.64 15.47
CA TYR A 206 6.60 21.59 14.67
C TYR A 206 7.96 21.22 15.25
N ALA A 207 8.70 22.20 15.76
CA ALA A 207 9.94 21.90 16.45
C ALA A 207 9.70 21.02 17.67
N ARG A 208 8.61 21.29 18.41
CA ARG A 208 8.36 20.56 19.65
C ARG A 208 7.67 19.22 19.40
N THR A 209 6.76 19.16 18.42
CA THR A 209 6.00 17.94 18.17
C THR A 209 6.81 16.91 17.42
N TYR A 210 7.54 17.35 16.40
CA TYR A 210 8.23 16.49 15.45
C TYR A 210 9.74 16.56 15.56
N ALA A 211 10.27 17.25 16.57
CA ALA A 211 11.70 17.44 16.72
C ALA A 211 12.35 17.89 15.41
N ILE A 212 11.60 18.66 14.61
CA ILE A 212 12.15 19.34 13.43
C ILE A 212 13.31 20.21 13.89
N PRO A 213 14.53 20.01 13.40
CA PRO A 213 15.62 20.90 13.81
C PRO A 213 15.33 22.32 13.41
N ALA A 214 15.94 23.26 14.15
CA ALA A 214 15.71 24.68 13.91
C ALA A 214 16.16 25.09 12.52
N ALA A 215 17.26 24.50 12.05
CA ALA A 215 17.83 24.78 10.74
C ALA A 215 16.98 24.26 9.59
N ALA A 216 16.01 23.39 9.87
CA ALA A 216 15.09 22.92 8.84
C ALA A 216 13.74 23.64 8.87
N LEU A 217 13.58 24.65 9.71
CA LEU A 217 12.35 25.44 9.72
C LEU A 217 12.58 26.71 8.93
N LEU A 218 11.69 26.98 7.98
CA LEU A 218 11.85 28.02 6.99
C LEU A 218 10.50 28.70 6.79
N PRO A 219 10.49 30.01 6.51
CA PRO A 219 9.21 30.76 6.53
C PRO A 219 8.45 30.65 5.22
N ASN A 220 7.20 30.15 5.32
CA ASN A 220 6.16 30.33 4.32
C ASN A 220 4.91 30.92 5.00
N ARG A 221 5.09 32.10 5.58
CA ARG A 221 4.11 32.65 6.52
C ARG A 221 2.85 33.12 5.80
N SER A 222 1.70 32.56 6.21
CA SER A 222 0.39 32.97 5.66
C SER A 222 0.21 34.50 5.70
N ALA A 223 -0.56 34.99 4.74
CA ALA A 223 -0.56 36.39 4.40
C ALA A 223 -1.74 36.62 3.45
N ILE A 224 -2.01 37.88 3.17
CA ILE A 224 -3.12 38.22 2.28
C ILE A 224 -2.65 39.17 1.19
N PRO A 225 -3.19 39.07 -0.03
CA PRO A 225 -2.83 40.04 -1.07
C PRO A 225 -3.44 41.40 -0.79
N ARG A 226 -2.70 42.22 -0.03
CA ARG A 226 -3.23 43.48 0.52
C ARG A 226 -3.92 44.32 -0.53
N HIS A 227 -3.32 44.43 -1.72
CA HIS A 227 -3.76 45.32 -2.78
C HIS A 227 -4.90 44.77 -3.61
N ALA A 228 -5.49 43.63 -3.23
CA ALA A 228 -6.55 43.08 -4.04
C ALA A 228 -7.79 43.97 -3.96
N PRO A 229 -8.50 44.17 -5.08
CA PRO A 229 -9.72 44.99 -5.04
C PRO A 229 -10.67 44.66 -3.90
N ARG A 230 -10.84 43.37 -3.60
CA ARG A 230 -11.78 42.95 -2.57
C ARG A 230 -11.43 43.50 -1.19
N PHE A 231 -10.20 43.99 -0.99
CA PHE A 231 -9.80 44.61 0.28
C PHE A 231 -9.92 46.14 0.25
N GLY A 232 -10.71 46.70 -0.67
CA GLY A 232 -10.80 48.14 -0.76
C GLY A 232 -11.57 48.76 0.41
N VAL A 233 -11.22 50.01 0.73
CA VAL A 233 -11.95 50.76 1.75
C VAL A 233 -13.24 51.28 1.14
N LEU A 234 -14.36 51.07 1.83
CA LEU A 234 -15.67 51.48 1.36
C LEU A 234 -16.13 52.76 2.06
N THR A 235 -16.93 53.54 1.34
CA THR A 235 -17.61 54.67 1.94
C THR A 235 -18.84 54.22 2.72
N GLU A 236 -19.23 55.02 3.71
CA GLU A 236 -20.42 54.70 4.50
C GLU A 236 -21.65 54.53 3.61
N GLU A 237 -21.74 55.32 2.55
CA GLU A 237 -22.78 55.10 1.54
C GLU A 237 -22.75 53.67 1.03
N ARG A 238 -21.59 53.20 0.56
CA ARG A 238 -21.53 51.86 -0.04
C ARG A 238 -21.68 50.78 1.02
N ILE A 239 -21.18 51.03 2.25
CA ILE A 239 -21.36 50.07 3.34
C ILE A 239 -22.83 49.86 3.62
N ASN A 240 -23.60 50.95 3.67
CA ASN A 240 -25.01 50.87 4.04
C ASN A 240 -25.82 50.21 2.95
N GLU A 241 -25.50 50.47 1.68
CA GLU A 241 -26.15 49.75 0.59
C GLU A 241 -26.02 48.24 0.78
N ARG A 242 -24.80 47.76 1.05
CA ARG A 242 -24.56 46.33 1.06
C ARG A 242 -25.18 45.66 2.29
N ILE A 243 -25.14 46.33 3.45
CA ILE A 243 -25.69 45.70 4.66
C ILE A 243 -27.20 45.83 4.76
N ALA A 244 -27.82 46.68 3.93
CA ALA A 244 -29.24 46.99 4.11
C ALA A 244 -30.13 45.76 3.99
N GLY A 245 -29.70 44.76 3.23
CA GLY A 245 -30.52 43.59 3.03
C GLY A 245 -30.11 42.41 3.89
N LEU A 246 -29.35 42.65 4.97
CA LEU A 246 -28.86 41.57 5.80
C LEU A 246 -29.71 41.32 7.06
N GLY A 247 -30.70 42.15 7.34
CA GLY A 247 -31.54 41.92 8.49
C GLY A 247 -31.00 42.46 9.80
N LEU A 248 -30.30 43.59 9.75
CA LEU A 248 -29.63 44.08 10.95
C LEU A 248 -30.56 45.01 11.71
N PRO A 249 -30.68 44.84 13.03
CA PRO A 249 -31.59 45.70 13.82
C PRO A 249 -31.25 47.17 13.62
N ALA A 250 -32.24 48.01 13.89
CA ALA A 250 -32.04 49.45 13.75
C ALA A 250 -30.94 49.94 14.67
N GLU A 251 -30.88 49.42 15.89
CA GLU A 251 -29.85 49.78 16.85
C GLU A 251 -29.14 48.53 17.36
N GLY A 252 -27.95 48.76 17.91
CA GLY A 252 -27.12 47.69 18.40
C GLY A 252 -25.70 47.87 17.90
N GLU A 253 -24.75 47.30 18.64
CA GLU A 253 -23.35 47.26 18.24
C GLU A 253 -23.00 45.86 17.80
N PHE A 254 -22.46 45.72 16.61
CA PHE A 254 -22.23 44.42 16.01
C PHE A 254 -20.89 43.85 16.45
N VAL A 255 -20.88 42.56 16.78
CA VAL A 255 -19.66 41.77 16.89
C VAL A 255 -19.77 40.66 15.85
N VAL A 256 -18.93 40.75 14.80
CA VAL A 256 -19.04 39.92 13.60
C VAL A 256 -18.17 38.67 13.72
N MET A 257 -18.71 37.56 13.23
CA MET A 257 -18.03 36.28 13.24
C MET A 257 -18.39 35.56 11.94
N TRP A 258 -17.38 34.96 11.29
CA TRP A 258 -17.67 34.26 10.04
C TRP A 258 -16.63 33.17 9.82
N GLY A 259 -17.02 32.19 9.01
CA GLY A 259 -16.20 31.02 8.74
C GLY A 259 -17.06 29.82 8.42
N ARG A 260 -16.45 28.64 8.46
CA ARG A 260 -17.19 27.40 8.31
C ARG A 260 -18.03 27.15 9.56
N ASN A 261 -19.03 26.29 9.43
CA ASN A 261 -19.82 25.89 10.58
C ASN A 261 -18.97 25.09 11.55
N SER A 262 -19.17 25.33 12.84
CA SER A 262 -18.47 24.54 13.85
C SER A 262 -18.97 23.09 13.78
N ALA A 263 -18.03 22.16 13.64
CA ALA A 263 -18.33 20.75 13.50
C ALA A 263 -17.44 19.95 14.44
N PRO A 264 -17.69 18.65 14.58
CA PRO A 264 -16.71 17.79 15.26
C PRO A 264 -15.32 18.00 14.66
N GLY A 265 -14.31 18.03 15.54
CA GLY A 265 -12.95 18.28 15.10
C GLY A 265 -12.63 19.75 14.86
N LEU A 266 -13.63 20.55 14.49
CA LEU A 266 -13.47 21.97 14.22
C LEU A 266 -14.50 22.77 15.03
N ASP A 267 -14.06 23.27 16.18
CA ASP A 267 -14.88 24.15 17.01
C ASP A 267 -14.46 25.58 16.76
N LYS A 268 -15.28 26.33 16.02
CA LYS A 268 -14.96 27.71 15.68
C LYS A 268 -15.44 28.73 16.72
N GLY A 269 -16.19 28.30 17.73
CA GLY A 269 -16.46 29.13 18.88
C GLY A 269 -17.60 30.13 18.76
N TYR A 270 -18.48 29.97 17.77
CA TYR A 270 -19.65 30.86 17.67
C TYR A 270 -20.52 30.77 18.91
N HIS A 271 -20.55 29.62 19.57
CA HIS A 271 -21.39 29.48 20.76
C HIS A 271 -20.85 30.30 21.93
N LEU A 272 -19.55 30.59 21.93
CA LEU A 272 -18.98 31.42 23.00
C LEU A 272 -19.49 32.87 22.89
N LEU A 273 -19.68 33.37 21.67
CA LEU A 273 -20.14 34.74 21.50
C LEU A 273 -21.62 34.88 21.85
N LEU A 274 -22.40 33.79 21.68
CA LEU A 274 -23.82 33.84 21.99
C LEU A 274 -24.07 33.65 23.48
N GLU A 275 -23.35 32.73 24.12
CA GLU A 275 -23.32 32.67 25.58
C GLU A 275 -22.93 34.02 26.18
N ALA A 276 -21.80 34.56 25.73
CA ALA A 276 -21.27 35.79 26.32
C ALA A 276 -22.20 36.97 26.09
N ALA A 277 -22.98 36.94 25.02
CA ALA A 277 -23.87 38.04 24.71
C ALA A 277 -24.99 38.19 25.73
N ARG A 278 -25.34 37.11 26.43
CA ARG A 278 -26.40 37.17 27.42
C ARG A 278 -26.13 38.26 28.46
N ASP A 279 -24.88 38.69 28.60
CA ASP A 279 -24.51 39.66 29.62
C ASP A 279 -23.72 40.80 28.99
N LEU A 280 -24.10 41.18 27.77
CA LEU A 280 -23.52 42.30 27.04
C LEU A 280 -24.66 43.12 26.43
N PRO A 281 -25.33 43.95 27.23
CA PRO A 281 -26.49 44.67 26.71
C PRO A 281 -26.09 45.66 25.63
N GLY A 282 -26.85 45.68 24.53
CA GLY A 282 -26.54 46.56 23.42
C GLY A 282 -25.68 45.95 22.31
N VAL A 283 -25.12 44.75 22.52
CA VAL A 283 -24.31 44.06 21.52
C VAL A 283 -25.20 43.07 20.79
N VAL A 284 -25.11 43.05 19.46
CA VAL A 284 -25.83 42.03 18.73
C VAL A 284 -24.82 41.21 17.91
N PRO A 285 -24.66 39.94 18.24
CA PRO A 285 -23.82 39.07 17.41
C PRO A 285 -24.30 39.06 15.97
N VAL A 286 -23.34 39.11 15.05
CA VAL A 286 -23.61 38.87 13.64
C VAL A 286 -22.68 37.74 13.23
N ILE A 287 -23.28 36.63 12.80
CA ILE A 287 -22.56 35.40 12.52
C ILE A 287 -22.93 34.94 11.12
N ALA A 288 -21.94 34.87 10.24
CA ALA A 288 -22.10 34.39 8.87
C ALA A 288 -21.30 33.10 8.74
N THR A 289 -21.99 31.97 8.78
CA THR A 289 -21.34 30.70 8.54
C THR A 289 -21.49 30.32 7.07
N ARG A 290 -20.94 29.16 6.70
CA ARG A 290 -21.00 28.69 5.31
C ARG A 290 -22.39 28.15 4.99
N ARG A 291 -22.88 27.22 5.79
CA ARG A 291 -24.22 26.66 5.68
C ARG A 291 -25.08 27.18 6.84
N PRO A 292 -26.40 27.18 6.69
CA PRO A 292 -27.25 27.70 7.78
C PRO A 292 -27.21 26.81 9.01
N ASP A 293 -27.31 27.43 10.18
CA ASP A 293 -27.13 26.71 11.45
C ASP A 293 -28.43 26.67 12.24
N PRO A 294 -29.06 25.49 12.36
CA PRO A 294 -30.20 25.38 13.29
C PRO A 294 -29.74 25.44 14.74
N GLY A 295 -28.65 24.77 15.08
CA GLY A 295 -28.18 24.75 16.45
C GLY A 295 -27.82 26.12 16.99
N LEU A 296 -27.30 27.00 16.12
CA LEU A 296 -26.92 28.34 16.57
C LEU A 296 -28.14 29.23 16.79
N ARG A 297 -29.12 29.17 15.89
CA ARG A 297 -30.38 29.89 16.10
C ARG A 297 -31.19 29.29 17.24
N ARG A 298 -31.11 27.97 17.43
CA ARG A 298 -31.71 27.34 18.60
C ARG A 298 -31.00 27.79 19.88
N LEU A 299 -29.66 27.78 19.87
CA LEU A 299 -28.90 28.24 21.02
C LEU A 299 -29.11 29.73 21.27
N ALA A 300 -29.19 30.52 20.19
CA ALA A 300 -29.46 31.94 20.35
C ALA A 300 -30.79 32.17 21.06
N ASP A 301 -31.81 31.39 20.70
CA ASP A 301 -33.13 31.58 21.31
C ASP A 301 -33.11 31.21 22.79
N ARG A 302 -32.42 30.13 23.15
CA ARG A 302 -32.35 29.74 24.56
C ARG A 302 -31.86 30.90 25.43
N TYR A 303 -30.77 31.55 25.00
CA TYR A 303 -30.19 32.66 25.74
C TYR A 303 -30.91 34.00 25.52
N ALA A 304 -31.96 34.02 24.69
CA ALA A 304 -32.72 35.24 24.41
C ALA A 304 -31.84 36.35 23.82
N VAL A 305 -30.79 35.95 23.10
CA VAL A 305 -29.81 36.88 22.55
C VAL A 305 -30.15 37.13 21.08
N PRO A 306 -30.30 38.39 20.65
CA PRO A 306 -30.82 38.72 19.32
C PRO A 306 -29.78 38.66 18.20
N ALA A 307 -29.08 37.54 18.09
CA ALA A 307 -28.03 37.39 17.08
C ALA A 307 -28.60 37.40 15.66
N VAL A 308 -27.98 38.18 14.79
CA VAL A 308 -28.22 38.08 13.35
C VAL A 308 -27.39 36.92 12.81
N LEU A 309 -28.05 35.93 12.23
CA LEU A 309 -27.38 34.77 11.67
C LEU A 309 -27.53 34.82 10.16
N LEU A 310 -26.40 34.75 9.47
CA LEU A 310 -26.39 34.85 8.02
C LEU A 310 -25.90 33.54 7.41
N ASP A 311 -26.27 33.34 6.14
CA ASP A 311 -26.27 32.01 5.56
C ASP A 311 -24.98 31.68 4.82
N ASP A 312 -24.64 32.47 3.79
CA ASP A 312 -23.53 32.11 2.89
C ASP A 312 -23.16 33.38 2.12
N GLN A 313 -22.24 34.15 2.70
CA GLN A 313 -22.14 35.54 2.31
C GLN A 313 -20.95 35.80 1.42
N PRO A 314 -21.09 36.71 0.46
CA PRO A 314 -19.93 37.24 -0.25
C PRO A 314 -19.07 38.11 0.67
N PHE A 315 -17.75 38.06 0.41
CA PHE A 315 -16.82 38.89 1.17
C PHE A 315 -17.05 40.37 0.93
N THR A 316 -17.63 40.74 -0.21
CA THR A 316 -18.05 42.12 -0.43
C THR A 316 -18.93 42.62 0.70
N HIS A 317 -19.75 41.71 1.26
CA HIS A 317 -20.69 42.04 2.33
C HIS A 317 -20.03 41.97 3.70
N LEU A 318 -19.27 40.90 3.96
CA LEU A 318 -18.50 40.84 5.20
C LEU A 318 -17.60 42.07 5.32
N SER A 319 -16.91 42.42 4.23
CA SER A 319 -16.13 43.65 4.20
C SER A 319 -16.97 44.85 4.65
N ALA A 320 -18.18 44.97 4.10
CA ALA A 320 -19.06 46.07 4.48
C ALA A 320 -19.34 46.03 5.97
N LEU A 321 -19.85 44.90 6.47
CA LEU A 321 -20.15 44.74 7.89
C LEU A 321 -18.95 45.11 8.75
N LEU A 322 -17.75 44.64 8.36
CA LEU A 322 -16.57 44.88 9.17
C LEU A 322 -16.16 46.34 9.18
N GLN A 323 -16.42 47.08 8.10
CA GLN A 323 -16.02 48.48 8.05
C GLN A 323 -17.07 49.41 8.64
N SER A 324 -18.27 48.89 8.91
CA SER A 324 -19.37 49.74 9.33
C SER A 324 -19.06 50.39 10.68
N PRO A 325 -19.28 51.70 10.83
CA PRO A 325 -19.13 52.31 12.16
C PRO A 325 -20.05 51.69 13.20
N ARG A 326 -21.06 50.92 12.79
CA ARG A 326 -21.92 50.22 13.73
C ARG A 326 -21.29 48.94 14.28
N THR A 327 -20.19 48.47 13.71
CA THR A 327 -19.59 47.21 14.13
C THR A 327 -18.53 47.46 15.22
N LEU A 328 -18.69 46.77 16.34
CA LEU A 328 -17.79 46.96 17.47
C LEU A 328 -16.54 46.13 17.33
N ALA A 329 -16.68 44.87 16.93
CA ALA A 329 -15.55 43.96 16.91
C ALA A 329 -15.83 42.81 15.96
N ALA A 330 -14.76 42.19 15.48
CA ALA A 330 -14.83 40.91 14.78
C ALA A 330 -14.08 39.89 15.63
N ALA A 331 -14.75 38.82 15.98
CA ALA A 331 -14.21 37.86 16.94
C ALA A 331 -13.71 36.61 16.22
N PHE A 332 -12.59 36.06 16.69
CA PHE A 332 -12.02 34.84 16.15
C PHE A 332 -11.70 33.93 17.33
N LEU A 333 -12.58 32.96 17.57
CA LEU A 333 -12.60 32.18 18.79
C LEU A 333 -12.50 30.68 18.50
N GLY A 334 -11.72 30.30 17.45
CA GLY A 334 -11.52 28.90 17.14
C GLY A 334 -10.55 28.19 18.09
N GLU A 335 -10.57 26.85 18.03
CA GLU A 335 -9.86 26.06 19.02
C GLU A 335 -8.36 26.06 18.79
N ALA A 336 -7.91 25.94 17.53
CA ALA A 336 -6.49 26.08 17.23
C ALA A 336 -6.27 26.15 15.72
N GLU A 337 -6.51 27.31 15.14
CA GLU A 337 -6.20 27.53 13.74
C GLU A 337 -4.69 27.66 13.58
N PRO A 338 -4.05 26.83 12.75
CA PRO A 338 -2.59 26.98 12.57
C PRO A 338 -2.24 28.22 11.78
N GLY A 339 -3.12 28.69 10.91
CA GLY A 339 -2.81 29.80 10.03
C GLY A 339 -4.04 30.48 9.46
N ALA A 340 -4.99 30.83 10.31
CA ALA A 340 -6.15 31.59 9.86
C ALA A 340 -5.73 32.93 9.27
N VAL A 341 -6.27 33.27 8.10
CA VAL A 341 -6.09 34.60 7.53
C VAL A 341 -7.30 35.52 7.73
N SER A 342 -8.45 34.96 8.09
CA SER A 342 -9.62 35.80 8.42
C SER A 342 -9.33 36.96 9.36
N PRO A 343 -8.61 36.78 10.49
CA PRO A 343 -8.27 37.96 11.31
C PRO A 343 -7.43 39.00 10.57
N MET A 344 -6.46 38.54 9.77
CA MET A 344 -5.72 39.44 8.91
C MET A 344 -6.63 40.25 8.01
N GLU A 345 -7.65 39.58 7.44
CA GLU A 345 -8.58 40.24 6.54
C GLU A 345 -9.40 41.31 7.27
N ALA A 346 -9.86 41.00 8.49
CA ALA A 346 -10.61 41.98 9.28
C ALA A 346 -9.74 43.18 9.63
N MET A 347 -8.53 42.93 10.14
CA MET A 347 -7.62 44.03 10.49
C MET A 347 -7.30 44.89 9.28
N TRP A 348 -7.39 44.33 8.08
CA TRP A 348 -6.97 45.10 6.92
C TRP A 348 -8.13 45.89 6.31
N VAL A 349 -9.34 45.33 6.29
CA VAL A 349 -10.44 46.06 5.69
C VAL A 349 -10.94 47.14 6.65
N ALA A 350 -10.77 46.95 7.95
CA ALA A 350 -11.18 47.94 8.94
C ALA A 350 -10.09 48.96 9.18
N ARG A 351 -9.16 49.13 8.23
CA ARG A 351 -8.02 50.00 8.46
C ARG A 351 -8.43 51.46 8.60
N GLU A 352 -9.59 51.85 8.09
CA GLU A 352 -10.08 53.21 8.31
C GLU A 352 -11.31 53.28 9.21
N SER A 353 -12.16 52.26 9.22
CA SER A 353 -13.32 52.30 10.10
C SER A 353 -13.79 50.88 10.42
N GLY A 354 -14.56 50.78 11.51
CA GLY A 354 -15.25 49.54 11.85
C GLY A 354 -14.64 48.74 12.98
N ALA A 355 -14.48 47.44 12.73
CA ALA A 355 -14.16 46.51 13.79
C ALA A 355 -12.72 46.65 14.28
N LEU A 356 -12.54 46.34 15.54
CA LEU A 356 -11.28 45.84 16.09
C LEU A 356 -11.42 44.34 16.28
N VAL A 357 -10.29 43.64 16.34
CA VAL A 357 -10.31 42.18 16.33
C VAL A 357 -10.23 41.65 17.76
N ILE A 358 -11.09 40.69 18.07
CA ILE A 358 -11.01 39.89 19.29
C ILE A 358 -10.52 38.51 18.89
N ALA A 359 -9.42 38.07 19.50
CA ALA A 359 -8.75 36.85 19.08
C ALA A 359 -8.61 35.90 20.26
N ALA A 360 -9.06 34.66 20.10
CA ALA A 360 -8.77 33.63 21.08
C ALA A 360 -7.27 33.37 21.15
N ASP A 361 -6.79 32.98 22.34
CA ASP A 361 -5.34 32.83 22.60
C ASP A 361 -4.77 31.51 22.10
N THR A 362 -5.29 31.00 20.99
CA THR A 362 -4.97 29.68 20.50
C THR A 362 -4.57 29.74 19.03
N GLY A 363 -3.64 28.86 18.65
CA GLY A 363 -3.21 28.81 17.26
C GLY A 363 -2.39 30.04 16.91
N ASN A 364 -2.58 30.54 15.71
CA ASN A 364 -1.82 31.71 15.28
C ASN A 364 -2.50 33.03 15.65
N LEU A 365 -3.62 33.01 16.38
CA LEU A 365 -4.36 34.25 16.58
C LEU A 365 -3.58 35.25 17.43
N PRO A 366 -2.97 34.87 18.57
CA PRO A 366 -2.13 35.85 19.30
C PRO A 366 -1.13 36.59 18.43
N GLU A 367 -0.38 35.87 17.56
CA GLU A 367 0.58 36.54 16.69
C GLU A 367 -0.11 37.57 15.81
N VAL A 368 -1.28 37.22 15.27
CA VAL A 368 -1.99 38.13 14.36
C VAL A 368 -2.28 39.46 15.05
N VAL A 369 -2.74 39.40 16.30
CA VAL A 369 -3.10 40.62 17.02
C VAL A 369 -1.95 41.06 17.94
N ASP A 370 -0.73 40.61 17.62
CA ASP A 370 0.49 41.03 18.33
C ASP A 370 0.31 40.96 19.84
N ASP A 371 -0.33 39.89 20.32
CA ASP A 371 -0.44 39.58 21.74
C ASP A 371 -1.09 40.69 22.57
N GLY A 372 -1.89 41.56 21.94
CA GLY A 372 -2.71 42.53 22.63
C GLY A 372 -2.61 43.94 22.07
N ALA A 373 -1.55 44.20 21.33
CA ALA A 373 -1.27 45.53 20.81
C ALA A 373 -2.03 45.85 19.54
N ALA A 374 -2.37 44.85 18.73
CA ALA A 374 -3.08 45.08 17.49
C ALA A 374 -4.51 44.55 17.55
N GLY A 375 -4.99 44.23 18.74
CA GLY A 375 -6.25 43.53 18.89
C GLY A 375 -6.33 42.97 20.30
N ILE A 376 -7.47 42.37 20.59
CA ILE A 376 -7.79 41.91 21.94
C ILE A 376 -7.69 40.39 22.00
N VAL A 377 -6.91 39.89 22.96
CA VAL A 377 -6.71 38.46 23.19
C VAL A 377 -7.63 38.00 24.31
N THR A 378 -8.27 36.84 24.12
CA THR A 378 -9.15 36.32 25.14
C THR A 378 -8.99 34.82 25.30
N ARG A 379 -9.14 34.36 26.53
CA ARG A 379 -9.31 32.94 26.77
C ARG A 379 -10.66 32.51 26.22
N ARG A 380 -10.81 31.20 26.06
CA ARG A 380 -11.95 30.64 25.35
C ARG A 380 -13.07 30.21 26.30
N THR A 381 -13.50 31.14 27.15
CA THR A 381 -14.69 30.93 27.96
C THR A 381 -15.71 32.01 27.64
N ALA A 382 -16.97 31.70 27.91
CA ALA A 382 -18.03 32.69 27.69
C ALA A 382 -17.78 33.94 28.52
N ALA A 383 -17.41 33.76 29.80
CA ALA A 383 -17.13 34.91 30.66
C ALA A 383 -15.99 35.74 30.10
N ASP A 384 -14.92 35.08 29.66
CA ASP A 384 -13.75 35.80 29.15
C ASP A 384 -14.05 36.53 27.84
N VAL A 385 -14.77 35.87 26.93
CA VAL A 385 -15.23 36.54 25.73
C VAL A 385 -16.06 37.77 26.08
N ALA A 386 -16.94 37.63 27.07
CA ALA A 386 -17.71 38.80 27.51
C ALA A 386 -16.79 39.91 28.00
N ASP A 387 -15.76 39.54 28.76
CA ASP A 387 -14.84 40.55 29.27
C ASP A 387 -14.05 41.22 28.14
N ALA A 388 -13.78 40.48 27.05
CA ALA A 388 -13.05 41.07 25.94
C ALA A 388 -13.91 42.03 25.13
N VAL A 389 -15.21 41.76 25.04
CA VAL A 389 -16.12 42.71 24.39
C VAL A 389 -16.23 43.98 25.23
N ARG A 390 -16.40 43.83 26.54
CA ARG A 390 -16.37 45.00 27.42
C ARG A 390 -15.08 45.80 27.25
N ARG A 391 -13.93 45.12 27.16
CA ARG A 391 -12.67 45.85 27.05
C ARG A 391 -12.58 46.63 25.75
N VAL A 392 -13.20 46.15 24.67
CA VAL A 392 -13.24 46.91 23.43
C VAL A 392 -14.18 48.10 23.56
N ARG A 393 -15.29 47.94 24.28
CA ARG A 393 -16.21 49.07 24.47
C ARG A 393 -15.56 50.16 25.31
N LYS A 394 -14.83 49.78 26.34
CA LYS A 394 -14.21 50.77 27.20
C LYS A 394 -13.11 51.57 26.49
N LEU A 395 -12.65 51.11 25.34
CA LEU A 395 -11.61 51.86 24.63
C LEU A 395 -12.15 53.20 24.14
N THR A 396 -11.42 54.27 24.47
CA THR A 396 -11.70 55.60 23.92
C THR A 396 -11.47 55.62 22.41
N ALA A 397 -12.09 56.61 21.76
CA ALA A 397 -11.92 56.77 20.32
C ALA A 397 -10.45 56.87 19.94
N ASP A 398 -9.61 57.35 20.85
CA ASP A 398 -8.18 57.43 20.57
C ASP A 398 -7.49 56.08 20.74
N GLU A 399 -7.71 55.39 21.87
CA GLU A 399 -7.23 54.02 21.99
C GLU A 399 -7.79 53.14 20.87
N ARG A 400 -9.04 53.40 20.48
CA ARG A 400 -9.65 52.67 19.38
C ARG A 400 -8.95 52.98 18.07
N ARG A 401 -8.57 54.25 17.86
CA ARG A 401 -7.91 54.64 16.61
C ARG A 401 -6.48 54.13 16.56
N ARG A 402 -5.80 54.08 17.72
CA ARG A 402 -4.42 53.65 17.73
C ARG A 402 -4.32 52.16 17.53
N MET A 403 -5.24 51.39 18.14
CA MET A 403 -5.32 49.96 17.86
C MET A 403 -5.55 49.71 16.39
N ARG A 404 -6.49 50.45 15.79
CA ARG A 404 -6.81 50.26 14.38
C ARG A 404 -5.60 50.56 13.52
N ALA A 405 -4.85 51.61 13.86
CA ALA A 405 -3.64 51.92 13.11
C ALA A 405 -2.61 50.81 13.23
N ALA A 406 -2.40 50.30 14.45
CA ALA A 406 -1.44 49.22 14.68
C ALA A 406 -1.82 47.97 13.90
N ALA A 407 -3.11 47.62 13.89
CA ALA A 407 -3.56 46.41 13.23
C ALA A 407 -3.32 46.49 11.73
N ALA A 408 -3.72 47.60 11.10
CA ALA A 408 -3.46 47.80 9.69
C ALA A 408 -1.97 47.79 9.40
N ALA A 409 -1.18 48.49 10.23
CA ALA A 409 0.27 48.50 10.03
C ALA A 409 0.84 47.10 10.15
N ARG A 410 0.30 46.29 11.07
CA ARG A 410 0.82 44.94 11.26
C ARG A 410 0.58 44.07 10.03
N VAL A 411 -0.56 44.25 9.36
CA VAL A 411 -0.81 43.50 8.14
C VAL A 411 0.18 43.91 7.05
N ARG A 412 0.48 45.21 6.98
CA ARG A 412 1.42 45.71 5.99
C ARG A 412 2.80 45.10 6.19
N ALA A 413 3.19 44.88 7.44
CA ALA A 413 4.56 44.52 7.79
C ALA A 413 4.76 43.03 8.04
N ARG A 414 3.71 42.28 8.38
CA ARG A 414 3.88 40.87 8.72
C ARG A 414 3.08 39.92 7.84
N PHE A 415 1.97 40.36 7.23
CA PHE A 415 1.07 39.45 6.51
C PHE A 415 0.75 39.96 5.11
N ASP A 416 1.68 40.69 4.49
CA ASP A 416 1.59 41.01 3.08
C ASP A 416 2.03 39.80 2.26
N PHE A 417 1.19 39.35 1.33
CA PHE A 417 1.51 38.13 0.59
C PHE A 417 2.75 38.34 -0.28
N ALA A 418 2.79 39.45 -1.04
CA ALA A 418 3.93 39.74 -1.89
C ALA A 418 5.25 39.58 -1.14
N ALA A 419 5.35 40.17 0.07
CA ALA A 419 6.61 40.12 0.80
C ALA A 419 6.83 38.79 1.53
N ASN A 420 5.76 38.08 1.93
CA ASN A 420 5.99 36.79 2.58
C ASN A 420 6.42 35.73 1.58
N VAL A 421 5.94 35.81 0.33
CA VAL A 421 6.42 34.84 -0.65
C VAL A 421 7.83 35.19 -1.08
N ARG A 422 8.17 36.49 -1.16
CA ARG A 422 9.55 36.86 -1.39
C ARG A 422 10.40 36.49 -0.18
N GLU A 423 9.83 36.54 1.02
CA GLU A 423 10.54 35.98 2.17
C GLU A 423 10.86 34.50 1.95
N LEU A 424 9.87 33.74 1.46
CA LEU A 424 10.06 32.31 1.22
C LEU A 424 11.16 32.07 0.18
N ALA A 425 11.12 32.78 -0.94
CA ALA A 425 12.15 32.63 -1.97
C ALA A 425 13.55 32.95 -1.43
N ASP A 426 13.73 34.13 -0.83
CA ASP A 426 15.05 34.53 -0.32
C ASP A 426 15.59 33.52 0.69
N ALA A 427 14.75 33.09 1.63
CA ALA A 427 15.22 32.09 2.58
C ALA A 427 15.58 30.79 1.86
N ALA A 428 14.76 30.37 0.88
CA ALA A 428 15.05 29.15 0.15
C ALA A 428 16.38 29.25 -0.60
N VAL A 429 16.63 30.39 -1.26
CA VAL A 429 17.89 30.58 -2.00
C VAL A 429 19.08 30.68 -1.04
N ASP A 430 18.95 31.50 0.02
CA ASP A 430 20.00 31.58 1.05
C ASP A 430 20.30 30.21 1.60
N ARG A 431 19.27 29.38 1.75
CA ARG A 431 19.49 28.05 2.32
C ARG A 431 20.15 27.12 1.30
N LEU A 432 19.82 27.29 0.03
CA LEU A 432 20.48 26.53 -1.02
C LEU A 432 21.97 26.87 -1.06
N ALA A 433 22.30 28.15 -0.99
CA ALA A 433 23.70 28.55 -1.01
C ALA A 433 24.43 28.02 0.21
N GLU A 434 23.70 27.84 1.31
CA GLU A 434 24.35 27.42 2.56
C GLU A 434 24.69 25.93 2.55
N VAL A 435 23.87 25.09 1.91
CA VAL A 435 24.21 23.67 1.80
C VAL A 435 25.25 23.39 0.74
N SER A 436 25.66 24.38 -0.03
CA SER A 436 26.67 24.18 -1.05
C SER A 436 28.06 24.69 -0.63
N GLY B 8 -13.07 -37.40 13.79
CA GLY B 8 -12.59 -36.26 13.01
C GLY B 8 -13.70 -35.58 12.23
N ARG B 9 -14.75 -35.19 12.96
CA ARG B 9 -16.03 -34.82 12.38
C ARG B 9 -16.39 -33.36 12.58
N ALA B 10 -15.52 -32.56 13.19
CA ALA B 10 -15.84 -31.18 13.53
C ALA B 10 -15.63 -30.31 12.30
N LEU B 11 -16.72 -29.75 11.78
CA LEU B 11 -16.71 -28.94 10.56
C LEU B 11 -17.12 -27.51 10.88
N ALA B 12 -16.37 -26.54 10.37
CA ALA B 12 -16.72 -25.14 10.55
C ALA B 12 -17.01 -24.48 9.22
N PHE B 13 -18.08 -23.68 9.21
CA PHE B 13 -18.30 -22.68 8.17
C PHE B 13 -17.88 -21.34 8.76
N VAL B 14 -16.92 -20.68 8.12
CA VAL B 14 -16.43 -19.37 8.54
C VAL B 14 -16.94 -18.39 7.51
N TRP B 15 -17.86 -17.51 7.92
CA TRP B 15 -18.53 -16.58 7.02
C TRP B 15 -17.88 -15.22 7.21
N LEU B 16 -17.18 -14.74 6.17
CA LEU B 16 -16.54 -13.43 6.19
C LEU B 16 -17.44 -12.44 5.45
N MET B 17 -18.13 -11.59 6.20
CA MET B 17 -19.20 -10.76 5.66
C MET B 17 -18.97 -9.31 6.06
N VAL B 18 -19.10 -8.38 5.10
CA VAL B 18 -18.77 -6.98 5.37
C VAL B 18 -19.82 -6.33 6.24
N GLU B 19 -20.98 -6.96 6.39
CA GLU B 19 -22.05 -6.44 7.23
C GLU B 19 -22.96 -7.59 7.59
N GLY B 20 -23.97 -7.29 8.41
CA GLY B 20 -25.01 -8.28 8.67
C GLY B 20 -25.10 -8.68 10.12
N ALA B 21 -24.44 -7.94 11.01
CA ALA B 21 -24.59 -8.18 12.44
C ALA B 21 -24.54 -6.85 13.20
N GLN B 22 -23.37 -6.20 13.28
CA GLN B 22 -23.33 -4.86 13.85
C GLN B 22 -24.11 -3.89 12.96
N VAL B 23 -23.89 -3.98 11.65
CA VAL B 23 -24.56 -3.12 10.67
C VAL B 23 -25.35 -4.00 9.71
N ALA B 24 -26.56 -3.57 9.36
CA ALA B 24 -27.33 -4.16 8.27
C ALA B 24 -27.77 -3.05 7.35
N ALA B 25 -27.46 -3.18 6.05
CA ALA B 25 -27.84 -2.12 5.12
C ALA B 25 -28.15 -2.62 3.71
N GLY B 26 -27.52 -3.71 3.27
CA GLY B 26 -27.70 -4.14 1.89
C GLY B 26 -27.87 -5.63 1.64
N GLY B 27 -27.55 -6.07 0.41
CA GLY B 27 -27.68 -7.47 0.09
C GLY B 27 -26.93 -8.38 1.04
N VAL B 28 -25.65 -8.06 1.32
CA VAL B 28 -24.85 -8.94 2.15
C VAL B 28 -25.50 -9.15 3.52
N ALA B 29 -26.01 -8.07 4.12
CA ALA B 29 -26.72 -8.21 5.39
C ALA B 29 -27.92 -9.13 5.27
N GLY B 30 -28.72 -8.95 4.22
CA GLY B 30 -29.85 -9.84 4.03
C GLY B 30 -29.43 -11.30 3.93
N TYR B 31 -28.28 -11.54 3.29
CA TYR B 31 -27.79 -12.90 3.16
C TYR B 31 -27.50 -13.51 4.53
N VAL B 32 -26.85 -12.74 5.41
CA VAL B 32 -26.51 -13.23 6.75
C VAL B 32 -27.77 -13.52 7.54
N ARG B 33 -28.78 -12.64 7.45
CA ARG B 33 -30.04 -12.89 8.15
C ARG B 33 -30.67 -14.19 7.69
N ASN B 34 -30.82 -14.36 6.38
CA ASN B 34 -31.38 -15.60 5.86
C ASN B 34 -30.50 -16.80 6.20
N LEU B 35 -29.19 -16.61 6.23
CA LEU B 35 -28.30 -17.73 6.50
C LEU B 35 -28.45 -18.22 7.94
N LEU B 36 -28.65 -17.31 8.89
CA LEU B 36 -28.68 -17.73 10.27
C LEU B 36 -30.00 -18.42 10.60
N ASP B 37 -31.11 -17.97 9.99
CA ASP B 37 -32.37 -18.67 10.21
C ASP B 37 -32.32 -20.10 9.68
N GLU B 38 -31.48 -20.35 8.66
CA GLU B 38 -31.30 -21.68 8.08
C GLU B 38 -30.29 -22.55 8.83
N GLN B 39 -29.61 -22.00 9.84
CA GLN B 39 -28.46 -22.69 10.44
C GLN B 39 -28.87 -24.04 11.01
N ASP B 40 -29.95 -24.07 11.79
CA ASP B 40 -30.41 -25.31 12.42
C ASP B 40 -30.73 -26.38 11.37
N ALA B 41 -31.34 -25.98 10.25
CA ALA B 41 -31.66 -26.97 9.22
C ALA B 41 -30.39 -27.47 8.52
N LEU B 42 -29.37 -26.62 8.40
CA LEU B 42 -28.12 -27.03 7.76
C LEU B 42 -27.35 -27.97 8.66
N ARG B 43 -27.31 -27.66 9.96
CA ARG B 43 -26.71 -28.57 10.93
C ARG B 43 -27.34 -29.95 10.83
N ASP B 44 -28.68 -30.01 10.86
CA ASP B 44 -29.37 -31.29 10.72
C ASP B 44 -28.97 -31.97 9.43
N HIS B 45 -29.10 -31.27 8.30
CA HIS B 45 -28.81 -31.89 7.02
C HIS B 45 -27.36 -32.38 6.95
N LEU B 46 -26.43 -31.54 7.40
CA LEU B 46 -25.03 -31.94 7.33
C LEU B 46 -24.70 -33.01 8.36
N ALA B 47 -25.53 -33.18 9.38
CA ALA B 47 -25.33 -34.27 10.33
C ALA B 47 -25.43 -35.61 9.63
N GLU B 48 -26.49 -35.78 8.81
CA GLU B 48 -26.68 -37.01 8.05
C GLU B 48 -25.48 -37.32 7.16
N ARG B 49 -24.82 -36.29 6.62
CA ARG B 49 -23.61 -36.52 5.84
C ARG B 49 -22.37 -36.78 6.69
N GLY B 50 -22.52 -36.83 8.02
CA GLY B 50 -21.39 -37.18 8.87
C GLY B 50 -20.52 -35.99 9.26
N TRP B 51 -21.16 -34.86 9.56
CA TRP B 51 -20.44 -33.65 9.92
C TRP B 51 -21.17 -32.98 11.06
N SER B 52 -20.44 -32.61 12.12
CA SER B 52 -20.96 -31.76 13.18
C SER B 52 -20.56 -30.31 12.85
N VAL B 53 -21.54 -29.45 12.64
CA VAL B 53 -21.32 -28.16 11.97
C VAL B 53 -21.33 -27.02 12.97
N GLU B 54 -20.32 -26.16 12.86
CA GLU B 54 -20.18 -24.94 13.65
C GLU B 54 -20.19 -23.74 12.69
N PHE B 55 -20.89 -22.68 13.06
CA PHE B 55 -20.94 -21.45 12.26
C PHE B 55 -20.12 -20.38 12.95
N VAL B 56 -19.14 -19.85 12.25
CA VAL B 56 -18.34 -18.73 12.72
C VAL B 56 -18.58 -17.57 11.78
N LEU B 57 -18.83 -16.39 12.33
CA LEU B 57 -19.06 -15.19 11.53
C LEU B 57 -18.00 -14.15 11.84
N GLY B 58 -17.30 -13.68 10.81
CA GLY B 58 -16.41 -12.54 10.92
C GLY B 58 -16.97 -11.33 10.16
N GLU B 59 -17.03 -10.19 10.87
CA GLU B 59 -17.53 -8.93 10.33
C GLU B 59 -16.59 -7.82 10.79
N PRO B 60 -16.28 -6.84 9.94
CA PRO B 60 -15.38 -5.77 10.36
C PRO B 60 -15.92 -5.07 11.59
N PHE B 61 -15.00 -4.55 12.41
CA PHE B 61 -15.37 -3.69 13.54
C PHE B 61 -16.13 -2.48 13.02
N TYR B 62 -17.29 -2.21 13.59
CA TYR B 62 -18.04 -1.02 13.25
C TYR B 62 -18.11 -0.09 14.43
N ASP B 63 -17.96 1.19 14.14
CA ASP B 63 -18.18 2.22 15.13
C ASP B 63 -19.67 2.34 15.42
N PRO B 64 -20.06 2.55 16.68
CA PRO B 64 -21.50 2.63 16.98
C PRO B 64 -22.22 3.74 16.23
N GLY B 65 -21.49 4.69 15.66
CA GLY B 65 -22.07 5.73 14.83
C GLY B 65 -22.19 5.41 13.36
N ALA B 66 -21.88 4.19 12.94
CA ALA B 66 -21.96 3.85 11.53
C ALA B 66 -23.42 3.72 11.12
N PRO B 67 -23.74 4.07 9.88
CA PRO B 67 -25.09 3.79 9.37
C PRO B 67 -25.41 2.31 9.49
N GLY B 68 -26.65 2.01 9.85
CA GLY B 68 -27.07 0.64 10.02
C GLY B 68 -26.65 0.01 11.32
N TYR B 69 -25.87 0.71 12.16
CA TYR B 69 -25.43 0.15 13.42
C TYR B 69 -26.60 -0.15 14.35
N ASP B 70 -26.68 -1.39 14.82
CA ASP B 70 -27.69 -1.80 15.79
C ASP B 70 -27.01 -2.66 16.83
N GLU B 71 -26.83 -2.12 18.04
CA GLU B 71 -26.17 -2.87 19.10
C GLU B 71 -26.96 -4.12 19.48
N GLU B 72 -28.29 -4.06 19.35
CA GLU B 72 -29.11 -5.21 19.72
C GLU B 72 -29.03 -6.32 18.69
N ARG B 73 -28.95 -5.98 17.40
CA ARG B 73 -28.76 -7.01 16.40
C ARG B 73 -27.41 -7.70 16.57
N TRP B 74 -26.35 -6.94 16.85
CA TRP B 74 -25.05 -7.56 17.08
C TRP B 74 -25.12 -8.52 18.26
N ARG B 75 -25.87 -8.16 19.29
CA ARG B 75 -26.00 -9.04 20.45
C ARG B 75 -26.75 -10.32 20.10
N ARG B 76 -27.86 -10.17 19.38
CA ARG B 76 -28.64 -11.34 18.97
C ARG B 76 -27.79 -12.28 18.13
N VAL B 77 -27.13 -11.74 17.12
CA VAL B 77 -26.24 -12.56 16.30
C VAL B 77 -25.19 -13.23 17.15
N ARG B 78 -24.65 -12.50 18.14
CA ARG B 78 -23.63 -13.08 19.01
C ARG B 78 -24.19 -14.23 19.84
N GLU B 79 -25.42 -14.09 20.35
CA GLU B 79 -25.99 -15.15 21.17
C GLU B 79 -26.54 -16.29 20.32
N HIS B 80 -27.15 -15.97 19.18
CA HIS B 80 -27.62 -17.00 18.26
C HIS B 80 -26.47 -17.93 17.91
N LEU B 81 -25.30 -17.37 17.62
CA LEU B 81 -24.14 -18.20 17.29
C LEU B 81 -23.59 -18.90 18.53
N ALA B 82 -23.46 -18.17 19.65
CA ALA B 82 -22.93 -18.78 20.86
C ALA B 82 -23.78 -19.96 21.31
N ALA B 83 -25.10 -19.82 21.22
CA ALA B 83 -26.02 -20.90 21.58
C ALA B 83 -25.71 -22.20 20.85
N ARG B 84 -25.05 -22.15 19.71
CA ARG B 84 -24.83 -23.33 18.89
C ARG B 84 -23.36 -23.65 18.73
N GLY B 85 -22.56 -23.31 19.74
CA GLY B 85 -21.14 -23.56 19.71
C GLY B 85 -20.35 -22.70 18.75
N GLY B 86 -20.99 -21.73 18.10
CA GLY B 86 -20.30 -20.83 17.21
C GLY B 86 -19.95 -19.54 17.91
N ARG B 87 -19.36 -18.63 17.14
CA ARG B 87 -19.11 -17.30 17.66
C ARG B 87 -19.11 -16.31 16.51
N ALA B 88 -19.50 -15.09 16.83
CA ALA B 88 -19.27 -13.96 15.95
C ALA B 88 -17.99 -13.28 16.39
N VAL B 89 -17.28 -12.69 15.43
CA VAL B 89 -15.96 -12.11 15.67
C VAL B 89 -15.88 -10.79 14.92
N ARG B 90 -15.60 -9.70 15.63
CA ARG B 90 -15.35 -8.43 14.98
C ARG B 90 -13.88 -8.36 14.59
N LEU B 91 -13.63 -7.96 13.34
CA LEU B 91 -12.32 -8.04 12.75
C LEU B 91 -11.74 -6.64 12.56
N VAL B 92 -10.46 -6.48 12.93
CA VAL B 92 -9.76 -5.23 12.69
C VAL B 92 -9.66 -4.98 11.20
N SER B 93 -9.83 -3.73 10.81
CA SER B 93 -9.85 -3.38 9.40
C SER B 93 -9.02 -2.16 9.10
N ASP B 94 -8.36 -1.59 10.11
CA ASP B 94 -7.49 -0.43 9.94
C ASP B 94 -8.25 0.75 9.36
N SER B 95 -9.41 1.03 9.95
CA SER B 95 -10.28 2.09 9.43
C SER B 95 -11.03 2.73 10.61
N ASP B 96 -11.87 3.71 10.29
CA ASP B 96 -12.64 4.39 11.33
C ASP B 96 -13.84 3.60 11.78
N GLY B 97 -14.22 2.55 11.07
CA GLY B 97 -15.37 1.75 11.44
C GLY B 97 -16.69 2.32 11.03
N LEU B 98 -16.75 3.01 9.89
CA LEU B 98 -17.91 3.82 9.52
C LEU B 98 -18.42 3.60 8.11
N ASP B 99 -17.59 3.10 7.19
CA ASP B 99 -18.02 2.96 5.80
C ASP B 99 -18.54 1.57 5.46
N GLY B 100 -17.96 0.54 6.09
CA GLY B 100 -18.13 -0.82 5.63
C GLY B 100 -17.42 -1.10 4.32
N TRP B 101 -16.68 -0.13 3.79
CA TRP B 101 -15.95 -0.28 2.54
C TRP B 101 -14.78 0.70 2.55
N GLY B 102 -13.89 0.55 1.56
CA GLY B 102 -12.76 1.44 1.45
C GLY B 102 -11.86 1.12 0.28
N GLU B 103 -10.56 1.37 0.46
CA GLU B 103 -9.56 1.15 -0.56
C GLU B 103 -8.53 0.15 -0.08
N GLU B 104 -7.28 0.28 -0.55
CA GLU B 104 -6.28 -0.78 -0.35
C GLU B 104 -6.13 -1.14 1.12
N ARG B 105 -6.10 -0.14 1.99
CA ARG B 105 -5.78 -0.39 3.38
C ARG B 105 -6.89 -1.14 4.09
N PHE B 106 -8.15 -0.73 3.85
CA PHE B 106 -9.28 -1.44 4.44
C PHE B 106 -9.33 -2.88 3.95
N PHE B 107 -9.20 -3.07 2.63
CA PHE B 107 -9.27 -4.42 2.06
C PHE B 107 -8.15 -5.30 2.61
N HIS B 108 -6.93 -4.76 2.63
CA HIS B 108 -5.78 -5.57 3.02
C HIS B 108 -5.88 -6.00 4.47
N ALA B 109 -6.27 -5.08 5.35
CA ALA B 109 -6.34 -5.38 6.77
C ALA B 109 -7.46 -6.36 7.07
N LEU B 110 -8.68 -6.07 6.57
CA LEU B 110 -9.79 -7.00 6.73
C LEU B 110 -9.45 -8.39 6.20
N SER B 111 -8.85 -8.46 5.01
CA SER B 111 -8.49 -9.79 4.49
C SER B 111 -7.54 -10.49 5.45
N ALA B 112 -6.57 -9.75 6.01
CA ALA B 112 -5.57 -10.41 6.87
C ALA B 112 -6.21 -10.96 8.12
N THR B 113 -7.09 -10.18 8.77
CA THR B 113 -7.72 -10.66 9.99
C THR B 113 -8.79 -11.70 9.68
N GLY B 114 -9.53 -11.50 8.58
CA GLY B 114 -10.36 -12.57 8.05
C GLY B 114 -9.56 -13.84 7.83
N ALA B 115 -8.38 -13.71 7.21
CA ALA B 115 -7.53 -14.89 7.04
C ALA B 115 -7.11 -15.46 8.40
N GLN B 116 -6.79 -14.59 9.36
CA GLN B 116 -6.42 -15.05 10.70
C GLN B 116 -7.54 -15.88 11.33
N LEU B 117 -8.77 -15.38 11.27
CA LEU B 117 -9.89 -16.11 11.86
C LEU B 117 -10.11 -17.48 11.20
N VAL B 118 -9.92 -17.57 9.88
CA VAL B 118 -10.02 -18.87 9.21
C VAL B 118 -8.99 -19.85 9.78
N LEU B 119 -7.72 -19.44 9.83
CA LEU B 119 -6.68 -20.35 10.30
C LEU B 119 -6.86 -20.69 11.76
N ASP B 120 -7.21 -19.70 12.59
CA ASP B 120 -7.52 -19.98 13.99
C ASP B 120 -8.65 -21.02 14.08
N THR B 121 -9.72 -20.82 13.31
CA THR B 121 -10.79 -21.81 13.28
C THR B 121 -10.28 -23.16 12.79
N ALA B 122 -9.45 -23.18 11.75
CA ALA B 122 -8.87 -24.44 11.28
C ALA B 122 -8.12 -25.18 12.38
N GLU B 123 -7.51 -24.46 13.33
CA GLU B 123 -6.65 -25.11 14.31
C GLU B 123 -7.42 -25.95 15.30
N ARG B 124 -8.66 -25.57 15.63
CA ARG B 124 -9.44 -26.33 16.59
C ARG B 124 -10.56 -27.16 15.96
N CYS B 125 -10.67 -27.17 14.63
CA CYS B 125 -11.65 -27.98 13.92
C CYS B 125 -10.90 -28.95 13.02
N ASP B 126 -11.65 -29.85 12.37
CA ASP B 126 -11.09 -30.82 11.45
C ASP B 126 -11.18 -30.38 10.00
N ALA B 127 -12.21 -29.62 9.63
CA ALA B 127 -12.31 -29.04 8.29
C ALA B 127 -13.05 -27.71 8.34
N VAL B 128 -12.66 -26.80 7.47
CA VAL B 128 -13.22 -25.46 7.43
C VAL B 128 -13.66 -25.16 6.00
N VAL B 129 -14.89 -24.67 5.86
CA VAL B 129 -15.34 -24.02 4.63
C VAL B 129 -15.35 -22.52 4.91
N ALA B 130 -14.48 -21.78 4.19
CA ALA B 130 -14.33 -20.34 4.38
C ALA B 130 -15.10 -19.62 3.27
N VAL B 131 -16.23 -19.02 3.63
CA VAL B 131 -17.11 -18.38 2.65
C VAL B 131 -16.86 -16.88 2.76
N SER B 132 -16.11 -16.34 1.82
CA SER B 132 -15.74 -14.92 1.87
C SER B 132 -16.50 -14.13 0.81
N GLY B 133 -16.97 -12.95 1.17
CA GLY B 133 -17.78 -12.14 0.27
C GLY B 133 -17.19 -10.79 -0.03
N THR B 134 -17.26 -10.40 -1.30
CA THR B 134 -16.87 -9.08 -1.80
C THR B 134 -15.36 -8.84 -1.79
N SER B 135 -14.94 -7.81 -2.53
CA SER B 135 -13.54 -7.47 -2.66
C SER B 135 -12.84 -7.31 -1.32
N ALA B 136 -13.59 -6.89 -0.29
CA ALA B 136 -12.96 -6.60 0.99
C ALA B 136 -12.31 -7.84 1.59
N PHE B 137 -12.80 -9.03 1.25
CA PHE B 137 -12.23 -10.28 1.72
C PHE B 137 -11.63 -11.13 0.61
N ALA B 138 -11.51 -10.60 -0.61
CA ALA B 138 -11.07 -11.45 -1.71
C ALA B 138 -9.63 -11.95 -1.55
N ARG B 139 -8.81 -11.27 -0.75
CA ARG B 139 -7.43 -11.73 -0.54
C ARG B 139 -7.33 -12.86 0.48
N VAL B 140 -8.38 -13.11 1.26
CA VAL B 140 -8.35 -14.20 2.24
C VAL B 140 -7.88 -15.53 1.64
N PRO B 141 -8.47 -16.06 0.56
CA PRO B 141 -8.03 -17.39 0.09
C PRO B 141 -6.55 -17.48 -0.16
N GLY B 142 -6.00 -16.54 -0.94
CA GLY B 142 -4.57 -16.55 -1.19
C GLY B 142 -3.76 -16.42 0.07
N MET B 143 -4.15 -15.49 0.97
CA MET B 143 -3.42 -15.26 2.21
C MET B 143 -3.35 -16.53 3.04
N VAL B 144 -4.45 -17.27 3.12
CA VAL B 144 -4.47 -18.50 3.90
C VAL B 144 -3.67 -19.58 3.21
N GLN B 145 -3.90 -19.79 1.91
CA GLN B 145 -3.26 -20.91 1.23
C GLN B 145 -1.75 -20.69 1.06
N ARG B 146 -1.29 -19.45 1.00
CA ARG B 146 0.13 -19.24 0.75
C ARG B 146 0.96 -19.47 2.00
N GLN B 147 0.42 -19.11 3.18
CA GLN B 147 1.16 -19.10 4.42
C GLN B 147 0.67 -20.07 5.47
N GLY B 148 -0.55 -20.61 5.36
CA GLY B 148 -1.13 -21.32 6.48
C GLY B 148 -0.55 -22.69 6.75
N GLY B 149 0.41 -23.15 5.96
CA GLY B 149 0.96 -24.49 6.13
C GLY B 149 -0.12 -25.54 6.24
N GLU B 150 0.07 -26.50 7.14
CA GLU B 150 -0.85 -27.63 7.20
C GLU B 150 -2.25 -27.20 7.62
N LEU B 151 -2.38 -26.08 8.34
CA LEU B 151 -3.70 -25.56 8.66
C LEU B 151 -4.46 -25.15 7.40
N ALA B 152 -3.76 -24.55 6.42
CA ALA B 152 -4.38 -24.22 5.13
C ALA B 152 -4.90 -25.46 4.41
N ALA B 153 -4.27 -26.61 4.61
CA ALA B 153 -4.74 -27.85 3.98
C ALA B 153 -6.01 -28.39 4.61
N LYS B 154 -6.61 -27.71 5.57
CA LYS B 154 -7.87 -28.12 6.15
C LYS B 154 -9.02 -27.26 5.66
N VAL B 155 -8.78 -26.40 4.68
CA VAL B 155 -9.70 -25.33 4.32
C VAL B 155 -10.07 -25.45 2.86
N LEU B 156 -11.36 -25.29 2.60
CA LEU B 156 -11.87 -24.99 1.27
C LEU B 156 -12.36 -23.55 1.28
N HIS B 157 -11.94 -22.78 0.30
CA HIS B 157 -12.39 -21.40 0.15
C HIS B 157 -13.50 -21.31 -0.89
N VAL B 158 -14.56 -20.58 -0.54
CA VAL B 158 -15.66 -20.27 -1.46
C VAL B 158 -15.80 -18.75 -1.44
N HIS B 159 -15.19 -18.08 -2.42
CA HIS B 159 -15.29 -16.64 -2.48
C HIS B 159 -16.49 -16.26 -3.35
N THR B 160 -17.35 -15.41 -2.82
CA THR B 160 -18.64 -15.09 -3.41
C THR B 160 -18.84 -13.58 -3.39
N PHE B 161 -19.98 -13.15 -3.96
CA PHE B 161 -20.46 -11.76 -3.87
C PHE B 161 -19.58 -10.77 -4.65
N GLY B 162 -19.09 -11.18 -5.82
CA GLY B 162 -18.56 -10.20 -6.78
C GLY B 162 -17.15 -10.41 -7.31
N LEU B 163 -16.96 -10.03 -8.57
CA LEU B 163 -15.64 -9.82 -9.16
C LEU B 163 -15.70 -8.62 -10.08
N ALA B 164 -14.67 -7.80 -10.06
CA ALA B 164 -14.65 -6.64 -10.95
C ALA B 164 -14.78 -7.07 -12.39
N THR B 165 -15.81 -6.54 -13.07
CA THR B 165 -16.02 -6.84 -14.48
C THR B 165 -16.14 -5.56 -15.29
N HIS B 166 -16.50 -5.70 -16.57
CA HIS B 166 -16.51 -4.60 -17.52
C HIS B 166 -17.92 -4.23 -17.99
N ASP B 167 -18.96 -4.75 -17.34
CA ASP B 167 -20.33 -4.63 -17.82
C ASP B 167 -21.07 -3.44 -17.21
N THR B 168 -20.37 -2.51 -16.56
CA THR B 168 -20.99 -1.27 -16.09
C THR B 168 -20.14 -0.08 -16.51
N ALA B 169 -20.82 1.02 -16.79
CA ALA B 169 -20.14 2.22 -17.28
C ALA B 169 -19.09 2.72 -16.26
N HIS B 170 -19.40 2.62 -14.97
CA HIS B 170 -18.45 3.01 -13.93
C HIS B 170 -17.35 1.95 -13.80
N VAL B 171 -16.12 2.43 -13.65
CA VAL B 171 -14.93 1.56 -13.69
C VAL B 171 -14.49 1.28 -12.26
N PRO B 172 -14.37 0.01 -11.86
CA PRO B 172 -14.09 -0.28 -10.46
C PRO B 172 -12.70 0.22 -10.06
N SER B 173 -12.48 0.32 -8.76
CA SER B 173 -11.32 1.00 -8.22
C SER B 173 -10.10 0.11 -8.35
N PRO B 174 -8.90 0.70 -8.37
CA PRO B 174 -7.69 -0.14 -8.41
C PRO B 174 -7.72 -1.20 -7.33
N ALA B 175 -8.14 -0.82 -6.12
CA ALA B 175 -8.22 -1.76 -5.01
C ALA B 175 -9.13 -2.93 -5.38
N GLU B 176 -10.28 -2.65 -6.01
CA GLU B 176 -11.18 -3.71 -6.43
C GLU B 176 -10.54 -4.57 -7.51
N ILE B 177 -10.05 -3.94 -8.57
CA ILE B 177 -9.35 -4.69 -9.63
C ILE B 177 -8.29 -5.60 -9.02
N ALA B 178 -7.48 -5.08 -8.09
CA ALA B 178 -6.35 -5.84 -7.57
C ALA B 178 -6.82 -7.00 -6.71
N ALA B 179 -7.73 -6.76 -5.77
CA ALA B 179 -8.11 -7.85 -4.88
C ALA B 179 -8.86 -8.96 -5.62
N ASP B 180 -9.75 -8.60 -6.57
CA ASP B 180 -10.45 -9.64 -7.30
C ASP B 180 -9.49 -10.34 -8.26
N GLY B 181 -8.54 -9.59 -8.83
CA GLY B 181 -7.49 -10.24 -9.59
C GLY B 181 -6.73 -11.25 -8.76
N ASP B 182 -6.61 -10.98 -7.47
CA ASP B 182 -5.83 -11.89 -6.63
C ASP B 182 -6.60 -13.18 -6.39
N VAL B 183 -7.91 -13.09 -6.10
CA VAL B 183 -8.66 -14.31 -5.82
C VAL B 183 -8.85 -15.11 -7.10
N ALA B 184 -8.93 -14.45 -8.25
CA ALA B 184 -8.98 -15.18 -9.51
C ALA B 184 -7.70 -15.95 -9.75
N PHE B 185 -6.55 -15.40 -9.36
CA PHE B 185 -5.29 -16.13 -9.48
C PHE B 185 -5.29 -17.35 -8.59
N TRP B 186 -5.70 -17.19 -7.33
CA TRP B 186 -5.73 -18.35 -6.43
C TRP B 186 -6.80 -19.38 -6.85
N THR B 187 -7.89 -18.92 -7.49
CA THR B 187 -8.91 -19.85 -7.97
C THR B 187 -8.33 -20.80 -9.02
N ARG B 188 -7.64 -20.23 -10.02
CA ARG B 188 -6.92 -21.04 -11.01
C ARG B 188 -5.74 -21.79 -10.40
N GLN B 189 -5.13 -21.27 -9.34
CA GLN B 189 -3.91 -21.88 -8.83
C GLN B 189 -4.21 -23.07 -7.93
N SER B 190 -5.11 -22.89 -6.96
CA SER B 190 -5.23 -23.81 -5.83
C SER B 190 -6.50 -24.66 -5.95
N ASP B 191 -6.37 -25.96 -5.62
CA ASP B 191 -7.53 -26.84 -5.63
C ASP B 191 -8.50 -26.51 -4.51
N ARG B 192 -8.06 -25.78 -3.50
CA ARG B 192 -8.87 -25.46 -2.34
C ARG B 192 -9.51 -24.09 -2.45
N VAL B 193 -9.50 -23.47 -3.63
CA VAL B 193 -10.07 -22.14 -3.81
C VAL B 193 -11.09 -22.18 -4.94
N SER B 194 -12.37 -22.11 -4.58
CA SER B 194 -13.47 -21.98 -5.52
C SER B 194 -14.10 -20.59 -5.42
N VAL B 195 -14.72 -20.18 -6.53
CA VAL B 195 -15.55 -18.98 -6.55
C VAL B 195 -17.02 -19.40 -6.43
N GLY B 196 -17.77 -18.69 -5.60
CA GLY B 196 -19.17 -18.97 -5.35
C GLY B 196 -20.03 -18.09 -6.22
N TYR B 197 -20.51 -18.62 -7.35
CA TYR B 197 -21.34 -17.84 -8.28
C TYR B 197 -22.75 -17.74 -7.75
N ILE B 198 -23.33 -16.54 -7.89
CA ILE B 198 -24.63 -16.22 -7.31
C ILE B 198 -25.73 -16.24 -8.35
N SER B 199 -25.38 -16.45 -9.61
CA SER B 199 -26.33 -16.40 -10.71
C SER B 199 -25.71 -17.09 -11.91
N ARG B 200 -26.58 -17.48 -12.85
CA ARG B 200 -26.11 -18.05 -14.11
C ARG B 200 -25.34 -17.01 -14.90
N TYR B 201 -25.73 -15.75 -14.77
CA TYR B 201 -25.03 -14.68 -15.48
C TYR B 201 -23.58 -14.54 -15.01
N THR B 202 -23.32 -14.68 -13.70
CA THR B 202 -21.93 -14.50 -13.25
C THR B 202 -21.11 -15.76 -13.50
N ALA B 203 -21.72 -16.94 -13.35
CA ALA B 203 -21.03 -18.19 -13.70
C ALA B 203 -20.40 -18.09 -15.09
N GLU B 204 -21.18 -17.62 -16.06
CA GLU B 204 -20.64 -17.45 -17.40
C GLU B 204 -19.62 -16.32 -17.44
N LEU B 205 -19.99 -15.16 -16.90
CA LEU B 205 -19.12 -13.99 -16.96
C LEU B 205 -17.78 -14.31 -16.32
N TYR B 206 -17.80 -14.92 -15.13
CA TYR B 206 -16.54 -15.06 -14.39
C TYR B 206 -15.63 -16.08 -15.06
N ALA B 207 -16.21 -17.15 -15.62
CA ALA B 207 -15.39 -18.13 -16.33
C ALA B 207 -14.89 -17.59 -17.66
N ARG B 208 -15.60 -16.64 -18.24
CA ARG B 208 -15.11 -16.03 -19.47
C ARG B 208 -14.06 -14.97 -19.17
N THR B 209 -14.36 -14.04 -18.25
CA THR B 209 -13.51 -12.89 -18.00
C THR B 209 -12.25 -13.26 -17.24
N TYR B 210 -12.37 -14.18 -16.28
CA TYR B 210 -11.27 -14.57 -15.41
C TYR B 210 -10.68 -15.93 -15.73
N ALA B 211 -11.24 -16.65 -16.70
CA ALA B 211 -10.81 -18.00 -17.05
C ALA B 211 -10.81 -18.90 -15.81
N ILE B 212 -11.77 -18.67 -14.93
CA ILE B 212 -11.97 -19.55 -13.79
C ILE B 212 -12.34 -20.92 -14.33
N PRO B 213 -11.64 -21.98 -13.98
CA PRO B 213 -12.05 -23.31 -14.42
C PRO B 213 -13.44 -23.66 -13.92
N ALA B 214 -14.06 -24.65 -14.58
CA ALA B 214 -15.39 -25.11 -14.20
C ALA B 214 -15.38 -25.89 -12.90
N ALA B 215 -14.30 -26.62 -12.63
CA ALA B 215 -14.14 -27.32 -11.36
C ALA B 215 -13.92 -26.38 -10.17
N ALA B 216 -13.68 -25.09 -10.42
CA ALA B 216 -13.50 -24.13 -9.34
C ALA B 216 -14.71 -23.22 -9.17
N LEU B 217 -15.87 -23.62 -9.71
CA LEU B 217 -17.10 -22.84 -9.56
C LEU B 217 -18.09 -23.63 -8.73
N LEU B 218 -18.49 -23.07 -7.58
CA LEU B 218 -19.51 -23.66 -6.73
C LEU B 218 -20.73 -22.75 -6.71
N PRO B 219 -21.92 -23.34 -6.64
CA PRO B 219 -23.14 -22.51 -6.60
C PRO B 219 -23.31 -21.86 -5.24
N ASN B 220 -23.58 -20.55 -5.26
CA ASN B 220 -24.07 -19.81 -4.09
C ASN B 220 -25.18 -18.87 -4.59
N ARG B 221 -26.17 -19.47 -5.23
CA ARG B 221 -27.07 -18.72 -6.10
C ARG B 221 -28.02 -17.84 -5.28
N SER B 222 -28.15 -16.58 -5.68
CA SER B 222 -29.10 -15.68 -5.03
C SER B 222 -30.48 -16.30 -5.02
N ALA B 223 -31.25 -15.94 -3.99
CA ALA B 223 -32.49 -16.60 -3.65
C ALA B 223 -33.20 -15.74 -2.60
N ILE B 224 -34.45 -16.08 -2.32
CA ILE B 224 -35.25 -15.41 -1.30
C ILE B 224 -35.79 -16.47 -0.35
N PRO B 225 -36.07 -16.14 0.90
CA PRO B 225 -36.64 -17.16 1.81
C PRO B 225 -38.15 -17.20 1.71
N ARG B 226 -38.64 -18.07 0.81
CA ARG B 226 -40.01 -18.04 0.31
C ARG B 226 -41.05 -18.08 1.43
N HIS B 227 -40.76 -18.78 2.51
CA HIS B 227 -41.72 -18.98 3.58
C HIS B 227 -41.71 -17.86 4.62
N ALA B 228 -40.98 -16.78 4.38
CA ALA B 228 -40.97 -15.67 5.33
C ALA B 228 -42.37 -15.08 5.42
N PRO B 229 -42.86 -14.77 6.62
CA PRO B 229 -44.17 -14.11 6.76
C PRO B 229 -44.38 -12.90 5.86
N ARG B 230 -43.32 -12.14 5.53
CA ARG B 230 -43.52 -10.97 4.67
C ARG B 230 -44.03 -11.37 3.30
N PHE B 231 -43.74 -12.59 2.84
CA PHE B 231 -44.05 -12.97 1.48
C PHE B 231 -45.46 -13.53 1.33
N GLY B 232 -46.31 -13.39 2.34
CA GLY B 232 -47.62 -14.01 2.29
C GLY B 232 -48.55 -13.32 1.32
N VAL B 233 -49.53 -14.10 0.83
CA VAL B 233 -50.58 -13.58 -0.02
C VAL B 233 -51.56 -12.76 0.82
N LEU B 234 -51.95 -11.61 0.32
CA LEU B 234 -52.77 -10.69 1.10
C LEU B 234 -54.20 -10.74 0.59
N THR B 235 -55.14 -10.81 1.51
CA THR B 235 -56.55 -10.62 1.18
C THR B 235 -56.74 -9.33 0.38
N GLU B 236 -57.86 -9.18 -0.30
CA GLU B 236 -58.09 -7.92 -0.99
C GLU B 236 -58.22 -6.78 0.01
N GLU B 237 -58.80 -7.06 1.18
CA GLU B 237 -58.96 -6.04 2.20
C GLU B 237 -57.62 -5.43 2.60
N ARG B 238 -56.69 -6.26 3.06
CA ARG B 238 -55.41 -5.75 3.52
C ARG B 238 -54.64 -5.06 2.41
N ILE B 239 -54.81 -5.49 1.16
CA ILE B 239 -54.16 -4.81 0.03
C ILE B 239 -54.68 -3.38 -0.08
N ASN B 240 -56.01 -3.22 -0.18
CA ASN B 240 -56.58 -1.89 -0.37
C ASN B 240 -56.27 -0.97 0.80
N GLU B 241 -56.29 -1.51 2.01
CA GLU B 241 -56.02 -0.71 3.19
C GLU B 241 -54.59 -0.15 3.14
N ARG B 242 -53.63 -1.01 2.83
CA ARG B 242 -52.22 -0.62 2.88
C ARG B 242 -51.86 0.41 1.82
N ILE B 243 -52.50 0.34 0.65
CA ILE B 243 -52.15 1.25 -0.44
C ILE B 243 -52.92 2.56 -0.39
N ALA B 244 -53.96 2.66 0.44
CA ALA B 244 -54.75 3.88 0.49
C ALA B 244 -53.97 5.03 1.10
N GLY B 245 -52.88 4.74 1.81
CA GLY B 245 -52.05 5.77 2.38
C GLY B 245 -50.81 6.04 1.58
N LEU B 246 -50.90 5.92 0.25
CA LEU B 246 -49.77 6.14 -0.63
C LEU B 246 -50.00 7.20 -1.69
N GLY B 247 -51.23 7.67 -1.87
CA GLY B 247 -51.48 8.76 -2.78
C GLY B 247 -51.64 8.36 -4.22
N LEU B 248 -52.20 7.18 -4.47
CA LEU B 248 -52.23 6.69 -5.84
C LEU B 248 -53.40 7.32 -6.60
N PRO B 249 -53.18 7.67 -7.87
CA PRO B 249 -54.29 8.14 -8.71
C PRO B 249 -55.46 7.17 -8.67
N ALA B 250 -56.67 7.73 -8.72
CA ALA B 250 -57.87 6.91 -8.65
C ALA B 250 -58.05 6.06 -9.90
N GLU B 251 -57.57 6.53 -11.06
CA GLU B 251 -57.48 5.71 -12.25
C GLU B 251 -56.02 5.55 -12.66
N GLY B 252 -55.78 4.53 -13.47
CA GLY B 252 -54.43 4.28 -13.94
C GLY B 252 -53.87 2.93 -13.56
N GLU B 253 -53.27 2.25 -14.52
CA GLU B 253 -52.54 1.02 -14.26
C GLU B 253 -51.13 1.38 -13.81
N PHE B 254 -50.64 0.67 -12.79
CA PHE B 254 -49.36 0.96 -12.14
C PHE B 254 -48.24 0.10 -12.71
N VAL B 255 -47.06 0.69 -12.84
CA VAL B 255 -45.83 -0.04 -13.13
C VAL B 255 -44.87 0.31 -11.99
N VAL B 256 -44.53 -0.68 -11.17
CA VAL B 256 -43.89 -0.46 -9.88
C VAL B 256 -42.38 -0.70 -9.98
N MET B 257 -41.62 0.15 -9.29
CA MET B 257 -40.18 -0.02 -9.14
C MET B 257 -39.77 0.36 -7.73
N TRP B 258 -38.73 -0.31 -7.22
CA TRP B 258 -38.21 0.04 -5.91
C TRP B 258 -36.77 -0.42 -5.82
N GLY B 259 -36.06 0.10 -4.81
CA GLY B 259 -34.68 -0.24 -4.57
C GLY B 259 -33.88 1.00 -4.19
N ARG B 260 -32.57 0.87 -4.23
CA ARG B 260 -31.70 2.00 -3.89
C ARG B 260 -31.88 3.14 -4.88
N ASN B 261 -31.45 4.32 -4.46
CA ASN B 261 -31.35 5.45 -5.37
C ASN B 261 -30.23 5.21 -6.37
N SER B 262 -30.45 5.66 -7.61
CA SER B 262 -29.42 5.52 -8.64
C SER B 262 -28.31 6.52 -8.38
N ALA B 263 -27.08 6.03 -8.30
CA ALA B 263 -25.92 6.78 -7.88
C ALA B 263 -24.78 6.56 -8.86
N PRO B 264 -23.75 7.44 -8.83
CA PRO B 264 -22.50 7.13 -9.55
C PRO B 264 -22.02 5.72 -9.25
N GLY B 265 -22.07 4.84 -10.26
CA GLY B 265 -21.79 3.44 -10.06
C GLY B 265 -22.99 2.54 -10.34
N LEU B 266 -24.13 2.82 -9.68
CA LEU B 266 -25.31 1.97 -9.75
C LEU B 266 -26.40 2.71 -10.51
N ASP B 267 -26.60 2.32 -11.78
CA ASP B 267 -27.70 2.83 -12.60
C ASP B 267 -28.85 1.83 -12.46
N LYS B 268 -29.76 2.11 -11.52
CA LYS B 268 -31.04 1.43 -11.43
C LYS B 268 -32.02 2.22 -12.28
N GLY B 269 -32.40 1.67 -13.43
CA GLY B 269 -32.93 2.51 -14.49
C GLY B 269 -34.32 3.10 -14.30
N TYR B 270 -34.57 3.73 -13.15
CA TYR B 270 -35.87 4.36 -12.93
C TYR B 270 -36.19 5.38 -14.01
N HIS B 271 -35.17 6.01 -14.59
CA HIS B 271 -35.38 7.09 -15.56
C HIS B 271 -35.88 6.57 -16.89
N LEU B 272 -35.51 5.35 -17.28
CA LEU B 272 -36.03 4.80 -18.53
C LEU B 272 -37.54 4.63 -18.45
N LEU B 273 -38.06 4.20 -17.28
CA LEU B 273 -39.51 4.11 -17.08
C LEU B 273 -40.16 5.48 -17.21
N LEU B 274 -39.52 6.51 -16.64
CA LEU B 274 -40.10 7.84 -16.70
C LEU B 274 -40.14 8.37 -18.14
N GLU B 275 -39.00 8.26 -18.84
CA GLU B 275 -38.95 8.71 -20.23
C GLU B 275 -39.89 7.89 -21.11
N ALA B 276 -40.07 6.60 -20.80
CA ALA B 276 -40.92 5.74 -21.61
C ALA B 276 -42.39 5.96 -21.32
N ALA B 277 -42.72 6.41 -20.11
CA ALA B 277 -44.13 6.60 -19.76
C ALA B 277 -44.77 7.72 -20.56
N ARG B 278 -43.94 8.63 -21.12
CA ARG B 278 -44.41 9.69 -22.01
C ARG B 278 -45.07 9.16 -23.29
N ASP B 279 -44.93 7.87 -23.60
CA ASP B 279 -45.59 7.24 -24.75
C ASP B 279 -46.55 6.12 -24.35
N LEU B 280 -46.79 5.94 -23.06
CA LEU B 280 -47.74 4.94 -22.58
C LEU B 280 -48.81 5.68 -21.78
N PRO B 281 -49.98 5.93 -22.36
CA PRO B 281 -51.07 6.53 -21.59
C PRO B 281 -51.75 5.50 -20.70
N GLY B 282 -52.34 5.99 -19.61
CA GLY B 282 -52.95 5.15 -18.62
C GLY B 282 -51.99 4.48 -17.66
N VAL B 283 -50.69 4.73 -17.81
CA VAL B 283 -49.65 4.07 -17.03
C VAL B 283 -49.12 5.05 -15.98
N VAL B 284 -49.13 4.64 -14.72
CA VAL B 284 -48.67 5.47 -13.61
C VAL B 284 -47.49 4.76 -12.95
N PRO B 285 -46.26 5.19 -13.24
CA PRO B 285 -45.11 4.61 -12.55
C PRO B 285 -45.15 4.94 -11.08
N VAL B 286 -44.81 3.95 -10.26
CA VAL B 286 -44.69 4.12 -8.81
C VAL B 286 -43.29 3.66 -8.44
N ILE B 287 -42.46 4.59 -7.97
CA ILE B 287 -41.07 4.30 -7.66
C ILE B 287 -40.82 4.56 -6.19
N ALA B 288 -40.19 3.60 -5.52
CA ALA B 288 -39.91 3.66 -4.10
C ALA B 288 -38.41 3.49 -3.92
N THR B 289 -37.73 4.56 -3.52
CA THR B 289 -36.28 4.55 -3.35
C THR B 289 -35.92 4.56 -1.87
N ARG B 290 -34.65 4.23 -1.58
CA ARG B 290 -34.19 4.20 -0.19
C ARG B 290 -34.46 5.52 0.52
N ARG B 291 -34.02 6.63 -0.09
CA ARG B 291 -34.24 7.99 0.41
C ARG B 291 -35.05 8.76 -0.64
N PRO B 292 -35.63 9.92 -0.30
CA PRO B 292 -36.36 10.69 -1.31
C PRO B 292 -35.42 11.07 -2.46
N ASP B 293 -35.97 11.08 -3.69
CA ASP B 293 -35.20 11.35 -4.89
C ASP B 293 -35.74 12.61 -5.56
N PRO B 294 -35.17 13.78 -5.27
CA PRO B 294 -35.63 15.01 -5.95
C PRO B 294 -35.38 14.99 -7.44
N GLY B 295 -34.24 14.40 -7.86
CA GLY B 295 -33.94 14.31 -9.27
C GLY B 295 -34.98 13.55 -10.06
N LEU B 296 -35.52 12.48 -9.48
CA LEU B 296 -36.58 11.72 -10.16
C LEU B 296 -37.82 12.60 -10.37
N ARG B 297 -38.21 13.35 -9.34
CA ARG B 297 -39.33 14.28 -9.50
C ARG B 297 -39.06 15.28 -10.62
N ARG B 298 -37.84 15.84 -10.66
CA ARG B 298 -37.48 16.78 -11.71
C ARG B 298 -37.65 16.16 -13.10
N LEU B 299 -37.13 14.95 -13.28
CA LEU B 299 -37.27 14.24 -14.56
C LEU B 299 -38.75 13.96 -14.88
N ALA B 300 -39.51 13.48 -13.90
CA ALA B 300 -40.91 13.13 -14.11
C ALA B 300 -41.72 14.35 -14.55
N ASP B 301 -41.58 15.47 -13.85
CA ASP B 301 -42.26 16.70 -14.27
C ASP B 301 -41.79 17.14 -15.65
N ARG B 302 -40.47 17.12 -15.87
CA ARG B 302 -39.92 17.53 -17.17
C ARG B 302 -40.55 16.76 -18.33
N TYR B 303 -40.83 15.46 -18.14
CA TYR B 303 -41.55 14.68 -19.14
C TYR B 303 -43.06 14.87 -19.09
N ALA B 304 -43.57 15.65 -18.13
CA ALA B 304 -45.00 15.82 -17.91
C ALA B 304 -45.68 14.47 -17.70
N VAL B 305 -45.15 13.73 -16.72
CA VAL B 305 -45.60 12.36 -16.50
C VAL B 305 -45.96 12.18 -15.03
N PRO B 306 -47.13 11.58 -14.72
CA PRO B 306 -47.64 11.54 -13.33
C PRO B 306 -47.19 10.33 -12.56
N ALA B 307 -46.17 10.48 -11.71
CA ALA B 307 -45.52 9.36 -11.05
C ALA B 307 -45.56 9.53 -9.54
N VAL B 308 -46.22 8.60 -8.85
CA VAL B 308 -46.09 8.49 -7.41
C VAL B 308 -44.63 8.18 -7.08
N LEU B 309 -44.00 9.04 -6.29
CA LEU B 309 -42.61 8.85 -5.89
C LEU B 309 -42.52 8.71 -4.38
N LEU B 310 -41.92 7.62 -3.91
CA LEU B 310 -41.94 7.26 -2.51
C LEU B 310 -40.54 6.90 -2.04
N ASP B 311 -40.33 6.95 -0.72
CA ASP B 311 -39.06 6.55 -0.16
C ASP B 311 -39.28 5.77 1.14
N ASP B 312 -38.25 5.00 1.52
CA ASP B 312 -38.21 4.23 2.77
C ASP B 312 -39.52 3.48 3.02
N GLN B 313 -40.00 2.79 2.00
CA GLN B 313 -41.28 2.11 2.17
C GLN B 313 -41.07 0.75 2.81
N PRO B 314 -41.92 0.36 3.76
CA PRO B 314 -41.76 -0.94 4.38
C PRO B 314 -42.23 -2.01 3.42
N PHE B 315 -41.59 -3.18 3.49
CA PHE B 315 -41.89 -4.19 2.49
C PHE B 315 -43.35 -4.64 2.56
N THR B 316 -43.96 -4.61 3.76
CA THR B 316 -45.38 -4.94 3.87
C THR B 316 -46.22 -4.12 2.90
N HIS B 317 -45.74 -2.97 2.46
CA HIS B 317 -46.49 -2.09 1.59
C HIS B 317 -46.09 -2.23 0.13
N LEU B 318 -44.81 -2.43 -0.16
CA LEU B 318 -44.44 -2.82 -1.51
C LEU B 318 -45.19 -4.08 -1.93
N SER B 319 -45.26 -5.06 -1.02
CA SER B 319 -45.98 -6.30 -1.28
C SER B 319 -47.43 -6.02 -1.64
N ALA B 320 -48.11 -5.18 -0.85
CA ALA B 320 -49.51 -4.86 -1.14
C ALA B 320 -49.63 -4.18 -2.49
N LEU B 321 -48.71 -3.26 -2.79
CA LEU B 321 -48.72 -2.62 -4.10
C LEU B 321 -48.54 -3.65 -5.21
N LEU B 322 -47.71 -4.65 -4.96
CA LEU B 322 -47.36 -5.61 -6.01
C LEU B 322 -48.48 -6.60 -6.26
N GLN B 323 -49.28 -6.93 -5.23
CA GLN B 323 -50.38 -7.88 -5.40
C GLN B 323 -51.65 -7.24 -5.94
N SER B 324 -51.82 -5.93 -5.80
CA SER B 324 -53.06 -5.27 -6.19
C SER B 324 -53.35 -5.50 -7.68
N PRO B 325 -54.59 -5.81 -8.04
CA PRO B 325 -54.90 -5.96 -9.47
C PRO B 325 -54.83 -4.64 -10.23
N ARG B 326 -54.53 -3.54 -9.57
CA ARG B 326 -54.31 -2.27 -10.25
C ARG B 326 -52.91 -2.16 -10.84
N THR B 327 -52.00 -3.06 -10.46
CA THR B 327 -50.60 -3.01 -10.83
C THR B 327 -50.35 -3.84 -12.09
N LEU B 328 -49.96 -3.16 -13.17
CA LEU B 328 -49.72 -3.84 -14.43
C LEU B 328 -48.41 -4.63 -14.39
N ALA B 329 -47.32 -3.98 -13.97
CA ALA B 329 -46.02 -4.64 -13.96
C ALA B 329 -45.14 -4.09 -12.84
N ALA B 330 -44.17 -4.90 -12.45
CA ALA B 330 -43.01 -4.46 -11.67
C ALA B 330 -41.82 -4.46 -12.61
N ALA B 331 -41.03 -3.39 -12.59
CA ALA B 331 -39.95 -3.21 -13.56
C ALA B 331 -38.59 -3.20 -12.89
N PHE B 332 -37.65 -3.88 -13.53
CA PHE B 332 -36.29 -3.98 -13.03
C PHE B 332 -35.35 -3.73 -14.21
N LEU B 333 -34.69 -2.57 -14.20
CA LEU B 333 -33.94 -2.07 -15.34
C LEU B 333 -32.50 -1.75 -14.96
N GLY B 334 -31.95 -2.46 -13.99
CA GLY B 334 -30.60 -2.17 -13.55
C GLY B 334 -29.58 -2.41 -14.67
N GLU B 335 -28.49 -1.65 -14.63
CA GLU B 335 -27.48 -1.71 -15.69
C GLU B 335 -26.88 -3.10 -15.79
N ALA B 336 -26.56 -3.72 -14.65
CA ALA B 336 -25.93 -5.04 -14.63
C ALA B 336 -25.86 -5.55 -13.19
N GLU B 337 -27.02 -5.84 -12.62
CA GLU B 337 -27.05 -6.37 -11.26
C GLU B 337 -26.64 -7.80 -11.39
N PRO B 338 -25.72 -8.25 -10.60
CA PRO B 338 -25.23 -9.62 -10.80
C PRO B 338 -26.14 -10.67 -10.18
N GLY B 339 -26.90 -10.29 -9.16
CA GLY B 339 -27.64 -11.26 -8.39
C GLY B 339 -28.78 -10.60 -7.65
N ALA B 340 -29.45 -9.65 -8.30
CA ALA B 340 -30.66 -9.06 -7.77
C ALA B 340 -31.67 -10.13 -7.36
N VAL B 341 -32.19 -10.00 -6.15
CA VAL B 341 -33.30 -10.83 -5.70
C VAL B 341 -34.62 -10.06 -5.68
N SER B 342 -34.62 -8.74 -5.87
CA SER B 342 -35.86 -7.99 -5.92
C SER B 342 -36.85 -8.53 -6.96
N PRO B 343 -36.48 -8.82 -8.20
CA PRO B 343 -37.45 -9.46 -9.11
C PRO B 343 -37.97 -10.80 -8.61
N MET B 344 -37.15 -11.58 -7.90
CA MET B 344 -37.64 -12.81 -7.28
C MET B 344 -38.73 -12.53 -6.28
N GLU B 345 -38.60 -11.44 -5.53
CA GLU B 345 -39.62 -11.11 -4.54
C GLU B 345 -40.90 -10.69 -5.22
N ALA B 346 -40.81 -9.92 -6.31
CA ALA B 346 -42.00 -9.55 -7.06
C ALA B 346 -42.68 -10.80 -7.63
N MET B 347 -41.93 -11.65 -8.34
CA MET B 347 -42.50 -12.88 -8.88
C MET B 347 -43.17 -13.70 -7.78
N TRP B 348 -42.56 -13.74 -6.60
CA TRP B 348 -43.12 -14.58 -5.56
C TRP B 348 -44.35 -13.96 -4.90
N VAL B 349 -44.30 -12.65 -4.56
CA VAL B 349 -45.47 -12.08 -3.88
C VAL B 349 -46.66 -12.05 -4.82
N ALA B 350 -46.42 -11.85 -6.12
CA ALA B 350 -47.53 -11.67 -7.04
C ALA B 350 -48.02 -13.01 -7.58
N ARG B 351 -47.86 -14.09 -6.81
CA ARG B 351 -48.16 -15.42 -7.32
C ARG B 351 -49.66 -15.62 -7.52
N GLU B 352 -50.49 -14.90 -6.76
CA GLU B 352 -51.92 -14.96 -6.93
C GLU B 352 -52.47 -13.80 -7.74
N SER B 353 -51.92 -12.60 -7.60
CA SER B 353 -52.45 -11.46 -8.33
C SER B 353 -51.41 -10.35 -8.38
N GLY B 354 -51.67 -9.38 -9.24
CA GLY B 354 -50.88 -8.16 -9.26
C GLY B 354 -49.93 -8.14 -10.44
N ALA B 355 -48.67 -7.81 -10.19
CA ALA B 355 -47.77 -7.47 -11.27
C ALA B 355 -47.24 -8.71 -11.96
N LEU B 356 -46.82 -8.50 -13.20
CA LEU B 356 -45.90 -9.36 -13.91
C LEU B 356 -44.59 -8.62 -14.02
N VAL B 357 -43.49 -9.35 -14.17
CA VAL B 357 -42.17 -8.76 -14.11
C VAL B 357 -41.76 -8.28 -15.48
N ILE B 358 -41.26 -7.05 -15.55
CA ILE B 358 -40.57 -6.56 -16.73
C ILE B 358 -39.11 -6.42 -16.35
N ALA B 359 -38.26 -7.22 -17.00
CA ALA B 359 -36.86 -7.30 -16.64
C ALA B 359 -35.97 -6.86 -17.80
N ALA B 360 -34.95 -6.07 -17.50
CA ALA B 360 -33.98 -5.68 -18.50
C ALA B 360 -33.15 -6.89 -18.93
N ASP B 361 -32.54 -6.79 -20.11
CA ASP B 361 -31.81 -7.91 -20.69
C ASP B 361 -30.35 -7.95 -20.22
N THR B 362 -30.05 -7.39 -19.06
CA THR B 362 -28.70 -7.32 -18.52
C THR B 362 -28.62 -8.01 -17.16
N GLY B 363 -27.40 -8.39 -16.78
CA GLY B 363 -27.21 -9.04 -15.50
C GLY B 363 -27.98 -10.34 -15.40
N ASN B 364 -28.39 -10.67 -14.17
CA ASN B 364 -29.08 -11.91 -13.92
C ASN B 364 -30.59 -11.84 -14.22
N LEU B 365 -31.09 -10.70 -14.69
CA LEU B 365 -32.53 -10.55 -14.88
C LEU B 365 -33.10 -11.51 -15.92
N PRO B 366 -32.50 -11.70 -17.11
CA PRO B 366 -33.01 -12.74 -18.03
C PRO B 366 -33.18 -14.11 -17.39
N GLU B 367 -32.19 -14.59 -16.64
CA GLU B 367 -32.36 -15.85 -15.92
C GLU B 367 -33.60 -15.81 -15.02
N VAL B 368 -33.79 -14.70 -14.29
CA VAL B 368 -34.89 -14.65 -13.33
C VAL B 368 -36.23 -14.90 -14.01
N VAL B 369 -36.46 -14.28 -15.17
CA VAL B 369 -37.74 -14.36 -15.87
C VAL B 369 -37.71 -15.46 -16.94
N ASP B 370 -36.81 -16.43 -16.81
CA ASP B 370 -36.68 -17.56 -17.76
C ASP B 370 -36.61 -17.08 -19.20
N ASP B 371 -35.91 -15.97 -19.43
CA ASP B 371 -35.69 -15.42 -20.77
C ASP B 371 -36.99 -15.11 -21.50
N GLY B 372 -38.06 -14.87 -20.74
CA GLY B 372 -39.33 -14.48 -21.32
C GLY B 372 -40.50 -15.37 -20.96
N ALA B 373 -40.27 -16.56 -20.38
CA ALA B 373 -41.41 -17.39 -20.02
C ALA B 373 -42.09 -16.94 -18.75
N ALA B 374 -41.37 -16.21 -17.89
CA ALA B 374 -41.91 -15.86 -16.58
C ALA B 374 -41.91 -14.37 -16.36
N GLY B 375 -41.79 -13.60 -17.44
CA GLY B 375 -41.73 -12.16 -17.38
C GLY B 375 -41.27 -11.64 -18.72
N ILE B 376 -41.21 -10.33 -18.83
CA ILE B 376 -40.96 -9.66 -20.11
C ILE B 376 -39.54 -9.09 -20.11
N VAL B 377 -38.79 -9.42 -21.14
CA VAL B 377 -37.41 -9.00 -21.29
C VAL B 377 -37.38 -7.80 -22.24
N THR B 378 -36.61 -6.77 -21.88
CA THR B 378 -36.58 -5.57 -22.69
C THR B 378 -35.16 -5.05 -22.80
N ARG B 379 -34.85 -4.44 -23.94
CA ARG B 379 -33.64 -3.62 -24.04
C ARG B 379 -33.76 -2.39 -23.15
N ARG B 380 -32.60 -1.84 -22.78
CA ARG B 380 -32.56 -0.77 -21.77
C ARG B 380 -32.67 0.60 -22.41
N THR B 381 -33.75 0.81 -23.16
CA THR B 381 -34.08 2.12 -23.71
C THR B 381 -35.56 2.40 -23.50
N ALA B 382 -35.88 3.69 -23.40
CA ALA B 382 -37.26 4.12 -23.26
C ALA B 382 -38.17 3.49 -24.30
N ALA B 383 -37.72 3.47 -25.56
CA ALA B 383 -38.55 2.95 -26.64
C ALA B 383 -38.99 1.51 -26.36
N ASP B 384 -38.05 0.65 -25.96
CA ASP B 384 -38.35 -0.76 -25.74
C ASP B 384 -39.03 -0.98 -24.40
N VAL B 385 -38.62 -0.22 -23.38
CA VAL B 385 -39.33 -0.24 -22.10
C VAL B 385 -40.81 0.04 -22.33
N ALA B 386 -41.11 1.07 -23.12
CA ALA B 386 -42.50 1.31 -23.50
C ALA B 386 -43.05 0.20 -24.37
N ASP B 387 -42.21 -0.40 -25.22
CA ASP B 387 -42.65 -1.57 -25.98
C ASP B 387 -43.03 -2.72 -25.06
N ALA B 388 -42.32 -2.86 -23.93
CA ALA B 388 -42.52 -3.99 -23.03
C ALA B 388 -43.73 -3.79 -22.13
N VAL B 389 -43.97 -2.56 -21.67
CA VAL B 389 -45.21 -2.26 -20.98
C VAL B 389 -46.39 -2.50 -21.91
N ARG B 390 -46.24 -2.11 -23.17
CA ARG B 390 -47.30 -2.39 -24.14
C ARG B 390 -47.52 -3.89 -24.28
N ARG B 391 -46.44 -4.66 -24.38
CA ARG B 391 -46.58 -6.10 -24.52
C ARG B 391 -47.29 -6.71 -23.32
N VAL B 392 -47.04 -6.16 -22.12
CA VAL B 392 -47.68 -6.68 -20.91
C VAL B 392 -49.19 -6.48 -20.97
N ARG B 393 -49.65 -5.32 -21.46
CA ARG B 393 -51.10 -5.12 -21.53
C ARG B 393 -51.69 -5.78 -22.76
N LYS B 394 -50.96 -5.78 -23.88
CA LYS B 394 -51.36 -6.56 -25.04
C LYS B 394 -51.29 -8.09 -24.80
N LEU B 395 -51.09 -8.57 -23.57
CA LEU B 395 -51.08 -10.01 -23.29
C LEU B 395 -52.51 -10.50 -23.14
N THR B 396 -52.77 -11.70 -23.65
CA THR B 396 -54.09 -12.29 -23.45
C THR B 396 -54.29 -12.66 -21.98
N ALA B 397 -55.56 -12.81 -21.60
CA ALA B 397 -55.89 -13.23 -20.26
C ALA B 397 -55.16 -14.51 -19.90
N ASP B 398 -54.98 -15.38 -20.88
CA ASP B 398 -54.38 -16.69 -20.63
C ASP B 398 -52.86 -16.61 -20.59
N GLU B 399 -52.25 -15.86 -21.52
CA GLU B 399 -50.82 -15.60 -21.50
C GLU B 399 -50.39 -15.06 -20.14
N ARG B 400 -51.16 -14.13 -19.58
CA ARG B 400 -50.80 -13.49 -18.31
C ARG B 400 -50.96 -14.41 -17.11
N ARG B 401 -51.95 -15.32 -17.12
CA ARG B 401 -51.99 -16.28 -16.00
C ARG B 401 -50.94 -17.37 -16.18
N ARG B 402 -50.59 -17.69 -17.40
CA ARG B 402 -49.52 -18.65 -17.63
C ARG B 402 -48.21 -18.11 -17.05
N MET B 403 -47.85 -16.89 -17.43
CA MET B 403 -46.64 -16.19 -16.96
C MET B 403 -46.66 -16.07 -15.42
N ARG B 404 -47.80 -15.72 -14.82
CA ARG B 404 -47.81 -15.60 -13.36
C ARG B 404 -47.50 -16.94 -12.71
N ALA B 405 -48.03 -18.01 -13.29
CA ALA B 405 -47.79 -19.34 -12.74
C ALA B 405 -46.34 -19.75 -12.91
N ALA B 406 -45.72 -19.34 -14.02
CA ALA B 406 -44.35 -19.72 -14.36
C ALA B 406 -43.36 -18.98 -13.49
N ALA B 407 -43.60 -17.68 -13.32
CA ALA B 407 -42.82 -16.86 -12.38
C ALA B 407 -42.79 -17.47 -11.00
N ALA B 408 -43.98 -17.74 -10.43
CA ALA B 408 -44.06 -18.31 -9.08
C ALA B 408 -43.30 -19.63 -9.00
N ALA B 409 -43.52 -20.52 -9.97
CA ALA B 409 -42.88 -21.84 -9.92
C ALA B 409 -41.38 -21.73 -10.07
N ARG B 410 -40.92 -20.81 -10.94
CA ARG B 410 -39.48 -20.61 -11.09
C ARG B 410 -38.82 -20.22 -9.78
N VAL B 411 -39.49 -19.39 -8.97
CA VAL B 411 -38.94 -19.05 -7.65
C VAL B 411 -38.82 -20.31 -6.79
N ARG B 412 -39.86 -21.14 -6.80
CA ARG B 412 -39.83 -22.40 -6.06
C ARG B 412 -38.68 -23.29 -6.53
N ALA B 413 -38.43 -23.32 -7.84
CA ALA B 413 -37.51 -24.30 -8.40
C ALA B 413 -36.05 -23.85 -8.34
N ARG B 414 -35.79 -22.54 -8.40
CA ARG B 414 -34.44 -22.03 -8.60
C ARG B 414 -34.04 -20.91 -7.65
N PHE B 415 -34.96 -20.32 -6.92
CA PHE B 415 -34.66 -19.16 -6.10
C PHE B 415 -35.19 -19.31 -4.69
N ASP B 416 -35.17 -20.53 -4.18
CA ASP B 416 -35.50 -20.82 -2.80
C ASP B 416 -34.24 -20.70 -1.95
N PHE B 417 -34.27 -19.89 -0.88
CA PHE B 417 -33.04 -19.70 -0.13
C PHE B 417 -32.62 -20.96 0.62
N ALA B 418 -33.58 -21.66 1.24
CA ALA B 418 -33.26 -22.88 1.98
C ALA B 418 -32.61 -23.92 1.08
N ALA B 419 -33.08 -24.01 -0.17
CA ALA B 419 -32.53 -24.99 -1.09
C ALA B 419 -31.16 -24.54 -1.61
N ASN B 420 -31.02 -23.25 -1.89
CA ASN B 420 -29.79 -22.77 -2.52
C ASN B 420 -28.63 -22.72 -1.53
N VAL B 421 -28.93 -22.49 -0.25
CA VAL B 421 -27.86 -22.53 0.73
C VAL B 421 -27.48 -23.96 1.04
N ARG B 422 -28.42 -24.89 0.98
CA ARG B 422 -28.06 -26.30 1.06
C ARG B 422 -27.33 -26.78 -0.19
N GLU B 423 -27.64 -26.19 -1.36
CA GLU B 423 -26.87 -26.50 -2.56
C GLU B 423 -25.41 -26.08 -2.38
N LEU B 424 -25.18 -24.90 -1.79
CA LEU B 424 -23.81 -24.46 -1.51
C LEU B 424 -23.13 -25.40 -0.52
N ALA B 425 -23.76 -25.66 0.62
CA ALA B 425 -23.15 -26.51 1.64
C ALA B 425 -22.79 -27.87 1.07
N ASP B 426 -23.71 -28.48 0.32
CA ASP B 426 -23.44 -29.79 -0.28
C ASP B 426 -22.33 -29.70 -1.31
N ALA B 427 -22.34 -28.66 -2.14
CA ALA B 427 -21.28 -28.50 -3.11
C ALA B 427 -19.90 -28.45 -2.43
N ALA B 428 -19.82 -27.79 -1.26
CA ALA B 428 -18.55 -27.59 -0.58
C ALA B 428 -18.08 -28.84 0.18
N VAL B 429 -18.98 -29.53 0.86
CA VAL B 429 -18.58 -30.77 1.54
C VAL B 429 -18.16 -31.82 0.51
N ASP B 430 -18.86 -31.88 -0.63
CA ASP B 430 -18.41 -32.72 -1.74
C ASP B 430 -17.03 -32.32 -2.19
N ARG B 431 -16.85 -31.04 -2.51
CA ARG B 431 -15.57 -30.56 -3.00
C ARG B 431 -14.48 -30.77 -1.96
N LEU B 432 -14.80 -30.53 -0.68
CA LEU B 432 -13.90 -30.88 0.41
C LEU B 432 -13.45 -32.33 0.27
N ALA B 433 -14.40 -33.25 0.08
CA ALA B 433 -14.06 -34.67 -0.04
C ALA B 433 -13.17 -34.92 -1.24
N GLU B 434 -13.44 -34.24 -2.35
CA GLU B 434 -12.66 -34.47 -3.56
C GLU B 434 -11.20 -34.07 -3.38
N VAL B 435 -10.94 -33.02 -2.60
CA VAL B 435 -9.58 -32.50 -2.39
C VAL B 435 -8.83 -33.45 -1.44
N SER B 436 -9.43 -34.60 -1.13
CA SER B 436 -8.76 -35.68 -0.41
C SER B 436 -8.84 -36.99 -1.19
N ARG C 9 2.44 13.05 -38.79
CA ARG C 9 2.36 13.68 -37.47
C ARG C 9 3.50 13.13 -36.60
N ALA C 10 3.60 13.63 -35.37
CA ALA C 10 4.73 13.31 -34.51
C ALA C 10 4.39 12.11 -33.64
N LEU C 11 5.13 11.01 -33.84
CA LEU C 11 4.89 9.75 -33.16
C LEU C 11 6.01 9.46 -32.18
N ALA C 12 5.64 9.00 -31.00
CA ALA C 12 6.61 8.66 -29.97
C ALA C 12 6.41 7.23 -29.53
N PHE C 13 7.49 6.47 -29.48
CA PHE C 13 7.50 5.20 -28.77
C PHE C 13 8.13 5.49 -27.41
N VAL C 14 7.35 5.26 -26.34
CA VAL C 14 7.83 5.42 -24.98
C VAL C 14 8.08 4.02 -24.42
N TRP C 15 9.36 3.70 -24.19
CA TRP C 15 9.78 2.36 -23.76
C TRP C 15 10.01 2.40 -22.25
N LEU C 16 9.14 1.73 -21.50
CA LEU C 16 9.29 1.67 -20.04
C LEU C 16 9.98 0.34 -19.68
N MET C 17 11.26 0.43 -19.32
CA MET C 17 12.15 -0.72 -19.16
C MET C 17 12.80 -0.67 -17.80
N VAL C 18 12.86 -1.81 -17.10
CA VAL C 18 13.40 -1.84 -15.75
C VAL C 18 14.92 -1.75 -15.71
N GLU C 19 15.59 -2.00 -16.83
CA GLU C 19 17.03 -1.89 -16.90
C GLU C 19 17.42 -1.60 -18.34
N GLY C 20 18.70 -1.36 -18.57
CA GLY C 20 19.15 -1.27 -19.94
C GLY C 20 19.86 0.01 -20.31
N ALA C 21 20.04 0.92 -19.37
CA ALA C 21 20.90 2.08 -19.62
C ALA C 21 21.90 2.21 -18.49
N GLN C 22 21.45 2.75 -17.35
CA GLN C 22 22.29 2.74 -16.15
C GLN C 22 22.79 1.33 -15.85
N VAL C 23 21.89 0.36 -15.90
CA VAL C 23 22.17 -1.02 -15.51
C VAL C 23 21.87 -1.93 -16.68
N ALA C 24 22.66 -3.00 -16.81
CA ALA C 24 22.45 -4.00 -17.85
C ALA C 24 22.83 -5.34 -17.25
N ALA C 25 21.83 -6.14 -16.90
CA ALA C 25 22.08 -7.42 -16.24
C ALA C 25 21.31 -8.60 -16.82
N GLY C 26 20.30 -8.40 -17.65
CA GLY C 26 19.50 -9.52 -18.14
C GLY C 26 18.83 -9.32 -19.48
N GLY C 27 17.78 -10.13 -19.72
CA GLY C 27 17.07 -10.05 -21.00
C GLY C 27 16.63 -8.65 -21.37
N VAL C 28 16.00 -7.95 -20.41
CA VAL C 28 15.44 -6.64 -20.73
C VAL C 28 16.53 -5.70 -21.23
N ALA C 29 17.66 -5.68 -20.54
CA ALA C 29 18.77 -4.84 -20.98
C ALA C 29 19.24 -5.23 -22.38
N GLY C 30 19.33 -6.54 -22.66
CA GLY C 30 19.64 -6.99 -24.00
C GLY C 30 18.65 -6.48 -25.03
N TYR C 31 17.36 -6.53 -24.71
CA TYR C 31 16.35 -6.07 -25.64
C TYR C 31 16.50 -4.59 -25.95
N VAL C 32 16.82 -3.80 -24.91
CA VAL C 32 17.01 -2.36 -25.09
C VAL C 32 18.21 -2.10 -25.98
N ARG C 33 19.30 -2.84 -25.76
CA ARG C 33 20.49 -2.73 -26.61
C ARG C 33 20.14 -3.03 -28.06
N ASN C 34 19.46 -4.15 -28.30
CA ASN C 34 19.06 -4.48 -29.66
C ASN C 34 18.13 -3.41 -30.21
N LEU C 35 17.23 -2.91 -29.36
CA LEU C 35 16.21 -1.99 -29.82
C LEU C 35 16.82 -0.67 -30.26
N LEU C 36 17.87 -0.23 -29.57
CA LEU C 36 18.52 1.01 -29.97
C LEU C 36 19.23 0.86 -31.31
N ASP C 37 19.94 -0.26 -31.52
CA ASP C 37 20.58 -0.47 -32.82
C ASP C 37 19.57 -0.42 -33.98
N GLU C 38 18.31 -0.76 -33.73
CA GLU C 38 17.31 -0.75 -34.79
C GLU C 38 16.58 0.57 -34.92
N GLN C 39 16.84 1.52 -34.02
CA GLN C 39 16.04 2.75 -33.94
C GLN C 39 15.99 3.46 -35.29
N ASP C 40 17.16 3.67 -35.89
CA ASP C 40 17.26 4.40 -37.14
C ASP C 40 16.53 3.67 -38.27
N ALA C 41 16.74 2.35 -38.39
CA ALA C 41 15.97 1.58 -39.35
C ALA C 41 14.47 1.76 -39.11
N LEU C 42 14.06 1.75 -37.83
CA LEU C 42 12.65 1.90 -37.52
C LEU C 42 12.15 3.29 -37.87
N ARG C 43 13.00 4.29 -37.69
CA ARG C 43 12.58 5.66 -37.96
C ARG C 43 12.43 5.90 -39.46
N ASP C 44 13.43 5.46 -40.24
CA ASP C 44 13.30 5.49 -41.69
C ASP C 44 12.04 4.79 -42.14
N HIS C 45 11.86 3.54 -41.69
CA HIS C 45 10.68 2.77 -42.09
C HIS C 45 9.40 3.53 -41.78
N LEU C 46 9.27 4.01 -40.55
CA LEU C 46 8.02 4.68 -40.17
C LEU C 46 7.87 6.02 -40.89
N ALA C 47 8.99 6.70 -41.17
CA ALA C 47 8.96 7.90 -42.00
C ALA C 47 8.22 7.66 -43.32
N GLU C 48 8.63 6.62 -44.06
CA GLU C 48 7.91 6.29 -45.30
C GLU C 48 6.47 5.88 -45.05
N ARG C 49 6.09 5.63 -43.80
CA ARG C 49 4.68 5.39 -43.48
C ARG C 49 3.95 6.64 -43.03
N GLY C 50 4.66 7.77 -42.91
CA GLY C 50 4.03 9.04 -42.63
C GLY C 50 4.21 9.59 -41.23
N TRP C 51 5.13 9.04 -40.44
CA TRP C 51 5.34 9.39 -39.04
C TRP C 51 6.80 9.75 -38.83
N SER C 52 7.07 10.88 -38.17
CA SER C 52 8.39 11.14 -37.63
C SER C 52 8.43 10.65 -36.19
N VAL C 53 9.43 9.83 -35.88
CA VAL C 53 9.37 8.97 -34.70
C VAL C 53 10.42 9.41 -33.70
N GLU C 54 9.99 9.57 -32.45
CA GLU C 54 10.87 9.84 -31.33
C GLU C 54 10.91 8.62 -30.43
N PHE C 55 12.08 8.32 -29.90
CA PHE C 55 12.22 7.27 -28.91
C PHE C 55 12.43 7.90 -27.54
N VAL C 56 11.58 7.54 -26.60
CA VAL C 56 11.74 7.94 -25.20
C VAL C 56 11.95 6.66 -24.41
N LEU C 57 12.99 6.63 -23.59
CA LEU C 57 13.29 5.48 -22.74
C LEU C 57 13.13 5.91 -21.29
N GLY C 58 12.29 5.21 -20.54
CA GLY C 58 12.22 5.39 -19.11
C GLY C 58 12.75 4.20 -18.34
N GLU C 59 13.72 4.45 -17.46
CA GLU C 59 14.34 3.43 -16.63
C GLU C 59 14.35 3.94 -15.19
N PRO C 60 14.10 3.08 -14.20
CA PRO C 60 14.12 3.56 -12.81
C PRO C 60 15.50 4.08 -12.43
N PHE C 61 15.51 5.09 -11.54
CA PHE C 61 16.76 5.59 -10.97
C PHE C 61 17.52 4.44 -10.31
N TYR C 62 18.76 4.26 -10.72
CA TYR C 62 19.66 3.36 -10.01
C TYR C 62 20.73 4.19 -9.30
N ASP C 63 21.16 3.73 -8.15
CA ASP C 63 22.34 4.46 -7.70
C ASP C 63 23.60 3.71 -8.13
N PRO C 64 24.74 4.43 -8.20
CA PRO C 64 25.91 3.83 -8.85
C PRO C 64 26.46 2.59 -8.18
N GLY C 65 25.99 2.20 -7.00
CA GLY C 65 26.43 0.93 -6.42
C GLY C 65 25.64 -0.27 -6.90
N ALA C 66 24.89 -0.09 -7.94
CA ALA C 66 24.04 -1.24 -8.12
C ALA C 66 24.68 -2.24 -9.08
N PRO C 67 24.35 -3.52 -8.93
CA PRO C 67 24.91 -4.53 -9.83
C PRO C 67 24.66 -4.20 -11.29
N GLY C 68 25.74 -4.17 -12.06
CA GLY C 68 25.62 -3.92 -13.49
C GLY C 68 25.48 -2.46 -13.85
N TYR C 69 25.68 -1.55 -12.89
CA TYR C 69 25.65 -0.13 -13.19
C TYR C 69 26.87 0.25 -14.01
N ASP C 70 26.69 1.26 -14.88
CA ASP C 70 27.77 1.70 -15.75
C ASP C 70 27.45 3.12 -16.21
N GLU C 71 28.11 4.10 -15.58
CA GLU C 71 27.85 5.50 -15.92
C GLU C 71 28.05 5.77 -17.41
N GLU C 72 29.07 5.16 -18.01
CA GLU C 72 29.33 5.42 -19.41
C GLU C 72 28.29 4.76 -20.33
N ARG C 73 27.74 3.61 -19.95
CA ARG C 73 26.64 3.06 -20.74
C ARG C 73 25.42 3.96 -20.67
N TRP C 74 25.08 4.41 -19.46
CA TRP C 74 24.01 5.39 -19.31
C TRP C 74 24.29 6.63 -20.15
N ARG C 75 25.54 7.10 -20.11
CA ARG C 75 25.94 8.26 -20.91
C ARG C 75 25.73 7.99 -22.40
N ARG C 76 26.22 6.84 -22.88
CA ARG C 76 26.09 6.48 -24.30
C ARG C 76 24.63 6.41 -24.70
N VAL C 77 23.80 5.73 -23.90
CA VAL C 77 22.37 5.62 -24.23
C VAL C 77 21.72 7.00 -24.27
N ARG C 78 21.99 7.83 -23.26
CA ARG C 78 21.42 9.17 -23.19
C ARG C 78 21.78 10.00 -24.42
N GLU C 79 23.08 10.02 -24.77
CA GLU C 79 23.52 10.77 -25.93
C GLU C 79 22.98 10.18 -27.24
N HIS C 80 22.81 8.86 -27.33
CA HIS C 80 22.22 8.26 -28.52
C HIS C 80 20.79 8.75 -28.71
N LEU C 81 20.00 8.79 -27.63
CA LEU C 81 18.60 9.18 -27.78
C LEU C 81 18.47 10.68 -28.03
N ALA C 82 19.35 11.46 -27.40
CA ALA C 82 19.31 12.91 -27.55
C ALA C 82 19.62 13.33 -28.98
N ALA C 83 20.66 12.71 -29.58
CA ALA C 83 21.08 13.10 -30.92
C ALA C 83 19.99 12.88 -31.97
N ARG C 84 19.00 12.04 -31.69
CA ARG C 84 17.89 11.82 -32.60
C ARG C 84 16.59 12.45 -32.10
N GLY C 85 16.70 13.43 -31.21
CA GLY C 85 15.54 14.16 -30.74
C GLY C 85 14.70 13.43 -29.72
N GLY C 86 15.27 12.42 -29.06
CA GLY C 86 14.54 11.74 -28.02
C GLY C 86 15.27 11.90 -26.71
N ARG C 87 14.83 11.18 -25.69
CA ARG C 87 15.43 11.35 -24.37
C ARG C 87 15.39 10.03 -23.62
N ALA C 88 16.40 9.83 -22.81
CA ALA C 88 16.35 8.86 -21.72
C ALA C 88 15.93 9.61 -20.46
N VAL C 89 15.03 9.02 -19.68
CA VAL C 89 14.48 9.66 -18.49
C VAL C 89 14.56 8.68 -17.34
N ARG C 90 15.30 9.03 -16.28
CA ARG C 90 15.35 8.21 -15.09
C ARG C 90 14.12 8.46 -14.22
N LEU C 91 13.56 7.38 -13.66
CA LEU C 91 12.22 7.40 -13.08
C LEU C 91 12.29 7.15 -11.57
N VAL C 92 11.49 7.91 -10.82
CA VAL C 92 11.38 7.70 -9.38
C VAL C 92 10.66 6.39 -9.12
N SER C 93 11.21 5.55 -8.24
CA SER C 93 10.57 4.28 -7.96
C SER C 93 10.43 4.01 -6.47
N ASP C 94 10.53 5.05 -5.65
CA ASP C 94 10.40 4.96 -4.18
C ASP C 94 11.30 3.89 -3.57
N SER C 95 12.55 3.84 -4.02
CA SER C 95 13.45 2.81 -3.55
C SER C 95 14.86 3.35 -3.51
N ASP C 96 15.82 2.49 -3.18
CA ASP C 96 17.18 2.97 -2.98
C ASP C 96 18.05 2.76 -4.21
N GLY C 97 17.47 2.34 -5.33
CA GLY C 97 18.16 2.29 -6.59
C GLY C 97 19.21 1.22 -6.69
N LEU C 98 19.09 0.15 -5.90
CA LEU C 98 20.07 -0.94 -5.88
C LEU C 98 19.65 -2.15 -6.70
N ASP C 99 18.35 -2.44 -6.79
CA ASP C 99 17.87 -3.52 -7.63
C ASP C 99 16.75 -3.02 -8.53
N GLY C 100 16.56 -3.70 -9.65
CA GLY C 100 15.52 -3.30 -10.58
C GLY C 100 14.21 -3.99 -10.29
N TRP C 101 14.03 -4.51 -9.07
CA TRP C 101 12.79 -5.17 -8.67
C TRP C 101 12.41 -4.71 -7.26
N GLY C 102 11.29 -5.21 -6.78
CA GLY C 102 10.78 -4.76 -5.50
C GLY C 102 9.44 -5.42 -5.24
N GLU C 103 8.68 -4.88 -4.29
CA GLU C 103 7.30 -5.31 -4.12
C GLU C 103 6.36 -4.15 -4.41
N GLU C 104 5.27 -4.04 -3.65
CA GLU C 104 4.18 -3.11 -4.00
C GLU C 104 4.67 -1.68 -4.16
N ARG C 105 5.56 -1.22 -3.27
CA ARG C 105 5.96 0.19 -3.26
C ARG C 105 6.73 0.55 -4.52
N PHE C 106 7.77 -0.23 -4.84
CA PHE C 106 8.51 -0.07 -6.10
C PHE C 106 7.56 -0.12 -7.31
N PHE C 107 6.77 -1.20 -7.44
CA PHE C 107 5.86 -1.31 -8.60
C PHE C 107 4.93 -0.10 -8.70
N HIS C 108 4.38 0.35 -7.57
CA HIS C 108 3.38 1.41 -7.63
C HIS C 108 4.01 2.74 -7.99
N ALA C 109 5.18 3.04 -7.41
CA ALA C 109 5.82 4.32 -7.73
C ALA C 109 6.37 4.29 -9.14
N LEU C 110 6.99 3.17 -9.53
CA LEU C 110 7.55 3.08 -10.88
C LEU C 110 6.45 3.14 -11.92
N SER C 111 5.31 2.49 -11.66
CA SER C 111 4.21 2.62 -12.60
C SER C 111 3.69 4.05 -12.65
N ALA C 112 3.63 4.74 -11.50
CA ALA C 112 3.13 6.11 -11.52
C ALA C 112 4.04 7.02 -12.33
N THR C 113 5.35 6.90 -12.14
CA THR C 113 6.25 7.80 -12.85
C THR C 113 6.40 7.40 -14.31
N GLY C 114 6.33 6.09 -14.60
CA GLY C 114 6.22 5.67 -15.98
C GLY C 114 4.98 6.22 -16.65
N ALA C 115 3.84 6.16 -15.96
CA ALA C 115 2.62 6.73 -16.54
C ALA C 115 2.78 8.23 -16.79
N GLN C 116 3.40 8.94 -15.85
CA GLN C 116 3.67 10.37 -16.02
C GLN C 116 4.54 10.63 -17.23
N LEU C 117 5.59 9.83 -17.42
CA LEU C 117 6.43 9.97 -18.62
C LEU C 117 5.62 9.74 -19.90
N VAL C 118 4.74 8.75 -19.90
CA VAL C 118 3.86 8.55 -21.04
C VAL C 118 2.98 9.77 -21.29
N LEU C 119 2.32 10.27 -20.25
CA LEU C 119 1.40 11.38 -20.45
C LEU C 119 2.12 12.70 -20.76
N ASP C 120 3.31 12.93 -20.20
CA ASP C 120 4.08 14.11 -20.58
C ASP C 120 4.52 14.03 -22.05
N THR C 121 4.98 12.84 -22.49
CA THR C 121 5.25 12.63 -23.92
C THR C 121 4.00 12.87 -24.76
N ALA C 122 2.84 12.42 -24.28
CA ALA C 122 1.62 12.62 -25.04
C ALA C 122 1.28 14.11 -25.22
N GLU C 123 1.77 14.99 -24.34
CA GLU C 123 1.41 16.40 -24.44
C GLU C 123 2.19 17.14 -25.52
N ARG C 124 3.37 16.67 -25.91
CA ARG C 124 4.15 17.30 -26.96
C ARG C 124 4.21 16.47 -28.24
N CYS C 125 3.35 15.45 -28.37
CA CYS C 125 3.33 14.59 -29.55
C CYS C 125 1.90 14.41 -29.98
N ASP C 126 1.71 13.87 -31.17
CA ASP C 126 0.36 13.63 -31.67
C ASP C 126 -0.09 12.20 -31.39
N ALA C 127 0.85 11.26 -31.29
CA ALA C 127 0.52 9.87 -30.98
C ALA C 127 1.66 9.25 -30.20
N VAL C 128 1.32 8.36 -29.28
CA VAL C 128 2.31 7.67 -28.46
C VAL C 128 1.99 6.18 -28.45
N VAL C 129 3.00 5.36 -28.73
CA VAL C 129 2.93 3.94 -28.44
C VAL C 129 3.74 3.73 -27.16
N ALA C 130 3.06 3.24 -26.13
CA ALA C 130 3.67 3.07 -24.81
C ALA C 130 3.95 1.60 -24.63
N VAL C 131 5.21 1.20 -24.79
CA VAL C 131 5.60 -0.18 -24.59
C VAL C 131 6.15 -0.28 -23.18
N SER C 132 5.44 -1.01 -22.33
CA SER C 132 5.88 -1.23 -20.96
C SER C 132 6.22 -2.71 -20.76
N GLY C 133 7.28 -2.98 -20.02
CA GLY C 133 7.69 -4.34 -19.71
C GLY C 133 7.68 -4.63 -18.23
N THR C 134 7.27 -5.86 -17.88
CA THR C 134 7.33 -6.48 -16.57
C THR C 134 6.31 -5.92 -15.60
N SER C 135 6.06 -6.69 -14.52
CA SER C 135 5.10 -6.29 -13.49
C SER C 135 5.37 -4.88 -12.95
N ALA C 136 6.64 -4.44 -12.92
CA ALA C 136 6.92 -3.12 -12.37
C ALA C 136 6.21 -2.00 -13.12
N PHE C 137 5.93 -2.21 -14.42
CA PHE C 137 5.26 -1.21 -15.22
C PHE C 137 3.86 -1.63 -15.60
N ALA C 138 3.37 -2.74 -15.05
CA ALA C 138 2.09 -3.29 -15.46
C ALA C 138 0.93 -2.35 -15.20
N ARG C 139 1.06 -1.43 -14.23
CA ARG C 139 -0.06 -0.54 -13.91
C ARG C 139 -0.07 0.73 -14.74
N VAL C 140 0.99 0.98 -15.52
CA VAL C 140 1.05 2.15 -16.41
C VAL C 140 -0.18 2.24 -17.32
N PRO C 141 -0.66 1.15 -17.96
CA PRO C 141 -1.83 1.31 -18.83
C PRO C 141 -3.08 1.74 -18.08
N GLY C 142 -3.41 1.07 -16.98
CA GLY C 142 -4.54 1.49 -16.17
C GLY C 142 -4.40 2.91 -15.67
N MET C 143 -3.21 3.26 -15.15
CA MET C 143 -3.02 4.59 -14.59
C MET C 143 -3.17 5.67 -15.65
N VAL C 144 -2.67 5.40 -16.86
CA VAL C 144 -2.77 6.40 -17.93
C VAL C 144 -4.22 6.55 -18.39
N GLN C 145 -4.90 5.43 -18.61
CA GLN C 145 -6.20 5.49 -19.27
C GLN C 145 -7.31 5.88 -18.30
N ARG C 146 -7.16 5.59 -17.01
CA ARG C 146 -8.21 6.01 -16.09
C ARG C 146 -8.21 7.51 -15.85
N GLN C 147 -7.04 8.14 -15.89
CA GLN C 147 -6.88 9.50 -15.42
C GLN C 147 -6.37 10.49 -16.45
N GLY C 148 -5.91 10.04 -17.61
CA GLY C 148 -5.21 10.96 -18.48
C GLY C 148 -6.06 11.78 -19.40
N GLY C 149 -7.39 11.64 -19.38
CA GLY C 149 -8.25 12.50 -20.18
C GLY C 149 -7.93 12.44 -21.67
N GLU C 150 -7.96 13.60 -22.31
CA GLU C 150 -7.70 13.64 -23.74
C GLU C 150 -6.26 13.27 -24.06
N LEU C 151 -5.32 13.52 -23.15
CA LEU C 151 -3.96 13.08 -23.36
C LEU C 151 -3.88 11.56 -23.48
N ALA C 152 -4.70 10.86 -22.69
CA ALA C 152 -4.70 9.40 -22.74
C ALA C 152 -5.29 8.88 -24.04
N ALA C 153 -6.05 9.71 -24.75
CA ALA C 153 -6.62 9.35 -26.04
C ALA C 153 -5.60 9.34 -27.15
N LYS C 154 -4.40 9.87 -26.92
CA LYS C 154 -3.34 9.86 -27.92
C LYS C 154 -2.37 8.70 -27.73
N VAL C 155 -2.72 7.73 -26.88
CA VAL C 155 -1.79 6.70 -26.45
C VAL C 155 -2.36 5.32 -26.75
N LEU C 156 -1.51 4.44 -27.28
CA LEU C 156 -1.73 3.00 -27.30
C LEU C 156 -0.70 2.36 -26.39
N HIS C 157 -1.16 1.43 -25.53
CA HIS C 157 -0.28 0.72 -24.60
C HIS C 157 -0.05 -0.71 -25.08
N VAL C 158 1.23 -1.09 -25.15
CA VAL C 158 1.65 -2.46 -25.40
C VAL C 158 2.38 -2.91 -24.15
N HIS C 159 1.78 -3.83 -23.39
CA HIS C 159 2.46 -4.36 -22.22
C HIS C 159 3.04 -5.72 -22.52
N THR C 160 4.32 -5.91 -22.19
CA THR C 160 5.12 -7.02 -22.66
C THR C 160 6.03 -7.51 -21.53
N PHE C 161 6.74 -8.62 -21.80
CA PHE C 161 7.72 -9.20 -20.86
C PHE C 161 7.05 -9.71 -19.58
N GLY C 162 5.95 -10.42 -19.74
CA GLY C 162 5.55 -11.21 -18.60
C GLY C 162 4.17 -10.92 -18.07
N LEU C 163 3.47 -11.98 -17.71
CA LEU C 163 2.26 -11.94 -16.92
C LEU C 163 2.36 -13.09 -15.95
N ALA C 164 1.98 -12.88 -14.69
CA ALA C 164 2.07 -13.96 -13.72
C ALA C 164 1.18 -15.13 -14.12
N THR C 165 1.72 -16.34 -14.10
CA THR C 165 0.99 -17.52 -14.54
C THR C 165 1.20 -18.64 -13.52
N HIS C 166 0.66 -19.82 -13.85
CA HIS C 166 0.66 -20.98 -12.97
C HIS C 166 1.45 -22.15 -13.56
N ASP C 167 2.42 -21.86 -14.43
CA ASP C 167 3.18 -22.90 -15.10
C ASP C 167 4.56 -23.13 -14.45
N THR C 168 4.74 -22.68 -13.20
CA THR C 168 5.91 -22.99 -12.40
C THR C 168 5.46 -23.49 -11.02
N ALA C 169 6.33 -24.26 -10.35
CA ALA C 169 6.02 -24.66 -8.99
C ALA C 169 5.96 -23.44 -8.07
N HIS C 170 6.81 -22.46 -8.35
CA HIS C 170 6.99 -21.29 -7.49
C HIS C 170 5.81 -20.31 -7.65
N VAL C 171 5.18 -19.95 -6.53
CA VAL C 171 4.01 -19.08 -6.54
C VAL C 171 4.50 -17.63 -6.53
N PRO C 172 4.12 -16.81 -7.50
CA PRO C 172 4.58 -15.40 -7.51
C PRO C 172 4.06 -14.62 -6.31
N SER C 173 4.61 -13.42 -6.15
CA SER C 173 4.34 -12.60 -4.97
C SER C 173 2.99 -11.89 -5.11
N PRO C 174 2.39 -11.50 -3.97
CA PRO C 174 1.15 -10.69 -4.05
C PRO C 174 1.31 -9.47 -4.95
N ALA C 175 2.50 -8.86 -4.95
CA ALA C 175 2.74 -7.67 -5.78
C ALA C 175 2.70 -8.01 -7.27
N GLU C 176 3.36 -9.09 -7.68
CA GLU C 176 3.28 -9.49 -9.08
C GLU C 176 1.84 -9.80 -9.48
N ILE C 177 1.17 -10.66 -8.70
CA ILE C 177 -0.20 -11.06 -9.02
C ILE C 177 -1.07 -9.83 -9.24
N ALA C 178 -1.05 -8.90 -8.29
CA ALA C 178 -1.96 -7.76 -8.36
C ALA C 178 -1.64 -6.86 -9.55
N ALA C 179 -0.34 -6.56 -9.74
CA ALA C 179 0.06 -5.70 -10.85
C ALA C 179 -0.32 -6.34 -12.20
N ASP C 180 0.00 -7.62 -12.38
CA ASP C 180 -0.31 -8.28 -13.64
C ASP C 180 -1.81 -8.47 -13.83
N GLY C 181 -2.56 -8.71 -12.75
CA GLY C 181 -4.01 -8.78 -12.86
C GLY C 181 -4.63 -7.46 -13.27
N ASP C 182 -4.02 -6.36 -12.86
CA ASP C 182 -4.56 -5.04 -13.18
C ASP C 182 -4.42 -4.75 -14.66
N VAL C 183 -3.24 -5.05 -15.25
CA VAL C 183 -3.08 -4.75 -16.67
C VAL C 183 -4.00 -5.66 -17.49
N ALA C 184 -4.15 -6.91 -17.05
CA ALA C 184 -5.11 -7.81 -17.70
C ALA C 184 -6.51 -7.22 -17.70
N PHE C 185 -6.94 -6.69 -16.55
CA PHE C 185 -8.22 -5.99 -16.49
C PHE C 185 -8.31 -4.92 -17.56
N TRP C 186 -7.27 -4.09 -17.65
CA TRP C 186 -7.27 -2.95 -18.58
C TRP C 186 -7.10 -3.40 -20.02
N THR C 187 -6.45 -4.55 -20.25
CA THR C 187 -6.41 -5.11 -21.59
C THR C 187 -7.81 -5.50 -22.06
N ARG C 188 -8.55 -6.23 -21.21
CA ARG C 188 -9.96 -6.50 -21.51
C ARG C 188 -10.79 -5.23 -21.55
N GLN C 189 -10.44 -4.22 -20.76
CA GLN C 189 -11.31 -3.08 -20.50
C GLN C 189 -11.19 -1.97 -21.54
N SER C 190 -10.03 -1.81 -22.16
CA SER C 190 -9.78 -0.62 -22.96
C SER C 190 -9.24 -0.99 -24.33
N ASP C 191 -9.72 -0.27 -25.35
CA ASP C 191 -9.23 -0.48 -26.70
C ASP C 191 -7.80 -0.05 -26.87
N ARG C 192 -7.28 0.79 -25.97
CA ARG C 192 -5.93 1.35 -26.08
C ARG C 192 -4.89 0.56 -25.30
N VAL C 193 -5.26 -0.60 -24.75
CA VAL C 193 -4.32 -1.42 -24.00
C VAL C 193 -4.22 -2.79 -24.67
N SER C 194 -3.06 -3.09 -25.23
CA SER C 194 -2.72 -4.40 -25.76
C SER C 194 -1.60 -5.02 -24.93
N VAL C 195 -1.49 -6.34 -25.02
CA VAL C 195 -0.38 -7.12 -24.49
C VAL C 195 0.54 -7.51 -25.65
N GLY C 196 1.83 -7.33 -25.47
CA GLY C 196 2.80 -7.73 -26.48
C GLY C 196 3.38 -9.09 -26.14
N TYR C 197 2.96 -10.15 -26.85
CA TYR C 197 3.44 -11.49 -26.52
C TYR C 197 4.81 -11.72 -27.14
N ILE C 198 5.69 -12.39 -26.41
CA ILE C 198 7.06 -12.58 -26.88
C ILE C 198 7.25 -13.94 -27.54
N SER C 199 6.23 -14.78 -27.55
CA SER C 199 6.37 -16.15 -27.99
C SER C 199 4.98 -16.70 -28.25
N ARG C 200 4.92 -17.71 -29.12
CA ARG C 200 3.67 -18.44 -29.35
C ARG C 200 3.11 -18.99 -28.05
N TYR C 201 4.00 -19.41 -27.15
CA TYR C 201 3.59 -19.99 -25.88
C TYR C 201 2.96 -18.94 -24.96
N THR C 202 3.45 -17.69 -24.95
CA THR C 202 2.77 -16.71 -24.10
C THR C 202 1.50 -16.17 -24.75
N ALA C 203 1.51 -15.98 -26.07
CA ALA C 203 0.27 -15.62 -26.75
C ALA C 203 -0.85 -16.54 -26.33
N GLU C 204 -0.62 -17.86 -26.45
CA GLU C 204 -1.64 -18.84 -26.11
C GLU C 204 -1.95 -18.83 -24.62
N LEU C 205 -0.91 -18.83 -23.79
CA LEU C 205 -1.09 -18.97 -22.36
C LEU C 205 -1.80 -17.75 -21.77
N TYR C 206 -1.42 -16.55 -22.22
CA TYR C 206 -2.02 -15.34 -21.66
C TYR C 206 -3.47 -15.20 -22.12
N ALA C 207 -3.73 -15.42 -23.40
CA ALA C 207 -5.11 -15.45 -23.86
C ALA C 207 -5.91 -16.49 -23.09
N ARG C 208 -5.30 -17.62 -22.79
CA ARG C 208 -6.01 -18.65 -22.03
C ARG C 208 -6.14 -18.25 -20.56
N THR C 209 -5.03 -17.85 -19.93
CA THR C 209 -5.01 -17.62 -18.49
C THR C 209 -5.75 -16.34 -18.10
N TYR C 210 -5.68 -15.30 -18.94
CA TYR C 210 -6.23 -14.00 -18.60
C TYR C 210 -7.39 -13.58 -19.49
N ALA C 211 -7.85 -14.43 -20.39
CA ALA C 211 -9.04 -14.12 -21.18
C ALA C 211 -8.85 -12.85 -22.00
N ILE C 212 -7.60 -12.52 -22.31
CA ILE C 212 -7.27 -11.42 -23.19
C ILE C 212 -7.94 -11.67 -24.55
N PRO C 213 -8.82 -10.78 -25.02
CA PRO C 213 -9.32 -10.90 -26.39
C PRO C 213 -8.17 -10.89 -27.39
N ALA C 214 -8.36 -11.58 -28.51
CA ALA C 214 -7.26 -11.72 -29.46
C ALA C 214 -6.94 -10.40 -30.14
N ALA C 215 -7.91 -9.49 -30.25
CA ALA C 215 -7.60 -8.19 -30.83
C ALA C 215 -6.77 -7.31 -29.90
N ALA C 216 -6.61 -7.69 -28.65
CA ALA C 216 -5.71 -6.99 -27.74
C ALA C 216 -4.32 -7.60 -27.70
N LEU C 217 -4.03 -8.57 -28.57
CA LEU C 217 -2.75 -9.23 -28.59
C LEU C 217 -1.93 -8.72 -29.77
N LEU C 218 -0.68 -8.34 -29.49
CA LEU C 218 0.25 -7.78 -30.47
C LEU C 218 1.59 -8.50 -30.34
N PRO C 219 2.29 -8.74 -31.45
CA PRO C 219 3.59 -9.44 -31.36
C PRO C 219 4.72 -8.52 -30.89
N ASN C 220 5.47 -9.02 -29.89
CA ASN C 220 6.80 -8.49 -29.54
C ASN C 220 7.75 -9.68 -29.33
N ARG C 221 7.96 -10.43 -30.41
CA ARG C 221 8.49 -11.77 -30.31
C ARG C 221 9.98 -11.71 -30.01
N SER C 222 10.41 -12.49 -29.02
CA SER C 222 11.84 -12.71 -28.78
C SER C 222 12.55 -13.07 -30.09
N ALA C 223 13.73 -12.48 -30.27
CA ALA C 223 14.48 -12.63 -31.52
C ALA C 223 15.91 -12.18 -31.28
N ILE C 224 16.74 -12.39 -32.30
CA ILE C 224 18.14 -12.01 -32.13
C ILE C 224 18.69 -11.19 -33.27
N PRO C 225 19.65 -10.31 -33.00
CA PRO C 225 20.25 -9.55 -34.10
C PRO C 225 21.28 -10.38 -34.83
N ARG C 226 20.84 -11.24 -35.77
CA ARG C 226 21.68 -12.33 -36.25
C ARG C 226 22.86 -11.85 -37.09
N HIS C 227 22.74 -10.66 -37.71
CA HIS C 227 23.87 -10.04 -38.40
C HIS C 227 24.83 -9.30 -37.45
N ALA C 228 24.73 -9.51 -36.13
CA ALA C 228 25.70 -8.91 -35.22
C ALA C 228 27.03 -9.65 -35.32
N PRO C 229 28.15 -8.93 -35.30
CA PRO C 229 29.45 -9.60 -35.32
C PRO C 229 29.61 -10.69 -34.28
N ARG C 230 28.91 -10.63 -33.13
CA ARG C 230 29.07 -11.68 -32.14
C ARG C 230 28.53 -13.03 -32.62
N PHE C 231 27.83 -13.07 -33.75
CA PHE C 231 27.23 -14.30 -34.21
C PHE C 231 28.00 -14.94 -35.37
N GLY C 232 29.17 -14.39 -35.73
CA GLY C 232 29.87 -14.88 -36.90
C GLY C 232 30.39 -16.30 -36.75
N VAL C 233 30.47 -17.00 -37.88
CA VAL C 233 31.04 -18.33 -37.88
C VAL C 233 32.54 -18.24 -37.61
N LEU C 234 33.07 -19.26 -36.93
CA LEU C 234 34.45 -19.30 -36.51
C LEU C 234 35.17 -20.50 -37.11
N THR C 235 36.41 -20.27 -37.53
CA THR C 235 37.26 -21.36 -37.99
C THR C 235 37.74 -22.18 -36.79
N GLU C 236 37.97 -23.48 -37.05
CA GLU C 236 38.38 -24.39 -35.98
C GLU C 236 39.64 -23.90 -35.26
N GLU C 237 40.51 -23.18 -35.98
CA GLU C 237 41.68 -22.58 -35.33
C GLU C 237 41.27 -21.51 -34.32
N ARG C 238 40.31 -20.66 -34.70
CA ARG C 238 39.75 -19.70 -33.76
C ARG C 238 39.01 -20.41 -32.63
N ILE C 239 38.30 -21.50 -32.97
CA ILE C 239 37.58 -22.28 -31.96
C ILE C 239 38.54 -22.82 -30.91
N ASN C 240 39.51 -23.64 -31.35
CA ASN C 240 40.45 -24.25 -30.42
C ASN C 240 41.25 -23.21 -29.65
N GLU C 241 41.58 -22.09 -30.30
CA GLU C 241 42.26 -21.00 -29.60
C GLU C 241 41.44 -20.55 -28.39
N ARG C 242 40.14 -20.35 -28.57
CA ARG C 242 39.33 -19.80 -27.50
C ARG C 242 39.05 -20.81 -26.39
N ILE C 243 38.85 -22.08 -26.73
CA ILE C 243 38.45 -23.08 -25.73
C ILE C 243 39.67 -23.73 -25.09
N ALA C 244 40.78 -23.01 -25.04
CA ALA C 244 41.97 -23.53 -24.38
C ALA C 244 42.21 -22.82 -23.05
N PHE C 254 31.08 -31.54 -24.99
CA PHE C 254 30.29 -32.48 -25.78
C PHE C 254 28.80 -32.06 -25.74
N VAL C 255 28.28 -31.60 -24.59
CA VAL C 255 26.88 -31.15 -24.50
C VAL C 255 26.81 -29.90 -23.63
N VAL C 256 26.37 -28.79 -24.23
CA VAL C 256 26.55 -27.45 -23.66
C VAL C 256 25.24 -26.92 -23.08
N MET C 257 25.35 -26.22 -21.95
CA MET C 257 24.26 -25.47 -21.35
C MET C 257 24.86 -24.20 -20.75
N TRP C 258 24.10 -23.11 -20.78
CA TRP C 258 24.56 -21.88 -20.15
C TRP C 258 23.37 -21.00 -19.83
N GLY C 259 23.60 -20.07 -18.92
CA GLY C 259 22.59 -19.15 -18.47
C GLY C 259 22.84 -18.75 -17.03
N ARG C 260 21.79 -18.19 -16.42
CA ARG C 260 21.86 -17.78 -15.04
C ARG C 260 21.96 -18.99 -14.11
N ASN C 261 22.25 -18.72 -12.84
CA ASN C 261 22.29 -19.77 -11.84
C ASN C 261 20.87 -20.12 -11.39
N SER C 262 20.59 -21.42 -11.28
CA SER C 262 19.25 -21.85 -10.88
C SER C 262 18.94 -21.37 -9.47
N ALA C 263 17.65 -21.21 -9.18
CA ALA C 263 17.24 -20.40 -8.02
C ALA C 263 15.83 -20.77 -7.56
N PRO C 264 15.15 -20.00 -6.64
CA PRO C 264 13.78 -20.39 -6.24
C PRO C 264 12.79 -20.48 -7.38
N GLY C 265 12.39 -19.34 -7.93
CA GLY C 265 11.43 -19.30 -9.02
C GLY C 265 12.01 -19.49 -10.40
N LEU C 266 13.26 -19.91 -10.50
CA LEU C 266 13.95 -20.04 -11.79
C LEU C 266 14.73 -21.35 -11.78
N ASP C 267 14.16 -22.37 -12.40
CA ASP C 267 14.79 -23.68 -12.48
C ASP C 267 15.31 -23.87 -13.91
N LYS C 268 16.51 -23.38 -14.17
CA LYS C 268 17.19 -23.80 -15.39
C LYS C 268 17.70 -25.21 -15.17
N GLY C 269 17.31 -26.14 -16.02
CA GLY C 269 17.47 -27.55 -15.69
C GLY C 269 18.87 -28.12 -15.77
N TYR C 270 19.85 -27.42 -15.21
CA TYR C 270 21.22 -27.93 -15.25
C TYR C 270 21.33 -29.29 -14.56
N HIS C 271 20.70 -29.43 -13.39
CA HIS C 271 20.73 -30.69 -12.65
C HIS C 271 20.19 -31.85 -13.49
N LEU C 272 19.32 -31.55 -14.45
CA LEU C 272 18.78 -32.61 -15.30
C LEU C 272 19.83 -33.15 -16.28
N LEU C 273 20.80 -32.33 -16.66
CA LEU C 273 21.85 -32.85 -17.53
C LEU C 273 22.83 -33.70 -16.74
N LEU C 274 23.14 -33.30 -15.51
CA LEU C 274 24.10 -34.03 -14.70
C LEU C 274 23.57 -35.43 -14.34
N GLU C 275 22.35 -35.48 -13.79
CA GLU C 275 21.69 -36.77 -13.57
C GLU C 275 21.76 -37.64 -14.81
N ALA C 276 21.17 -37.17 -15.92
CA ALA C 276 21.15 -37.92 -17.16
C ALA C 276 22.54 -38.25 -17.69
N ALA C 277 23.57 -37.48 -17.30
CA ALA C 277 24.91 -37.77 -17.75
C ALA C 277 25.51 -38.99 -17.05
N ARG C 278 24.96 -39.38 -15.89
CA ARG C 278 25.46 -40.55 -15.18
C ARG C 278 25.33 -41.82 -16.01
N ASP C 279 24.38 -41.83 -16.95
CA ASP C 279 24.07 -43.00 -17.75
C ASP C 279 24.23 -42.69 -19.25
N LEU C 280 25.13 -41.77 -19.55
CA LEU C 280 25.48 -41.43 -20.94
C LEU C 280 26.98 -41.61 -21.11
N PRO C 281 27.42 -42.65 -21.82
CA PRO C 281 28.86 -42.99 -21.87
C PRO C 281 29.64 -42.08 -22.81
N GLY C 282 30.55 -41.30 -22.25
CA GLY C 282 31.40 -40.43 -23.05
C GLY C 282 30.83 -39.06 -23.32
N VAL C 283 29.71 -38.70 -22.72
CA VAL C 283 29.12 -37.38 -22.90
C VAL C 283 29.53 -36.50 -21.73
N VAL C 284 30.06 -35.32 -22.03
CA VAL C 284 30.51 -34.41 -20.98
C VAL C 284 29.65 -33.15 -20.96
N PRO C 285 28.88 -32.91 -19.89
CA PRO C 285 28.25 -31.60 -19.71
C PRO C 285 29.30 -30.50 -19.62
N VAL C 286 29.01 -29.39 -20.31
CA VAL C 286 29.78 -28.16 -20.18
C VAL C 286 28.78 -27.06 -19.85
N ILE C 287 28.85 -26.54 -18.63
CA ILE C 287 27.82 -25.68 -18.06
C ILE C 287 28.45 -24.35 -17.65
N ALA C 288 28.01 -23.27 -18.29
CA ALA C 288 28.58 -21.94 -18.05
C ALA C 288 27.53 -21.05 -17.38
N THR C 289 27.52 -21.08 -16.05
CA THR C 289 26.56 -20.29 -15.30
C THR C 289 27.14 -18.90 -14.97
N ARG C 290 26.24 -17.96 -14.65
CA ARG C 290 26.65 -16.58 -14.41
C ARG C 290 27.67 -16.50 -13.28
N ARG C 291 27.28 -16.94 -12.08
CA ARG C 291 28.16 -17.01 -10.93
C ARG C 291 28.49 -18.47 -10.61
N PRO C 292 29.66 -18.73 -9.99
CA PRO C 292 30.05 -20.11 -9.71
C PRO C 292 29.02 -20.86 -8.87
N ASP C 293 28.89 -22.15 -9.14
CA ASP C 293 27.81 -22.99 -8.58
C ASP C 293 28.36 -24.11 -7.70
N PRO C 294 28.29 -23.95 -6.35
CA PRO C 294 28.55 -25.07 -5.42
C PRO C 294 27.58 -26.26 -5.52
N GLY C 295 26.26 -26.05 -5.55
CA GLY C 295 25.34 -27.16 -5.59
C GLY C 295 25.45 -27.99 -6.86
N LEU C 296 25.80 -27.34 -7.97
CA LEU C 296 26.06 -28.08 -9.21
C LEU C 296 27.38 -28.82 -9.15
N ARG C 297 28.38 -28.26 -8.47
CA ARG C 297 29.61 -29.00 -8.23
C ARG C 297 29.35 -30.22 -7.34
N ARG C 298 28.46 -30.07 -6.36
CA ARG C 298 28.10 -31.19 -5.48
C ARG C 298 27.22 -32.20 -6.22
N LEU C 299 26.28 -31.73 -7.04
CA LEU C 299 25.45 -32.66 -7.81
C LEU C 299 26.27 -33.41 -8.84
N ALA C 300 27.35 -32.81 -9.36
CA ALA C 300 28.21 -33.49 -10.30
C ALA C 300 29.15 -34.49 -9.62
N ASP C 301 29.25 -34.42 -8.29
CA ASP C 301 30.11 -35.32 -7.52
C ASP C 301 29.36 -36.52 -6.93
N ARG C 302 28.09 -36.34 -6.56
CA ARG C 302 27.27 -37.45 -6.07
C ARG C 302 27.08 -38.54 -7.13
N TYR C 303 27.30 -38.22 -8.41
CA TYR C 303 27.33 -39.21 -9.48
C TYR C 303 28.73 -39.41 -10.07
N ALA C 304 29.73 -38.67 -9.60
CA ALA C 304 31.07 -38.67 -10.19
C ALA C 304 30.99 -38.47 -11.71
N VAL C 305 30.11 -37.57 -12.13
CA VAL C 305 29.95 -37.25 -13.56
C VAL C 305 31.04 -36.28 -13.98
N PRO C 306 31.72 -36.50 -15.11
CA PRO C 306 32.88 -35.67 -15.50
C PRO C 306 32.49 -34.33 -16.11
N ALA C 307 31.73 -33.53 -15.36
CA ALA C 307 31.20 -32.28 -15.89
C ALA C 307 32.31 -31.25 -16.08
N VAL C 308 31.93 -30.05 -16.52
CA VAL C 308 32.84 -28.91 -16.66
C VAL C 308 32.05 -27.66 -16.28
N LEU C 309 32.33 -27.11 -15.09
CA LEU C 309 31.50 -26.07 -14.49
C LEU C 309 32.19 -24.71 -14.66
N LEU C 310 31.70 -23.91 -15.59
CA LEU C 310 32.26 -22.59 -15.85
C LEU C 310 31.41 -21.51 -15.20
N ASP C 311 32.00 -20.32 -15.05
CA ASP C 311 31.27 -19.17 -14.57
C ASP C 311 31.67 -17.94 -15.38
N ASP C 312 30.74 -16.97 -15.44
CA ASP C 312 30.87 -15.71 -16.18
C ASP C 312 31.67 -15.86 -17.47
N GLN C 313 31.19 -16.72 -18.38
CA GLN C 313 31.88 -16.91 -19.65
C GLN C 313 31.39 -15.90 -20.69
N PRO C 314 32.31 -15.35 -21.48
CA PRO C 314 31.90 -14.38 -22.51
C PRO C 314 31.36 -15.10 -23.73
N PHE C 315 30.43 -14.45 -24.43
CA PHE C 315 29.81 -15.09 -25.58
C PHE C 315 30.81 -15.38 -26.70
N THR C 316 31.92 -14.65 -26.76
CA THR C 316 32.99 -15.00 -27.69
C THR C 316 33.39 -16.46 -27.53
N HIS C 317 33.40 -16.95 -26.29
CA HIS C 317 33.86 -18.30 -25.95
C HIS C 317 32.74 -19.32 -26.12
N LEU C 318 31.54 -19.01 -25.62
CA LEU C 318 30.40 -19.89 -25.82
C LEU C 318 30.17 -20.17 -27.30
N SER C 319 30.26 -19.13 -28.14
CA SER C 319 30.07 -19.29 -29.57
C SER C 319 31.06 -20.30 -30.13
N ALA C 320 32.33 -20.22 -29.70
CA ALA C 320 33.32 -21.20 -30.12
C ALA C 320 32.97 -22.59 -29.62
N LEU C 321 32.63 -22.69 -28.33
CA LEU C 321 32.26 -23.96 -27.74
C LEU C 321 31.05 -24.58 -28.43
N LEU C 322 30.05 -23.75 -28.78
CA LEU C 322 28.87 -24.24 -29.50
C LEU C 322 29.18 -24.64 -30.93
N GLN C 323 30.24 -24.07 -31.53
CA GLN C 323 30.55 -24.33 -32.92
C GLN C 323 31.50 -25.50 -33.12
N SER C 324 32.10 -26.02 -32.05
CA SER C 324 33.09 -27.06 -32.19
C SER C 324 32.46 -28.33 -32.73
N PRO C 325 33.14 -29.02 -33.67
CA PRO C 325 32.69 -30.37 -34.04
C PRO C 325 32.79 -31.36 -32.89
N ARG C 326 33.48 -31.02 -31.81
CA ARG C 326 33.49 -31.86 -30.62
C ARG C 326 32.27 -31.62 -29.74
N THR C 327 31.40 -30.68 -30.09
CA THR C 327 30.19 -30.40 -29.32
C THR C 327 29.00 -31.02 -30.03
N LEU C 328 28.26 -31.85 -29.30
CA LEU C 328 27.18 -32.64 -29.88
C LEU C 328 25.86 -31.88 -29.82
N ALA C 329 25.55 -31.29 -28.68
CA ALA C 329 24.28 -30.61 -28.52
C ALA C 329 24.42 -29.45 -27.55
N ALA C 330 23.46 -28.53 -27.65
CA ALA C 330 23.21 -27.51 -26.64
C ALA C 330 21.83 -27.78 -26.04
N ALA C 331 21.77 -27.89 -24.72
CA ALA C 331 20.53 -28.27 -24.04
C ALA C 331 19.92 -27.05 -23.38
N PHE C 332 18.60 -26.99 -23.42
CA PHE C 332 17.83 -25.92 -22.81
C PHE C 332 16.68 -26.57 -22.07
N LEU C 333 16.74 -26.54 -20.74
CA LEU C 333 15.87 -27.37 -19.92
C LEU C 333 15.10 -26.56 -18.88
N GLY C 334 14.97 -25.25 -19.10
CA GLY C 334 14.26 -24.41 -18.15
C GLY C 334 12.80 -24.84 -17.99
N GLU C 335 12.31 -24.65 -16.77
CA GLU C 335 11.00 -25.17 -16.37
C GLU C 335 9.88 -24.59 -17.23
N ALA C 336 9.95 -23.30 -17.51
CA ALA C 336 9.01 -22.64 -18.40
C ALA C 336 9.56 -21.32 -18.88
N GLU C 337 10.50 -21.35 -19.82
CA GLU C 337 11.02 -20.11 -20.40
C GLU C 337 9.92 -19.46 -21.22
N PRO C 338 9.53 -18.23 -20.91
CA PRO C 338 8.48 -17.57 -21.70
C PRO C 338 8.95 -17.16 -23.09
N GLY C 339 10.21 -16.76 -23.24
CA GLY C 339 10.73 -16.27 -24.50
C GLY C 339 12.25 -16.33 -24.60
N ALA C 340 12.83 -17.43 -24.16
CA ALA C 340 14.29 -17.61 -24.24
C ALA C 340 14.82 -17.29 -25.63
N VAL C 341 15.88 -16.47 -25.67
CA VAL C 341 16.62 -16.27 -26.91
C VAL C 341 17.86 -17.17 -27.00
N SER C 342 18.33 -17.70 -25.88
CA SER C 342 19.47 -18.63 -25.87
C SER C 342 19.40 -19.74 -26.91
N PRO C 343 18.30 -20.50 -27.06
CA PRO C 343 18.31 -21.53 -28.11
C PRO C 343 18.37 -20.96 -29.53
N MET C 344 17.73 -19.82 -29.78
CA MET C 344 17.91 -19.12 -31.06
C MET C 344 19.37 -18.85 -31.31
N GLU C 345 20.10 -18.46 -30.27
CA GLU C 345 21.51 -18.12 -30.44
C GLU C 345 22.33 -19.34 -30.85
N ALA C 346 22.16 -20.46 -30.14
CA ALA C 346 22.90 -21.67 -30.49
C ALA C 346 22.59 -22.09 -31.92
N MET C 347 21.29 -22.12 -32.26
CA MET C 347 20.88 -22.47 -33.62
C MET C 347 21.57 -21.59 -34.66
N TRP C 348 21.76 -20.32 -34.33
CA TRP C 348 22.31 -19.40 -35.31
C TRP C 348 23.83 -19.42 -35.36
N VAL C 349 24.52 -19.56 -34.23
CA VAL C 349 25.98 -19.60 -34.34
C VAL C 349 26.44 -20.95 -34.87
N ALA C 350 25.69 -22.01 -34.63
CA ALA C 350 26.02 -23.34 -35.15
C ALA C 350 25.45 -23.59 -36.55
N ARG C 351 25.27 -22.54 -37.35
CA ARG C 351 24.63 -22.70 -38.65
C ARG C 351 25.49 -23.48 -39.64
N GLU C 352 26.82 -23.54 -39.43
CA GLU C 352 27.72 -24.33 -40.27
C GLU C 352 28.23 -25.57 -39.56
N SER C 353 28.60 -25.47 -38.29
CA SER C 353 29.18 -26.59 -37.56
C SER C 353 28.69 -26.60 -36.12
N GLY C 354 28.74 -27.78 -35.52
CA GLY C 354 28.73 -27.91 -34.07
C GLY C 354 27.40 -28.43 -33.54
N ALA C 355 26.83 -27.70 -32.59
CA ALA C 355 25.73 -28.22 -31.80
C ALA C 355 24.43 -28.24 -32.60
N LEU C 356 23.62 -29.24 -32.30
CA LEU C 356 22.19 -29.21 -32.56
C LEU C 356 21.48 -29.02 -31.22
N VAL C 357 20.30 -28.45 -31.26
CA VAL C 357 19.68 -28.00 -30.01
C VAL C 357 18.81 -29.12 -29.44
N ILE C 358 18.91 -29.31 -28.14
CA ILE C 358 17.98 -30.13 -27.38
C ILE C 358 17.15 -29.19 -26.50
N ALA C 359 15.83 -29.21 -26.68
CA ALA C 359 14.93 -28.29 -25.99
C ALA C 359 13.91 -29.06 -25.17
N ALA C 360 13.57 -28.52 -23.99
CA ALA C 360 12.54 -29.15 -23.19
C ALA C 360 11.16 -28.87 -23.79
N ASP C 361 10.18 -29.69 -23.38
CA ASP C 361 8.83 -29.58 -23.94
C ASP C 361 8.00 -28.58 -23.14
N THR C 362 8.65 -27.52 -22.66
CA THR C 362 8.01 -26.52 -21.82
C THR C 362 8.48 -25.14 -22.24
N GLY C 363 7.60 -24.16 -22.08
CA GLY C 363 7.94 -22.79 -22.42
C GLY C 363 7.88 -22.55 -23.92
N ASN C 364 8.74 -21.64 -24.39
CA ASN C 364 8.82 -21.37 -25.82
C ASN C 364 9.81 -22.29 -26.54
N LEU C 365 10.44 -23.22 -25.82
CA LEU C 365 11.48 -24.04 -26.44
C LEU C 365 10.96 -24.87 -27.60
N PRO C 366 9.80 -25.57 -27.51
CA PRO C 366 9.31 -26.32 -28.67
C PRO C 366 9.12 -25.47 -29.91
N GLU C 367 8.57 -24.26 -29.76
CA GLU C 367 8.47 -23.35 -30.88
C GLU C 367 9.83 -23.08 -31.51
N VAL C 368 10.86 -22.90 -30.67
CA VAL C 368 12.15 -22.49 -31.20
C VAL C 368 12.68 -23.56 -32.14
N VAL C 369 12.59 -24.82 -31.74
CA VAL C 369 13.07 -25.92 -32.55
C VAL C 369 11.96 -26.50 -33.43
N ASP C 370 10.89 -25.73 -33.67
CA ASP C 370 9.83 -26.10 -34.61
C ASP C 370 9.28 -27.50 -34.35
N ASP C 371 9.18 -27.85 -33.06
CA ASP C 371 8.52 -29.07 -32.60
C ASP C 371 9.20 -30.35 -33.10
N GLY C 372 10.50 -30.30 -33.33
CA GLY C 372 11.27 -31.46 -33.75
C GLY C 372 11.96 -31.31 -35.08
N ALA C 373 11.48 -30.41 -35.94
CA ALA C 373 12.08 -30.22 -37.26
C ALA C 373 13.40 -29.46 -37.19
N ALA C 374 13.66 -28.70 -36.12
CA ALA C 374 14.85 -27.87 -36.08
C ALA C 374 15.66 -28.11 -34.81
N GLY C 375 15.47 -29.27 -34.19
CA GLY C 375 16.07 -29.57 -32.92
C GLY C 375 15.28 -30.66 -32.24
N ILE C 376 15.83 -31.16 -31.14
CA ILE C 376 15.30 -32.34 -30.46
C ILE C 376 14.49 -31.90 -29.25
N VAL C 377 13.20 -32.24 -29.25
CA VAL C 377 12.32 -31.93 -28.12
C VAL C 377 12.36 -33.10 -27.14
N THR C 378 12.53 -32.79 -25.85
CA THR C 378 12.58 -33.83 -24.82
C THR C 378 11.70 -33.50 -23.62
N ARG C 379 11.14 -34.54 -23.01
CA ARG C 379 10.46 -34.37 -21.73
C ARG C 379 11.48 -33.96 -20.67
N ARG C 380 10.98 -33.54 -19.51
CA ARG C 380 11.80 -32.87 -18.52
C ARG C 380 12.27 -33.81 -17.39
N THR C 381 12.43 -35.09 -17.70
CA THR C 381 12.98 -36.05 -16.75
C THR C 381 14.45 -36.31 -17.07
N ALA C 382 15.18 -36.84 -16.10
CA ALA C 382 16.55 -37.27 -16.37
C ALA C 382 16.58 -38.41 -17.38
N ALA C 383 15.59 -39.31 -17.33
CA ALA C 383 15.56 -40.45 -18.25
C ALA C 383 15.31 -39.99 -19.67
N ASP C 384 14.32 -39.11 -19.86
CA ASP C 384 14.01 -38.60 -21.19
C ASP C 384 15.15 -37.74 -21.74
N VAL C 385 15.83 -36.99 -20.86
CA VAL C 385 16.91 -36.11 -21.29
C VAL C 385 18.11 -36.94 -21.75
N ALA C 386 18.40 -38.03 -21.06
CA ALA C 386 19.44 -38.95 -21.52
C ALA C 386 19.07 -39.57 -22.86
N ASP C 387 17.81 -40.00 -23.02
CA ASP C 387 17.35 -40.55 -24.29
C ASP C 387 17.42 -39.50 -25.40
N ALA C 388 17.25 -38.22 -25.05
CA ALA C 388 17.37 -37.15 -26.02
C ALA C 388 18.78 -37.07 -26.59
N VAL C 389 19.78 -37.05 -25.71
CA VAL C 389 21.18 -37.01 -26.16
C VAL C 389 21.48 -38.20 -27.06
N ARG C 390 20.93 -39.37 -26.71
CA ARG C 390 21.08 -40.53 -27.59
C ARG C 390 20.43 -40.26 -28.95
N ARG C 391 19.24 -39.67 -28.95
CA ARG C 391 18.52 -39.49 -30.22
C ARG C 391 19.25 -38.56 -31.18
N VAL C 392 19.93 -37.54 -30.66
CA VAL C 392 20.72 -36.69 -31.53
C VAL C 392 22.01 -37.37 -31.96
N ARG C 393 22.61 -38.19 -31.08
CA ARG C 393 23.78 -38.98 -31.47
C ARG C 393 23.42 -39.98 -32.55
N LYS C 394 22.23 -40.58 -32.47
CA LYS C 394 21.78 -41.60 -33.42
C LYS C 394 21.56 -41.03 -34.82
N LEU C 395 21.73 -39.71 -34.97
CA LEU C 395 21.41 -39.05 -36.23
C LEU C 395 22.54 -39.21 -37.22
N THR C 396 22.19 -39.46 -38.49
CA THR C 396 23.20 -39.59 -39.53
C THR C 396 23.87 -38.24 -39.81
N ALA C 397 24.96 -38.29 -40.57
CA ALA C 397 25.60 -37.07 -41.04
C ALA C 397 24.63 -36.23 -41.85
N ASP C 398 23.91 -36.88 -42.77
CA ASP C 398 23.01 -36.13 -43.64
C ASP C 398 21.85 -35.52 -42.88
N GLU C 399 21.40 -36.17 -41.80
CA GLU C 399 20.31 -35.61 -41.01
C GLU C 399 20.79 -34.45 -40.12
N ARG C 400 21.99 -34.56 -39.53
CA ARG C 400 22.55 -33.42 -38.82
C ARG C 400 22.68 -32.22 -39.75
N ARG C 401 22.94 -32.47 -41.04
CA ARG C 401 22.98 -31.39 -42.02
C ARG C 401 21.62 -30.75 -42.19
N ARG C 402 20.57 -31.56 -42.34
CA ARG C 402 19.26 -31.01 -42.65
C ARG C 402 18.65 -30.34 -41.43
N MET C 403 18.87 -30.91 -40.24
CA MET C 403 18.37 -30.26 -39.05
C MET C 403 19.11 -28.94 -38.80
N ARG C 404 20.43 -28.93 -38.99
CA ARG C 404 21.20 -27.70 -38.80
C ARG C 404 20.71 -26.61 -39.74
N ALA C 405 20.36 -26.96 -40.98
CA ALA C 405 19.92 -25.94 -41.92
C ALA C 405 18.47 -25.51 -41.69
N ALA C 406 17.64 -26.39 -41.13
CA ALA C 406 16.29 -25.96 -40.77
C ALA C 406 16.34 -25.00 -39.59
N ALA C 407 17.25 -25.25 -38.65
CA ALA C 407 17.41 -24.39 -37.47
C ALA C 407 17.83 -22.97 -37.87
N ALA C 408 18.83 -22.87 -38.75
CA ALA C 408 19.30 -21.56 -39.18
C ALA C 408 18.22 -20.82 -39.95
N ALA C 409 17.53 -21.50 -40.84
CA ALA C 409 16.49 -20.86 -41.64
C ALA C 409 15.33 -20.40 -40.79
N ARG C 410 15.07 -21.06 -39.65
CA ARG C 410 13.94 -20.68 -38.82
C ARG C 410 14.27 -19.43 -38.02
N VAL C 411 15.47 -19.39 -37.43
CA VAL C 411 15.99 -18.13 -36.86
C VAL C 411 15.89 -17.02 -37.89
N ARG C 412 16.23 -17.33 -39.15
CA ARG C 412 16.32 -16.31 -40.19
C ARG C 412 14.94 -15.81 -40.58
N ALA C 413 13.93 -16.66 -40.49
CA ALA C 413 12.60 -16.32 -40.94
C ALA C 413 11.68 -15.93 -39.80
N ARG C 414 11.90 -16.46 -38.61
CA ARG C 414 10.97 -16.25 -37.52
C ARG C 414 11.53 -15.42 -36.36
N PHE C 415 12.84 -15.47 -36.11
CA PHE C 415 13.44 -14.89 -34.91
C PHE C 415 14.54 -13.90 -35.27
N ASP C 416 14.30 -13.09 -36.28
CA ASP C 416 15.17 -11.99 -36.66
C ASP C 416 14.74 -10.74 -35.90
N PHE C 417 15.68 -10.09 -35.22
CA PHE C 417 15.28 -8.99 -34.36
C PHE C 417 14.78 -7.82 -35.21
N ALA C 418 15.51 -7.49 -36.28
CA ALA C 418 15.12 -6.37 -37.13
C ALA C 418 13.69 -6.53 -37.64
N ALA C 419 13.31 -7.75 -38.05
CA ALA C 419 11.98 -7.94 -38.61
C ALA C 419 10.91 -8.02 -37.54
N ASN C 420 11.19 -8.67 -36.41
CA ASN C 420 10.15 -8.82 -35.38
C ASN C 420 9.84 -7.51 -34.67
N VAL C 421 10.82 -6.61 -34.56
CA VAL C 421 10.51 -5.34 -33.92
C VAL C 421 9.86 -4.40 -34.92
N ARG C 422 10.12 -4.58 -36.22
CA ARG C 422 9.38 -3.82 -37.21
C ARG C 422 7.94 -4.29 -37.28
N GLU C 423 7.73 -5.60 -37.09
CA GLU C 423 6.36 -6.10 -36.93
C GLU C 423 5.66 -5.44 -35.75
N LEU C 424 6.37 -5.29 -34.63
CA LEU C 424 5.79 -4.66 -33.44
C LEU C 424 5.38 -3.22 -33.74
N ALA C 425 6.29 -2.45 -34.34
CA ALA C 425 5.96 -1.11 -34.79
C ALA C 425 4.69 -1.09 -35.64
N ASP C 426 4.70 -1.86 -36.75
CA ASP C 426 3.59 -1.82 -37.71
C ASP C 426 2.28 -2.21 -37.04
N ALA C 427 2.27 -3.29 -36.24
CA ALA C 427 1.04 -3.68 -35.58
C ALA C 427 0.57 -2.58 -34.63
N ALA C 428 1.52 -1.96 -33.91
CA ALA C 428 1.17 -0.89 -32.99
C ALA C 428 0.62 0.31 -33.74
N VAL C 429 1.32 0.76 -34.78
CA VAL C 429 0.85 1.88 -35.58
C VAL C 429 -0.49 1.53 -36.22
N ASP C 430 -0.60 0.33 -36.79
CA ASP C 430 -1.87 -0.04 -37.42
C ASP C 430 -2.98 -0.06 -36.39
N ARG C 431 -2.70 -0.51 -35.18
CA ARG C 431 -3.74 -0.55 -34.16
C ARG C 431 -4.11 0.85 -33.67
N LEU C 432 -3.13 1.77 -33.66
CA LEU C 432 -3.42 3.16 -33.32
C LEU C 432 -4.41 3.77 -34.28
N ALA C 433 -4.18 3.58 -35.59
CA ALA C 433 -5.12 4.07 -36.59
C ALA C 433 -6.51 3.47 -36.41
N GLU C 434 -6.58 2.16 -36.15
CA GLU C 434 -7.87 1.51 -35.95
C GLU C 434 -8.66 2.16 -34.81
N VAL C 435 -8.05 2.31 -33.64
CA VAL C 435 -8.83 2.83 -32.51
C VAL C 435 -9.14 4.30 -32.71
N SER C 436 -8.27 5.05 -33.40
CA SER C 436 -8.56 6.44 -33.70
C SER C 436 -9.67 6.57 -34.73
N LYS C 437 -9.86 5.54 -35.57
CA LYS C 437 -11.01 5.52 -36.47
C LYS C 437 -12.31 5.54 -35.68
N LEU C 438 -12.48 4.59 -34.75
CA LEU C 438 -13.64 4.57 -33.89
C LEU C 438 -13.65 5.80 -32.99
N ARG D 9 -7.79 -9.26 39.47
CA ARG D 9 -8.57 -9.61 38.28
C ARG D 9 -7.64 -10.21 37.21
N ALA D 10 -8.15 -10.42 35.99
CA ALA D 10 -7.49 -11.26 34.99
C ALA D 10 -6.65 -10.40 34.04
N LEU D 11 -5.34 -10.43 34.24
CA LEU D 11 -4.38 -9.68 33.45
C LEU D 11 -3.75 -10.57 32.39
N ALA D 12 -3.53 -10.02 31.21
CA ALA D 12 -2.92 -10.74 30.12
C ALA D 12 -1.76 -9.93 29.56
N PHE D 13 -0.62 -10.58 29.38
CA PHE D 13 0.49 -10.00 28.65
C PHE D 13 0.47 -10.64 27.26
N VAL D 14 0.30 -9.81 26.23
CA VAL D 14 0.32 -10.27 24.85
C VAL D 14 1.65 -9.84 24.27
N TRP D 15 2.51 -10.82 23.94
CA TRP D 15 3.83 -10.57 23.38
C TRP D 15 3.73 -10.75 21.87
N LEU D 16 3.86 -9.67 21.11
CA LEU D 16 3.81 -9.73 19.65
C LEU D 16 5.26 -9.68 19.16
N MET D 17 5.76 -10.83 18.72
CA MET D 17 7.19 -11.03 18.48
C MET D 17 7.41 -11.65 17.10
N VAL D 18 8.37 -11.10 16.34
CA VAL D 18 8.54 -11.54 14.95
C VAL D 18 9.18 -12.91 14.85
N GLU D 19 9.75 -13.42 15.94
CA GLU D 19 10.37 -14.74 16.00
C GLU D 19 10.44 -15.14 17.47
N GLY D 20 10.92 -16.36 17.72
CA GLY D 20 10.95 -16.84 19.08
C GLY D 20 10.43 -18.24 19.31
N ALA D 21 9.51 -18.71 18.45
CA ALA D 21 8.97 -20.05 18.60
C ALA D 21 9.23 -20.89 17.35
N GLN D 22 8.57 -20.63 16.22
CA GLN D 22 8.87 -21.38 15.01
C GLN D 22 10.30 -21.15 14.57
N VAL D 23 10.75 -19.91 14.61
CA VAL D 23 12.09 -19.55 14.17
C VAL D 23 12.84 -18.92 15.34
N ALA D 24 14.17 -19.06 15.35
CA ALA D 24 15.00 -18.41 16.37
C ALA D 24 16.38 -18.17 15.77
N ALA D 25 16.61 -16.95 15.30
CA ALA D 25 17.90 -16.63 14.67
C ALA D 25 18.54 -15.35 15.18
N GLY D 26 17.90 -14.59 16.06
CA GLY D 26 18.39 -13.27 16.37
C GLY D 26 18.00 -12.80 17.75
N GLY D 27 18.11 -11.48 17.95
CA GLY D 27 17.88 -10.91 19.27
C GLY D 27 16.47 -11.12 19.78
N VAL D 28 15.46 -10.86 18.95
CA VAL D 28 14.08 -10.98 19.42
C VAL D 28 13.82 -12.38 19.96
N ALA D 29 14.40 -13.39 19.30
CA ALA D 29 14.16 -14.77 19.72
C ALA D 29 14.82 -15.07 21.06
N GLY D 30 15.99 -14.48 21.32
CA GLY D 30 16.59 -14.60 22.65
C GLY D 30 15.72 -14.00 23.74
N TYR D 31 15.05 -12.91 23.43
CA TYR D 31 14.20 -12.27 24.43
C TYR D 31 13.00 -13.15 24.78
N VAL D 32 12.32 -13.67 23.75
CA VAL D 32 11.20 -14.59 23.95
C VAL D 32 11.63 -15.78 24.81
N ARG D 33 12.78 -16.38 24.47
CA ARG D 33 13.34 -17.48 25.25
C ARG D 33 13.51 -17.11 26.72
N ASN D 34 14.18 -15.97 27.00
CA ASN D 34 14.31 -15.54 28.39
C ASN D 34 12.94 -15.32 29.01
N LEU D 35 12.03 -14.78 28.22
CA LEU D 35 10.72 -14.44 28.76
C LEU D 35 9.95 -15.68 29.18
N LEU D 36 9.99 -16.74 28.37
CA LEU D 36 9.28 -17.95 28.72
C LEU D 36 9.86 -18.61 29.96
N ASP D 37 11.20 -18.64 30.08
CA ASP D 37 11.80 -19.26 31.25
C ASP D 37 11.49 -18.50 32.54
N GLU D 38 11.28 -17.19 32.45
CA GLU D 38 10.87 -16.39 33.60
C GLU D 38 9.36 -16.38 33.83
N GLN D 39 8.57 -17.15 33.07
CA GLN D 39 7.11 -17.01 33.13
C GLN D 39 6.58 -17.28 34.53
N ASP D 40 6.92 -18.45 35.10
CA ASP D 40 6.41 -18.82 36.42
C ASP D 40 6.83 -17.81 37.50
N ALA D 41 8.05 -17.26 37.41
CA ALA D 41 8.48 -16.26 38.38
C ALA D 41 7.67 -14.98 38.25
N LEU D 42 7.57 -14.46 37.02
CA LEU D 42 6.81 -13.25 36.75
C LEU D 42 5.37 -13.35 37.24
N ARG D 43 4.77 -14.52 37.21
CA ARG D 43 3.39 -14.55 37.63
C ARG D 43 3.25 -14.73 39.13
N ASP D 44 4.17 -15.44 39.76
CA ASP D 44 4.26 -15.38 41.22
C ASP D 44 4.41 -13.95 41.68
N HIS D 45 5.24 -13.18 40.97
CA HIS D 45 5.43 -11.77 41.28
C HIS D 45 4.14 -10.97 41.05
N LEU D 46 3.52 -11.10 39.88
CA LEU D 46 2.33 -10.30 39.61
C LEU D 46 1.14 -10.77 40.43
N ALA D 47 1.14 -12.04 40.87
CA ALA D 47 0.13 -12.48 41.84
C ALA D 47 0.27 -11.71 43.15
N GLU D 48 1.51 -11.39 43.54
CA GLU D 48 1.74 -10.61 44.74
C GLU D 48 1.13 -9.22 44.62
N ARG D 49 0.92 -8.74 43.40
CA ARG D 49 0.35 -7.43 43.12
C ARG D 49 -1.14 -7.47 42.87
N GLY D 50 -1.79 -8.59 43.10
CA GLY D 50 -3.23 -8.69 42.92
C GLY D 50 -3.72 -9.16 41.55
N TRP D 51 -2.82 -9.54 40.65
CA TRP D 51 -3.19 -9.88 39.27
C TRP D 51 -3.00 -11.36 39.01
N SER D 52 -4.01 -12.00 38.42
CA SER D 52 -3.85 -13.31 37.80
C SER D 52 -3.35 -13.11 36.38
N VAL D 53 -2.23 -13.72 36.02
CA VAL D 53 -1.55 -13.40 34.78
C VAL D 53 -1.56 -14.62 33.88
N GLU D 54 -1.90 -14.41 32.60
CA GLU D 54 -1.68 -15.37 31.54
C GLU D 54 -0.84 -14.70 30.45
N PHE D 55 -0.01 -15.51 29.80
CA PHE D 55 0.84 -15.07 28.71
C PHE D 55 0.23 -15.48 27.37
N VAL D 56 0.29 -14.57 26.40
CA VAL D 56 -0.16 -14.83 25.04
C VAL D 56 0.97 -14.41 24.11
N LEU D 57 1.38 -15.32 23.23
CA LEU D 57 2.48 -15.10 22.31
C LEU D 57 1.95 -15.05 20.88
N GLY D 58 2.18 -13.94 20.18
CA GLY D 58 1.84 -13.84 18.77
C GLY D 58 3.06 -13.71 17.87
N GLU D 59 3.22 -14.64 16.93
CA GLU D 59 4.38 -14.75 16.03
C GLU D 59 3.88 -15.02 14.61
N PRO D 60 4.43 -14.36 13.59
CA PRO D 60 4.00 -14.63 12.22
C PRO D 60 4.20 -16.09 11.84
N PHE D 61 3.27 -16.60 11.03
CA PHE D 61 3.43 -17.89 10.38
C PHE D 61 4.74 -17.94 9.63
N TYR D 62 5.51 -18.99 9.87
CA TYR D 62 6.66 -19.36 9.05
C TYR D 62 6.40 -20.72 8.43
N ASP D 63 7.00 -20.96 7.28
CA ASP D 63 6.89 -22.32 6.80
C ASP D 63 8.20 -23.08 7.02
N PRO D 64 8.15 -24.42 7.03
CA PRO D 64 9.30 -25.21 7.53
C PRO D 64 10.62 -24.96 6.82
N GLY D 65 10.63 -24.36 5.64
CA GLY D 65 11.92 -24.07 5.03
C GLY D 65 12.63 -22.85 5.56
N ALA D 66 11.93 -22.02 6.32
CA ALA D 66 12.47 -20.73 6.70
C ALA D 66 13.79 -20.90 7.46
N PRO D 67 14.77 -19.98 7.27
CA PRO D 67 16.02 -20.03 8.06
C PRO D 67 15.77 -20.02 9.56
N GLY D 68 16.11 -21.11 10.24
CA GLY D 68 15.94 -21.20 11.68
C GLY D 68 14.69 -21.93 12.13
N TYR D 69 13.94 -22.54 11.21
CA TYR D 69 12.72 -23.24 11.61
C TYR D 69 13.06 -24.45 12.46
N ASP D 70 12.20 -24.74 13.44
CA ASP D 70 12.30 -25.96 14.25
C ASP D 70 10.91 -26.30 14.77
N GLU D 71 10.29 -27.33 14.18
CA GLU D 71 8.93 -27.70 14.55
C GLU D 71 8.85 -28.12 16.01
N GLU D 72 9.94 -28.67 16.57
CA GLU D 72 9.91 -29.12 17.96
C GLU D 72 9.87 -27.94 18.91
N ARG D 73 10.60 -26.87 18.59
CA ARG D 73 10.55 -25.68 19.43
C ARG D 73 9.16 -25.09 19.43
N TRP D 74 8.51 -25.07 18.26
CA TRP D 74 7.17 -24.50 18.20
C TRP D 74 6.23 -25.26 19.12
N ARG D 75 6.37 -26.60 19.17
CA ARG D 75 5.53 -27.40 20.06
C ARG D 75 5.90 -27.20 21.54
N ARG D 76 7.20 -27.06 21.83
CA ARG D 76 7.62 -26.77 23.19
C ARG D 76 7.00 -25.46 23.69
N VAL D 77 7.24 -24.36 22.95
CA VAL D 77 6.66 -23.07 23.32
C VAL D 77 5.14 -23.16 23.42
N ARG D 78 4.51 -23.73 22.39
CA ARG D 78 3.04 -23.81 22.34
C ARG D 78 2.49 -24.56 23.54
N GLU D 79 3.12 -25.67 23.92
CA GLU D 79 2.54 -26.50 24.96
C GLU D 79 2.89 -25.98 26.35
N HIS D 80 4.11 -25.45 26.51
CA HIS D 80 4.46 -24.78 27.76
C HIS D 80 3.47 -23.67 28.05
N LEU D 81 3.12 -22.86 27.04
CA LEU D 81 2.11 -21.82 27.22
C LEU D 81 0.76 -22.42 27.63
N ALA D 82 0.29 -23.42 26.89
CA ALA D 82 -1.06 -23.93 27.16
C ALA D 82 -1.14 -24.62 28.51
N ALA D 83 -0.06 -25.27 28.96
CA ALA D 83 -0.08 -25.88 30.28
C ALA D 83 -0.26 -24.84 31.39
N ARG D 84 0.04 -23.58 31.13
CA ARG D 84 -0.09 -22.52 32.11
C ARG D 84 -1.30 -21.64 31.84
N GLY D 85 -2.24 -22.11 31.03
CA GLY D 85 -3.41 -21.33 30.69
C GLY D 85 -3.18 -20.25 29.64
N GLY D 86 -2.00 -20.21 29.04
CA GLY D 86 -1.70 -19.24 28.00
C GLY D 86 -1.89 -19.82 26.62
N ARG D 87 -1.36 -19.11 25.63
CA ARG D 87 -1.45 -19.62 24.26
C ARG D 87 -0.47 -18.90 23.37
N ALA D 88 0.16 -19.66 22.48
CA ALA D 88 0.89 -19.15 21.33
C ALA D 88 -0.04 -19.17 20.12
N VAL D 89 0.05 -18.13 19.30
CA VAL D 89 -0.83 -17.95 18.15
C VAL D 89 0.02 -17.57 16.94
N ARG D 90 0.00 -18.40 15.89
CA ARG D 90 0.67 -18.04 14.64
C ARG D 90 -0.18 -17.03 13.88
N LEU D 91 0.49 -16.12 13.18
CA LEU D 91 -0.20 -14.93 12.67
C LEU D 91 0.06 -14.75 11.18
N VAL D 92 -1.03 -14.40 10.47
CA VAL D 92 -1.01 -14.06 9.05
C VAL D 92 -0.26 -12.75 8.84
N SER D 93 0.71 -12.78 7.94
CA SER D 93 1.52 -11.62 7.61
C SER D 93 1.53 -11.31 6.12
N ASP D 94 0.64 -11.93 5.34
CA ASP D 94 0.57 -11.75 3.89
C ASP D 94 1.92 -11.94 3.24
N SER D 95 2.57 -13.04 3.56
CA SER D 95 3.92 -13.29 3.05
C SER D 95 4.12 -14.79 2.93
N ASP D 96 5.29 -15.18 2.41
CA ASP D 96 5.56 -16.59 2.12
C ASP D 96 6.07 -17.38 3.33
N GLY D 97 6.29 -16.73 4.47
CA GLY D 97 6.74 -17.42 5.67
C GLY D 97 8.20 -17.81 5.66
N LEU D 98 9.01 -17.22 4.78
CA LEU D 98 10.42 -17.59 4.66
C LEU D 98 11.34 -16.65 5.40
N ASP D 99 10.83 -15.52 5.89
CA ASP D 99 11.68 -14.53 6.51
C ASP D 99 10.83 -13.73 7.49
N GLY D 100 11.41 -13.39 8.63
CA GLY D 100 10.68 -12.64 9.63
C GLY D 100 10.74 -11.15 9.39
N TRP D 101 11.00 -10.75 8.14
CA TRP D 101 10.97 -9.33 7.78
C TRP D 101 10.26 -9.18 6.43
N GLY D 102 10.25 -7.94 5.93
CA GLY D 102 9.49 -7.62 4.73
C GLY D 102 9.38 -6.12 4.59
N GLU D 103 8.35 -5.69 3.86
CA GLU D 103 8.05 -4.28 3.66
C GLU D 103 6.61 -3.95 4.05
N GLU D 104 6.00 -2.98 3.33
CA GLU D 104 4.70 -2.46 3.77
C GLU D 104 3.64 -3.55 3.86
N ARG D 105 3.60 -4.43 2.87
CA ARG D 105 2.60 -5.50 2.88
C ARG D 105 2.74 -6.36 4.13
N PHE D 106 3.96 -6.81 4.44
CA PHE D 106 4.21 -7.67 5.61
C PHE D 106 3.89 -6.94 6.92
N PHE D 107 4.36 -5.69 7.06
CA PHE D 107 4.05 -4.91 8.27
C PHE D 107 2.56 -4.69 8.44
N HIS D 108 1.86 -4.35 7.35
CA HIS D 108 0.46 -3.99 7.48
C HIS D 108 -0.38 -5.19 7.87
N ALA D 109 -0.12 -6.34 7.26
CA ALA D 109 -0.87 -7.55 7.57
C ALA D 109 -0.56 -8.04 8.98
N LEU D 110 0.73 -8.07 9.34
CA LEU D 110 1.11 -8.58 10.65
C LEU D 110 0.65 -7.64 11.78
N SER D 111 0.75 -6.33 11.56
CA SER D 111 0.12 -5.42 12.50
C SER D 111 -1.38 -5.68 12.62
N ALA D 112 -2.09 -5.85 11.49
CA ALA D 112 -3.54 -6.07 11.54
C ALA D 112 -3.90 -7.32 12.33
N THR D 113 -3.18 -8.42 12.10
CA THR D 113 -3.47 -9.64 12.86
C THR D 113 -2.95 -9.53 14.28
N GLY D 114 -1.80 -8.86 14.47
CA GLY D 114 -1.37 -8.50 15.81
C GLY D 114 -2.43 -7.77 16.61
N ALA D 115 -3.02 -6.71 16.02
CA ALA D 115 -4.10 -5.98 16.68
C ALA D 115 -5.29 -6.88 17.00
N GLN D 116 -5.64 -7.78 16.07
CA GLN D 116 -6.77 -8.67 16.25
C GLN D 116 -6.56 -9.54 17.47
N LEU D 117 -5.35 -10.11 17.59
CA LEU D 117 -5.00 -10.95 18.73
C LEU D 117 -5.10 -10.18 20.04
N VAL D 118 -4.79 -8.89 20.03
CA VAL D 118 -4.92 -8.10 21.25
C VAL D 118 -6.38 -7.89 21.61
N LEU D 119 -7.18 -7.49 20.63
CA LEU D 119 -8.60 -7.25 20.91
C LEU D 119 -9.30 -8.53 21.32
N ASP D 120 -9.03 -9.65 20.64
CA ASP D 120 -9.59 -10.93 21.08
C ASP D 120 -9.13 -11.26 22.51
N THR D 121 -7.88 -10.94 22.86
CA THR D 121 -7.44 -11.15 24.24
C THR D 121 -8.18 -10.23 25.20
N ALA D 122 -8.27 -8.95 24.84
CA ALA D 122 -8.94 -7.98 25.71
C ALA D 122 -10.40 -8.35 25.97
N GLU D 123 -11.01 -9.16 25.09
CA GLU D 123 -12.41 -9.52 25.29
C GLU D 123 -12.60 -10.50 26.43
N ARG D 124 -11.63 -11.41 26.66
CA ARG D 124 -11.76 -12.38 27.74
C ARG D 124 -10.92 -12.04 28.97
N CYS D 125 -10.49 -10.78 29.11
CA CYS D 125 -9.60 -10.38 30.19
C CYS D 125 -9.97 -8.99 30.66
N ASP D 126 -9.61 -8.68 31.91
CA ASP D 126 -9.91 -7.37 32.46
C ASP D 126 -8.88 -6.32 32.07
N ALA D 127 -7.66 -6.74 31.72
CA ALA D 127 -6.62 -5.80 31.38
C ALA D 127 -5.60 -6.52 30.53
N VAL D 128 -5.05 -5.81 29.54
CA VAL D 128 -4.06 -6.38 28.64
C VAL D 128 -2.87 -5.43 28.57
N VAL D 129 -1.67 -6.00 28.66
CA VAL D 129 -0.44 -5.31 28.32
C VAL D 129 0.05 -5.91 27.01
N ALA D 130 -0.04 -5.11 25.95
CA ALA D 130 0.33 -5.56 24.60
C ALA D 130 1.75 -5.08 24.34
N VAL D 131 2.70 -5.99 24.50
CA VAL D 131 4.10 -5.68 24.24
C VAL D 131 4.37 -6.07 22.80
N SER D 132 4.41 -5.07 21.91
CA SER D 132 4.74 -5.27 20.50
C SER D 132 6.21 -4.94 20.22
N GLY D 133 6.78 -5.62 19.22
CA GLY D 133 8.20 -5.44 18.91
C GLY D 133 8.51 -5.25 17.45
N THR D 134 9.41 -4.29 17.17
CA THR D 134 9.96 -3.94 15.86
C THR D 134 8.93 -3.27 14.95
N SER D 135 9.38 -2.72 13.82
CA SER D 135 8.47 -2.06 12.88
C SER D 135 7.33 -2.97 12.45
N ALA D 136 7.56 -4.27 12.36
CA ALA D 136 6.52 -5.16 11.86
C ALA D 136 5.26 -5.09 12.70
N PHE D 137 5.38 -4.69 13.97
CA PHE D 137 4.21 -4.57 14.82
C PHE D 137 3.97 -3.14 15.23
N ALA D 138 4.70 -2.20 14.64
CA ALA D 138 4.62 -0.82 15.10
C ALA D 138 3.21 -0.25 14.93
N ARG D 139 2.45 -0.71 13.93
CA ARG D 139 1.14 -0.12 13.71
C ARG D 139 0.10 -0.69 14.66
N VAL D 140 0.42 -1.81 15.34
CA VAL D 140 -0.54 -2.42 16.27
C VAL D 140 -1.16 -1.42 17.22
N PRO D 141 -0.40 -0.60 17.97
CA PRO D 141 -1.06 0.30 18.93
C PRO D 141 -2.10 1.22 18.30
N GLY D 142 -1.79 1.78 17.14
CA GLY D 142 -2.73 2.67 16.49
C GLY D 142 -3.95 1.95 15.97
N MET D 143 -3.80 0.69 15.56
CA MET D 143 -4.95 -0.06 15.07
C MET D 143 -5.90 -0.39 16.21
N VAL D 144 -5.35 -0.83 17.35
CA VAL D 144 -6.22 -1.15 18.48
C VAL D 144 -6.88 0.11 19.01
N GLN D 145 -6.10 1.18 19.22
CA GLN D 145 -6.65 2.38 19.83
C GLN D 145 -7.58 3.16 18.91
N ARG D 146 -7.48 3.00 17.59
CA ARG D 146 -8.44 3.67 16.73
C ARG D 146 -9.75 2.89 16.60
N GLN D 147 -9.68 1.56 16.51
CA GLN D 147 -10.84 0.78 16.05
C GLN D 147 -11.31 -0.28 17.05
N GLY D 148 -10.99 -0.13 18.33
CA GLY D 148 -11.36 -1.15 19.30
C GLY D 148 -12.39 -0.72 20.34
N GLY D 149 -12.80 0.55 20.30
CA GLY D 149 -13.85 1.01 21.18
C GLY D 149 -13.50 0.78 22.64
N GLU D 150 -14.31 -0.01 23.31
CA GLU D 150 -14.16 -0.28 24.74
C GLU D 150 -13.18 -1.41 25.04
N LEU D 151 -12.95 -2.32 24.10
CA LEU D 151 -11.90 -3.31 24.30
C LEU D 151 -10.53 -2.66 24.34
N ALA D 152 -10.33 -1.61 23.53
CA ALA D 152 -9.08 -0.86 23.54
C ALA D 152 -8.84 -0.19 24.89
N ALA D 153 -9.92 0.22 25.57
CA ALA D 153 -9.78 0.88 26.86
C ALA D 153 -9.22 -0.02 27.94
N LYS D 154 -9.05 -1.32 27.66
CA LYS D 154 -8.44 -2.25 28.61
C LYS D 154 -6.98 -2.53 28.28
N VAL D 155 -6.44 -1.89 27.24
CA VAL D 155 -5.12 -2.22 26.73
C VAL D 155 -4.15 -1.09 27.07
N LEU D 156 -2.96 -1.46 27.49
CA LEU D 156 -1.80 -0.59 27.52
C LEU D 156 -0.79 -1.17 26.54
N HIS D 157 -0.35 -0.35 25.59
CA HIS D 157 0.62 -0.79 24.61
C HIS D 157 2.02 -0.37 25.04
N VAL D 158 2.95 -1.31 25.01
CA VAL D 158 4.37 -1.02 25.17
C VAL D 158 5.04 -1.45 23.87
N HIS D 159 5.38 -0.49 23.03
CA HIS D 159 6.09 -0.82 21.79
C HIS D 159 7.62 -0.69 21.97
N THR D 160 8.34 -1.77 21.64
CA THR D 160 9.74 -1.94 21.97
C THR D 160 10.51 -2.49 20.76
N PHE D 161 11.83 -2.61 20.92
CA PHE D 161 12.74 -3.18 19.91
C PHE D 161 12.80 -2.34 18.64
N GLY D 162 13.11 -1.06 18.79
CA GLY D 162 13.47 -0.28 17.62
C GLY D 162 12.57 0.88 17.25
N LEU D 163 13.19 1.94 16.71
CA LEU D 163 12.51 3.01 16.01
C LEU D 163 13.51 3.57 15.00
N ALA D 164 13.02 3.87 13.80
CA ALA D 164 13.92 4.32 12.75
C ALA D 164 14.64 5.59 13.20
N THR D 165 15.96 5.56 13.12
CA THR D 165 16.73 6.73 13.49
C THR D 165 17.76 7.04 12.42
N HIS D 166 18.68 7.96 12.74
CA HIS D 166 19.60 8.53 11.76
C HIS D 166 21.06 8.26 12.13
N ASP D 167 21.31 7.22 12.92
CA ASP D 167 22.63 6.90 13.43
C ASP D 167 23.31 5.77 12.66
N THR D 168 22.87 5.48 11.42
CA THR D 168 23.56 4.53 10.55
C THR D 168 23.76 5.16 9.18
N ALA D 169 24.81 4.72 8.47
CA ALA D 169 25.04 5.19 7.12
C ALA D 169 23.90 4.79 6.20
N HIS D 170 23.32 3.64 6.45
CA HIS D 170 22.24 3.11 5.63
C HIS D 170 20.92 3.70 6.10
N VAL D 171 20.08 4.09 5.13
CA VAL D 171 18.83 4.76 5.47
C VAL D 171 17.71 3.72 5.62
N PRO D 172 16.97 3.73 6.72
CA PRO D 172 15.86 2.78 6.87
C PRO D 172 14.85 2.94 5.76
N SER D 173 14.19 1.83 5.42
CA SER D 173 13.28 1.81 4.28
C SER D 173 12.07 2.71 4.52
N PRO D 174 11.39 3.15 3.47
CA PRO D 174 10.12 3.87 3.67
C PRO D 174 9.15 3.12 4.57
N ALA D 175 9.09 1.79 4.42
CA ALA D 175 8.21 0.98 5.25
C ALA D 175 8.52 1.17 6.74
N GLU D 176 9.80 1.11 7.12
CA GLU D 176 10.20 1.32 8.51
C GLU D 176 9.91 2.75 8.98
N ILE D 177 10.28 3.75 8.18
CA ILE D 177 9.99 5.14 8.52
C ILE D 177 8.50 5.34 8.81
N ALA D 178 7.63 4.76 7.97
CA ALA D 178 6.19 4.99 8.10
C ALA D 178 5.61 4.24 9.28
N ALA D 179 5.98 2.96 9.44
CA ALA D 179 5.52 2.18 10.59
C ALA D 179 5.93 2.85 11.91
N ASP D 180 7.22 3.24 12.03
CA ASP D 180 7.73 3.80 13.29
C ASP D 180 7.20 5.22 13.55
N GLY D 181 7.01 6.02 12.50
CA GLY D 181 6.39 7.33 12.69
C GLY D 181 4.97 7.19 13.19
N ASP D 182 4.25 6.20 12.69
CA ASP D 182 2.88 5.96 13.12
C ASP D 182 2.80 5.63 14.61
N VAL D 183 3.70 4.75 15.10
CA VAL D 183 3.66 4.42 16.51
C VAL D 183 4.14 5.61 17.35
N ALA D 184 5.04 6.43 16.81
CA ALA D 184 5.44 7.62 17.56
C ALA D 184 4.32 8.64 17.63
N PHE D 185 3.54 8.77 16.56
CA PHE D 185 2.39 9.66 16.62
C PHE D 185 1.46 9.23 17.75
N TRP D 186 1.19 7.93 17.84
CA TRP D 186 0.26 7.40 18.81
C TRP D 186 0.83 7.37 20.21
N THR D 187 2.16 7.26 20.34
CA THR D 187 2.78 7.45 21.65
C THR D 187 2.50 8.84 22.17
N ARG D 188 2.67 9.87 21.33
CA ARG D 188 2.35 11.24 21.75
C ARG D 188 0.86 11.46 21.88
N GLN D 189 0.06 10.83 21.03
CA GLN D 189 -1.38 11.08 21.03
C GLN D 189 -2.05 10.46 22.24
N SER D 190 -1.90 9.15 22.41
CA SER D 190 -2.75 8.37 23.30
C SER D 190 -2.08 8.09 24.64
N ASP D 191 -2.88 8.09 25.70
CA ASP D 191 -2.40 7.77 27.03
C ASP D 191 -2.02 6.30 27.17
N ARG D 192 -2.50 5.45 26.27
CA ARG D 192 -2.35 3.99 26.38
C ARG D 192 -1.23 3.44 25.52
N VAL D 193 -0.41 4.31 24.93
CA VAL D 193 0.69 3.89 24.08
C VAL D 193 2.00 4.37 24.69
N SER D 194 2.84 3.42 25.08
CA SER D 194 4.19 3.71 25.56
C SER D 194 5.19 3.09 24.60
N VAL D 195 6.40 3.64 24.58
CA VAL D 195 7.54 3.04 23.90
C VAL D 195 8.44 2.40 24.95
N GLY D 196 8.86 1.16 24.69
CA GLY D 196 9.70 0.43 25.61
C GLY D 196 11.16 0.51 25.24
N TYR D 197 11.93 1.32 25.97
CA TYR D 197 13.35 1.50 25.65
C TYR D 197 14.16 0.33 26.20
N ILE D 198 15.15 -0.09 25.42
CA ILE D 198 15.91 -1.29 25.80
C ILE D 198 17.28 -0.94 26.34
N SER D 199 17.65 0.34 26.32
CA SER D 199 18.98 0.80 26.69
C SER D 199 18.89 2.28 27.04
N ARG D 200 19.93 2.75 27.74
CA ARG D 200 20.07 4.17 28.02
C ARG D 200 20.24 4.97 26.73
N TYR D 201 20.99 4.42 25.78
CA TYR D 201 21.13 5.08 24.49
C TYR D 201 19.78 5.24 23.75
N THR D 202 18.85 4.28 23.86
CA THR D 202 17.59 4.45 23.11
C THR D 202 16.55 5.29 23.86
N ALA D 203 16.51 5.20 25.19
CA ALA D 203 15.68 6.12 25.97
C ALA D 203 15.98 7.56 25.59
N GLU D 204 17.25 7.89 25.44
CA GLU D 204 17.63 9.26 25.15
C GLU D 204 17.43 9.59 23.68
N LEU D 205 17.87 8.70 22.79
CA LEU D 205 17.76 8.96 21.37
C LEU D 205 16.30 9.03 20.93
N TYR D 206 15.48 8.07 21.36
CA TYR D 206 14.11 8.04 20.83
C TYR D 206 13.32 9.23 21.36
N ALA D 207 13.57 9.64 22.62
CA ALA D 207 12.89 10.81 23.16
C ALA D 207 13.29 12.07 22.39
N ARG D 208 14.58 12.22 22.08
CA ARG D 208 15.01 13.44 21.40
C ARG D 208 14.58 13.45 19.94
N THR D 209 14.63 12.29 19.27
CA THR D 209 14.33 12.20 17.85
C THR D 209 12.83 12.27 17.56
N TYR D 210 12.02 11.61 18.39
CA TYR D 210 10.59 11.51 18.14
C TYR D 210 9.75 12.36 19.09
N ALA D 211 10.38 13.12 19.98
CA ALA D 211 9.66 13.97 20.94
C ALA D 211 8.67 13.15 21.76
N ILE D 212 9.05 11.91 22.06
CA ILE D 212 8.27 11.06 22.96
C ILE D 212 8.34 11.68 24.34
N PRO D 213 7.22 12.02 24.97
CA PRO D 213 7.31 12.54 26.35
C PRO D 213 7.85 11.46 27.27
N ALA D 214 8.43 11.90 28.40
CA ALA D 214 8.99 10.97 29.37
C ALA D 214 7.92 10.07 29.98
N ALA D 215 6.73 10.61 30.25
CA ALA D 215 5.66 9.77 30.80
C ALA D 215 5.18 8.70 29.83
N ALA D 216 5.62 8.74 28.56
CA ALA D 216 5.31 7.69 27.60
C ALA D 216 6.50 6.77 27.32
N LEU D 217 7.50 6.76 28.20
CA LEU D 217 8.65 5.87 28.02
C LEU D 217 8.69 4.89 29.17
N LEU D 218 8.85 3.62 28.85
CA LEU D 218 8.78 2.55 29.83
C LEU D 218 10.03 1.70 29.68
N PRO D 219 10.57 1.19 30.79
CA PRO D 219 11.80 0.37 30.71
C PRO D 219 11.53 -1.02 30.18
N ASN D 220 12.25 -1.40 29.14
CA ASN D 220 12.38 -2.80 28.72
C ASN D 220 13.86 -3.10 28.45
N ARG D 221 14.71 -2.91 29.47
CA ARG D 221 16.14 -2.76 29.23
C ARG D 221 16.79 -4.12 28.99
N SER D 222 17.62 -4.19 27.94
CA SER D 222 18.26 -5.45 27.57
C SER D 222 19.08 -6.03 28.73
N ALA D 223 19.09 -7.35 28.82
CA ALA D 223 19.62 -8.05 29.98
C ALA D 223 19.78 -9.53 29.60
N ILE D 224 20.45 -10.28 30.48
CA ILE D 224 20.64 -11.72 30.25
C ILE D 224 20.21 -12.51 31.49
N PRO D 225 19.66 -13.71 31.35
CA PRO D 225 19.33 -14.52 32.54
C PRO D 225 20.58 -15.12 33.21
N ARG D 226 21.09 -14.40 34.23
CA ARG D 226 22.44 -14.65 34.77
C ARG D 226 22.68 -16.10 35.18
N HIS D 227 21.66 -16.76 35.74
CA HIS D 227 21.77 -18.06 36.38
C HIS D 227 21.42 -19.23 35.46
N ALA D 228 21.21 -18.99 34.17
CA ALA D 228 20.94 -20.09 33.26
C ALA D 228 22.21 -20.93 33.09
N PRO D 229 22.08 -22.25 32.98
CA PRO D 229 23.29 -23.10 32.90
C PRO D 229 24.27 -22.67 31.83
N ARG D 230 23.81 -22.03 30.75
CA ARG D 230 24.71 -21.73 29.64
C ARG D 230 25.73 -20.67 29.98
N PHE D 231 25.58 -19.98 31.11
CA PHE D 231 26.55 -18.99 31.57
C PHE D 231 27.46 -19.54 32.66
N GLY D 232 27.50 -20.85 32.83
CA GLY D 232 28.31 -21.42 33.90
C GLY D 232 29.80 -21.28 33.66
N VAL D 233 30.54 -21.13 34.75
CA VAL D 233 32.00 -21.03 34.65
C VAL D 233 32.55 -22.41 34.29
N LEU D 234 33.46 -22.43 33.35
CA LEU D 234 34.01 -23.69 32.85
C LEU D 234 35.41 -23.91 33.41
N THR D 235 35.74 -25.19 33.63
CA THR D 235 37.11 -25.53 33.98
C THR D 235 38.01 -25.42 32.75
N GLU D 236 39.30 -25.25 32.99
CA GLU D 236 40.28 -25.22 31.90
C GLU D 236 40.21 -26.51 31.07
N GLU D 237 40.07 -27.65 31.74
CA GLU D 237 39.87 -28.91 31.04
C GLU D 237 38.67 -28.80 30.10
N ARG D 238 37.53 -28.34 30.62
CA ARG D 238 36.33 -28.26 29.79
C ARG D 238 36.48 -27.19 28.72
N ILE D 239 37.14 -26.08 29.04
CA ILE D 239 37.48 -25.10 28.00
C ILE D 239 38.30 -25.76 26.91
N ASN D 240 39.42 -26.38 27.28
CA ASN D 240 40.39 -26.89 26.31
C ASN D 240 39.77 -27.89 25.36
N GLU D 241 38.99 -28.84 25.87
CA GLU D 241 38.42 -29.85 25.00
C GLU D 241 37.35 -29.27 24.08
N ARG D 242 36.67 -28.21 24.53
CA ARG D 242 35.62 -27.64 23.69
C ARG D 242 36.20 -26.86 22.52
N ILE D 243 37.39 -26.27 22.68
CA ILE D 243 37.94 -25.43 21.61
C ILE D 243 38.95 -26.16 20.75
N ALA D 244 39.24 -27.42 21.06
CA ALA D 244 40.24 -28.15 20.28
C ALA D 244 39.78 -28.33 18.83
N GLY D 245 38.48 -28.32 18.58
CA GLY D 245 37.97 -28.49 17.24
C GLY D 245 37.74 -27.22 16.44
N LEU D 246 38.09 -26.05 16.97
CA LEU D 246 37.80 -24.78 16.30
C LEU D 246 38.91 -24.34 15.37
N GLY D 247 40.02 -25.07 15.30
CA GLY D 247 41.08 -24.69 14.38
C GLY D 247 41.93 -23.54 14.88
N LEU D 248 42.14 -23.45 16.18
CA LEU D 248 42.91 -22.33 16.68
C LEU D 248 44.40 -22.59 16.51
N PRO D 249 45.19 -21.54 16.26
CA PRO D 249 46.64 -21.70 16.20
C PRO D 249 47.24 -21.88 17.59
N ALA D 250 48.32 -22.67 17.65
CA ALA D 250 48.96 -22.90 18.93
C ALA D 250 49.64 -21.64 19.46
N GLU D 251 49.95 -20.70 18.59
CA GLU D 251 50.51 -19.41 18.99
C GLU D 251 49.49 -18.30 18.74
N GLY D 252 49.42 -17.36 19.69
CA GLY D 252 48.63 -16.17 19.50
C GLY D 252 47.64 -15.91 20.62
N GLU D 253 47.29 -14.63 20.79
CA GLU D 253 46.22 -14.17 21.66
C GLU D 253 44.99 -13.89 20.82
N PHE D 254 43.86 -14.46 21.20
CA PHE D 254 42.63 -14.30 20.45
C PHE D 254 41.90 -13.03 20.86
N VAL D 255 41.30 -12.36 19.88
CA VAL D 255 40.27 -11.34 20.13
C VAL D 255 39.02 -11.83 19.41
N VAL D 256 37.96 -12.10 20.18
CA VAL D 256 36.78 -12.83 19.71
C VAL D 256 35.65 -11.87 19.33
N MET D 257 34.98 -12.19 18.23
CA MET D 257 33.73 -11.54 17.83
C MET D 257 32.78 -12.61 17.31
N TRP D 258 31.50 -12.45 17.63
CA TRP D 258 30.49 -13.36 17.13
C TRP D 258 29.18 -12.59 16.97
N GLY D 259 28.32 -13.11 16.13
CA GLY D 259 27.08 -12.47 15.82
C GLY D 259 26.64 -12.86 14.42
N ARG D 260 25.70 -12.10 13.88
CA ARG D 260 25.25 -12.38 12.54
C ARG D 260 26.19 -11.70 11.53
N ASN D 261 26.04 -12.08 10.27
CA ASN D 261 26.92 -11.53 9.24
C ASN D 261 26.55 -10.10 8.95
N SER D 262 27.55 -9.29 8.56
CA SER D 262 27.23 -7.94 8.16
C SER D 262 26.38 -7.98 6.90
N ALA D 263 25.45 -7.05 6.82
CA ALA D 263 24.40 -7.07 5.81
C ALA D 263 24.23 -5.62 5.35
N PRO D 264 23.31 -5.26 4.44
CA PRO D 264 23.35 -3.89 3.90
C PRO D 264 23.07 -2.83 4.96
N GLY D 265 22.15 -3.09 5.88
CA GLY D 265 21.90 -2.12 6.94
C GLY D 265 22.46 -2.50 8.30
N LEU D 266 23.39 -3.47 8.32
CA LEU D 266 23.82 -4.11 9.57
C LEU D 266 25.35 -4.19 9.59
N ASP D 267 25.99 -3.06 9.93
CA ASP D 267 27.45 -2.98 10.04
C ASP D 267 27.86 -3.47 11.43
N LYS D 268 28.32 -4.72 11.48
CA LYS D 268 28.73 -5.34 12.74
C LYS D 268 30.19 -5.04 13.10
N GLY D 269 30.96 -4.43 12.19
CA GLY D 269 32.31 -3.97 12.53
C GLY D 269 33.42 -5.01 12.52
N TYR D 270 33.15 -6.24 12.07
CA TYR D 270 34.18 -7.27 12.04
C TYR D 270 35.38 -6.84 11.23
N HIS D 271 35.15 -6.05 10.18
CA HIS D 271 36.22 -5.66 9.27
C HIS D 271 37.20 -4.72 9.95
N LEU D 272 36.72 -3.93 10.92
CA LEU D 272 37.62 -3.05 11.64
C LEU D 272 38.67 -3.86 12.39
N LEU D 273 38.27 -5.02 12.92
CA LEU D 273 39.23 -5.84 13.66
C LEU D 273 40.27 -6.44 12.73
N LEU D 274 39.83 -6.96 11.58
CA LEU D 274 40.77 -7.47 10.59
C LEU D 274 41.73 -6.38 10.13
N GLU D 275 41.21 -5.17 9.86
CA GLU D 275 42.08 -4.05 9.51
C GLU D 275 43.09 -3.80 10.62
N ALA D 276 42.60 -3.71 11.85
CA ALA D 276 43.46 -3.41 13.00
C ALA D 276 44.56 -4.46 13.15
N ALA D 277 44.21 -5.74 12.95
CA ALA D 277 45.15 -6.82 13.19
C ALA D 277 46.38 -6.77 12.28
N ARG D 278 46.28 -6.12 11.12
CA ARG D 278 47.47 -5.88 10.31
C ARG D 278 48.55 -5.14 11.09
N ASP D 279 48.21 -4.52 12.24
CA ASP D 279 49.19 -3.81 13.07
C ASP D 279 49.24 -4.34 14.49
N LEU D 280 48.73 -5.56 14.73
CA LEU D 280 48.72 -6.18 16.05
C LEU D 280 49.42 -7.53 15.92
N PRO D 281 50.75 -7.55 15.98
CA PRO D 281 51.46 -8.83 15.92
C PRO D 281 51.17 -9.70 17.12
N GLY D 282 50.92 -10.98 16.86
CA GLY D 282 50.57 -11.91 17.92
C GLY D 282 49.09 -12.04 18.20
N VAL D 283 48.24 -11.21 17.58
CA VAL D 283 46.80 -11.24 17.82
C VAL D 283 46.13 -11.98 16.67
N VAL D 284 45.27 -12.94 17.01
CA VAL D 284 44.50 -13.69 16.03
C VAL D 284 43.02 -13.39 16.21
N PRO D 285 42.37 -12.71 15.27
CA PRO D 285 40.91 -12.60 15.32
C PRO D 285 40.25 -13.96 15.24
N VAL D 286 39.20 -14.14 16.04
CA VAL D 286 38.35 -15.29 15.96
C VAL D 286 36.92 -14.77 15.80
N ILE D 287 36.36 -14.93 14.60
CA ILE D 287 35.10 -14.30 14.22
C ILE D 287 34.09 -15.39 13.86
N ALA D 288 33.03 -15.48 14.63
CA ALA D 288 32.06 -16.54 14.47
C ALA D 288 30.76 -15.87 14.01
N THR D 289 30.48 -15.95 12.71
CA THR D 289 29.25 -15.41 12.14
C THR D 289 28.17 -16.49 12.11
N ARG D 290 26.93 -16.07 11.84
CA ARG D 290 25.83 -17.02 11.78
C ARG D 290 26.03 -18.02 10.65
N ARG D 291 26.22 -17.51 9.45
CA ARG D 291 26.49 -18.26 8.23
C ARG D 291 27.93 -17.99 7.77
N PRO D 292 28.55 -18.92 7.03
CA PRO D 292 29.93 -18.71 6.58
C PRO D 292 30.07 -17.42 5.77
N ASP D 293 31.23 -16.77 5.89
CA ASP D 293 31.43 -15.43 5.36
C ASP D 293 32.67 -15.33 4.50
N PRO D 294 32.54 -15.36 3.17
CA PRO D 294 33.73 -15.35 2.32
C PRO D 294 34.27 -13.93 2.16
N GLY D 295 33.38 -12.95 2.29
CA GLY D 295 33.83 -11.56 2.32
C GLY D 295 34.86 -11.29 3.40
N LEU D 296 34.71 -11.93 4.56
CA LEU D 296 35.68 -11.74 5.63
C LEU D 296 36.96 -12.52 5.36
N ARG D 297 36.86 -13.71 4.75
CA ARG D 297 38.09 -14.40 4.37
C ARG D 297 38.86 -13.60 3.33
N ARG D 298 38.15 -13.05 2.33
CA ARG D 298 38.80 -12.16 1.38
C ARG D 298 39.48 -11.02 2.10
N LEU D 299 38.83 -10.46 3.12
CA LEU D 299 39.40 -9.35 3.87
C LEU D 299 40.62 -9.80 4.67
N ALA D 300 40.50 -10.92 5.39
CA ALA D 300 41.64 -11.45 6.12
C ALA D 300 42.82 -11.75 5.17
N ASP D 301 42.54 -12.33 4.00
CA ASP D 301 43.60 -12.59 3.03
C ASP D 301 44.17 -11.31 2.45
N ARG D 302 43.31 -10.36 2.08
CA ARG D 302 43.80 -9.10 1.53
C ARG D 302 44.74 -8.42 2.50
N TYR D 303 44.46 -8.53 3.80
CA TYR D 303 45.24 -7.90 4.86
C TYR D 303 46.33 -8.80 5.43
N ALA D 304 46.46 -10.02 4.91
CA ALA D 304 47.46 -10.99 5.37
C ALA D 304 47.38 -11.22 6.88
N VAL D 305 46.16 -11.40 7.37
CA VAL D 305 45.86 -11.57 8.78
C VAL D 305 45.36 -13.00 8.98
N PRO D 306 45.95 -13.77 9.92
CA PRO D 306 45.60 -15.20 10.03
C PRO D 306 44.34 -15.43 10.86
N ALA D 307 43.24 -14.84 10.41
CA ALA D 307 42.00 -14.91 11.18
C ALA D 307 41.45 -16.32 11.19
N VAL D 308 40.81 -16.69 12.30
CA VAL D 308 40.01 -17.91 12.38
C VAL D 308 38.54 -17.52 12.21
N LEU D 309 37.91 -18.04 11.15
CA LEU D 309 36.57 -17.63 10.73
C LEU D 309 35.62 -18.81 10.91
N LEU D 310 34.66 -18.66 11.82
CA LEU D 310 33.74 -19.73 12.16
C LEU D 310 32.31 -19.32 11.80
N ASP D 311 31.44 -20.31 11.71
CA ASP D 311 30.02 -20.02 11.55
C ASP D 311 29.22 -21.00 12.37
N ASP D 312 27.98 -20.60 12.65
CA ASP D 312 26.99 -21.45 13.30
C ASP D 312 27.54 -22.08 14.57
N GLN D 313 28.28 -21.30 15.34
CA GLN D 313 28.88 -21.86 16.55
C GLN D 313 27.87 -21.86 17.68
N PRO D 314 27.76 -22.95 18.43
CA PRO D 314 26.87 -22.97 19.57
C PRO D 314 27.50 -22.21 20.73
N PHE D 315 26.63 -21.70 21.61
CA PHE D 315 27.12 -20.82 22.66
C PHE D 315 28.14 -21.52 23.56
N THR D 316 27.95 -22.81 23.81
CA THR D 316 28.90 -23.56 24.64
C THR D 316 30.34 -23.30 24.19
N HIS D 317 30.56 -23.28 22.87
CA HIS D 317 31.91 -23.07 22.35
C HIS D 317 32.28 -21.60 22.37
N LEU D 318 31.31 -20.71 22.13
CA LEU D 318 31.61 -19.29 22.30
C LEU D 318 32.02 -19.00 23.73
N SER D 319 31.32 -19.57 24.71
CA SER D 319 31.66 -19.31 26.11
C SER D 319 33.08 -19.79 26.43
N ALA D 320 33.44 -21.00 25.98
CA ALA D 320 34.77 -21.55 26.24
C ALA D 320 35.86 -20.64 25.69
N LEU D 321 35.74 -20.30 24.40
CA LEU D 321 36.61 -19.29 23.79
C LEU D 321 36.73 -18.08 24.69
N LEU D 322 35.59 -17.59 25.20
CA LEU D 322 35.58 -16.38 26.00
C LEU D 322 36.23 -16.58 27.37
N GLN D 323 36.10 -17.77 27.97
CA GLN D 323 36.69 -18.00 29.28
C GLN D 323 38.15 -18.40 29.20
N SER D 324 38.64 -18.76 28.01
CA SER D 324 39.98 -19.30 27.86
C SER D 324 41.03 -18.24 28.17
N PRO D 325 42.06 -18.56 28.97
CA PRO D 325 43.10 -17.56 29.23
C PRO D 325 43.88 -17.18 27.99
N ARG D 326 43.70 -17.89 26.88
CA ARG D 326 44.36 -17.47 25.65
C ARG D 326 43.65 -16.28 24.99
N THR D 327 42.46 -15.93 25.46
CA THR D 327 41.66 -14.88 24.85
C THR D 327 41.97 -13.55 25.52
N LEU D 328 42.46 -12.60 24.73
CA LEU D 328 42.74 -11.27 25.24
C LEU D 328 41.46 -10.45 25.40
N ALA D 329 40.55 -10.53 24.42
CA ALA D 329 39.37 -9.67 24.44
C ALA D 329 38.27 -10.26 23.58
N ALA D 330 37.04 -9.87 23.88
CA ALA D 330 35.89 -9.97 22.98
C ALA D 330 35.49 -8.57 22.57
N ALA D 331 35.45 -8.32 21.27
CA ALA D 331 35.24 -7.01 20.70
C ALA D 331 33.81 -6.87 20.22
N PHE D 332 33.22 -5.69 20.41
CA PHE D 332 31.87 -5.42 19.92
C PHE D 332 31.87 -4.06 19.23
N LEU D 333 31.82 -4.08 17.90
CA LEU D 333 32.16 -2.89 17.12
C LEU D 333 31.03 -2.48 16.17
N GLY D 334 29.79 -2.76 16.53
CA GLY D 334 28.66 -2.40 15.68
C GLY D 334 28.47 -0.92 15.52
N GLU D 335 27.97 -0.53 14.33
CA GLU D 335 27.81 0.88 14.00
C GLU D 335 26.92 1.59 15.02
N ALA D 336 25.79 0.99 15.37
CA ALA D 336 24.93 1.55 16.42
C ALA D 336 23.95 0.51 16.95
N GLU D 337 24.46 -0.54 17.60
CA GLU D 337 23.57 -1.51 18.22
C GLU D 337 22.71 -0.81 19.27
N PRO D 338 21.39 -0.93 19.21
CA PRO D 338 20.56 -0.24 20.20
C PRO D 338 20.57 -0.95 21.54
N GLY D 339 20.73 -2.27 21.54
CA GLY D 339 20.51 -3.02 22.76
C GLY D 339 21.13 -4.40 22.78
N ALA D 340 22.24 -4.56 22.09
CA ALA D 340 22.96 -5.82 22.03
C ALA D 340 23.22 -6.41 23.42
N VAL D 341 22.77 -7.64 23.65
CA VAL D 341 23.15 -8.38 24.87
C VAL D 341 24.44 -9.20 24.69
N SER D 342 25.01 -9.26 23.49
CA SER D 342 26.25 -10.00 23.27
C SER D 342 27.35 -9.58 24.25
N PRO D 343 27.69 -8.28 24.35
CA PRO D 343 28.74 -7.90 25.32
C PRO D 343 28.39 -8.21 26.76
N MET D 344 27.10 -8.17 27.15
CA MET D 344 26.78 -8.52 28.52
C MET D 344 27.06 -9.98 28.79
N GLU D 345 26.81 -10.84 27.80
CA GLU D 345 27.17 -12.25 27.92
C GLU D 345 28.67 -12.41 28.10
N ALA D 346 29.45 -11.71 27.30
CA ALA D 346 30.89 -11.85 27.39
C ALA D 346 31.38 -11.41 28.77
N MET D 347 30.89 -10.26 29.26
CA MET D 347 31.28 -9.86 30.61
C MET D 347 30.84 -10.88 31.64
N TRP D 348 29.69 -11.54 31.42
CA TRP D 348 29.22 -12.41 32.47
C TRP D 348 29.94 -13.77 32.48
N VAL D 349 30.27 -14.33 31.30
CA VAL D 349 30.91 -15.66 31.30
C VAL D 349 32.41 -15.55 31.61
N ALA D 350 33.06 -14.45 31.25
CA ALA D 350 34.45 -14.20 31.61
C ALA D 350 34.61 -13.73 33.07
N ARG D 351 33.64 -13.99 33.96
CA ARG D 351 33.67 -13.45 35.31
C ARG D 351 34.73 -14.08 36.21
N GLU D 352 35.33 -15.20 35.82
CA GLU D 352 36.47 -15.75 36.55
C GLU D 352 37.74 -15.84 35.71
N SER D 353 37.62 -16.04 34.40
CA SER D 353 38.79 -16.12 33.53
C SER D 353 38.43 -15.67 32.13
N GLY D 354 39.44 -15.22 31.40
CA GLY D 354 39.27 -15.02 29.98
C GLY D 354 39.33 -13.58 29.49
N ALA D 355 38.34 -13.20 28.68
CA ALA D 355 38.36 -11.95 27.96
C ALA D 355 37.98 -10.76 28.84
N LEU D 356 38.46 -9.59 28.46
CA LEU D 356 37.86 -8.30 28.76
C LEU D 356 37.19 -7.80 27.50
N VAL D 357 36.30 -6.81 27.64
CA VAL D 357 35.46 -6.37 26.52
C VAL D 357 36.03 -5.09 25.91
N ILE D 358 36.09 -5.06 24.57
CA ILE D 358 36.31 -3.84 23.79
C ILE D 358 34.97 -3.44 23.17
N ALA D 359 34.57 -2.17 23.36
CA ALA D 359 33.28 -1.67 22.95
C ALA D 359 33.44 -0.44 22.07
N ALA D 360 32.71 -0.39 20.95
CA ALA D 360 32.67 0.84 20.17
C ALA D 360 32.00 1.96 20.98
N ASP D 361 32.25 3.21 20.58
CA ASP D 361 31.70 4.38 21.27
C ASP D 361 30.30 4.74 20.77
N THR D 362 29.55 3.79 20.24
CA THR D 362 28.26 4.05 19.64
C THR D 362 27.22 3.07 20.20
N GLY D 363 25.95 3.43 20.00
CA GLY D 363 24.86 2.60 20.46
C GLY D 363 24.90 2.45 21.97
N ASN D 364 24.41 1.32 22.45
CA ASN D 364 24.37 1.01 23.87
C ASN D 364 25.71 0.52 24.43
N LEU D 365 26.78 0.44 23.62
CA LEU D 365 27.96 -0.27 24.10
C LEU D 365 28.67 0.46 25.23
N PRO D 366 28.91 1.79 25.18
CA PRO D 366 29.49 2.47 26.35
C PRO D 366 28.72 2.26 27.63
N GLU D 367 27.38 2.22 27.55
CA GLU D 367 26.62 1.90 28.74
C GLU D 367 27.01 0.51 29.25
N VAL D 368 27.10 -0.47 28.36
CA VAL D 368 27.42 -1.83 28.76
C VAL D 368 28.74 -1.88 29.51
N VAL D 369 29.77 -1.20 29.01
CA VAL D 369 31.09 -1.31 29.63
C VAL D 369 31.31 -0.20 30.66
N ASP D 370 30.24 0.51 31.04
CA ASP D 370 30.30 1.56 32.08
C ASP D 370 31.23 2.69 31.69
N ASP D 371 31.28 3.01 30.40
CA ASP D 371 32.12 4.10 29.90
C ASP D 371 33.61 3.92 30.19
N GLY D 372 34.09 2.67 30.23
CA GLY D 372 35.52 2.45 30.41
C GLY D 372 35.91 1.86 31.75
N ALA D 373 34.97 1.76 32.68
CA ALA D 373 35.27 1.18 33.98
C ALA D 373 35.12 -0.33 33.98
N ALA D 374 34.27 -0.86 33.08
CA ALA D 374 34.01 -2.29 32.98
C ALA D 374 34.48 -2.89 31.66
N GLY D 375 35.25 -2.13 30.88
CA GLY D 375 35.69 -2.57 29.57
C GLY D 375 36.28 -1.38 28.87
N ILE D 376 36.78 -1.62 27.67
CA ILE D 376 37.56 -0.64 26.92
C ILE D 376 36.70 -0.04 25.83
N VAL D 377 36.65 1.28 25.77
CA VAL D 377 35.89 2.01 24.76
C VAL D 377 36.84 2.40 23.63
N THR D 378 36.43 2.17 22.39
CA THR D 378 37.18 2.57 21.21
C THR D 378 36.26 3.32 20.25
N ARG D 379 36.82 4.33 19.61
CA ARG D 379 36.24 4.85 18.39
C ARG D 379 36.24 3.75 17.31
N ARG D 380 35.45 3.96 16.26
CA ARG D 380 35.21 2.90 15.27
C ARG D 380 36.11 3.05 14.04
N THR D 381 37.43 3.02 14.23
CA THR D 381 38.34 2.95 13.09
C THR D 381 39.37 1.87 13.33
N ALA D 382 40.11 1.55 12.27
CA ALA D 382 41.16 0.55 12.37
C ALA D 382 42.23 0.97 13.37
N ALA D 383 42.70 2.21 13.26
CA ALA D 383 43.76 2.66 14.16
C ALA D 383 43.26 2.68 15.60
N ASP D 384 42.00 3.06 15.81
CA ASP D 384 41.48 3.13 17.17
C ASP D 384 41.17 1.75 17.74
N VAL D 385 40.74 0.81 16.91
CA VAL D 385 40.55 -0.55 17.39
C VAL D 385 41.91 -1.22 17.68
N ALA D 386 42.90 -0.98 16.82
CA ALA D 386 44.25 -1.50 17.12
C ALA D 386 44.75 -0.93 18.44
N ASP D 387 44.61 0.39 18.63
CA ASP D 387 45.01 1.04 19.87
C ASP D 387 44.27 0.46 21.07
N ALA D 388 42.99 0.09 20.87
CA ALA D 388 42.20 -0.47 21.96
C ALA D 388 42.66 -1.86 22.33
N VAL D 389 43.11 -2.66 21.35
CA VAL D 389 43.68 -3.97 21.69
C VAL D 389 44.98 -3.80 22.45
N ARG D 390 45.82 -2.85 22.03
CA ARG D 390 47.04 -2.57 22.79
C ARG D 390 46.72 -2.13 24.22
N ARG D 391 45.65 -1.36 24.41
CA ARG D 391 45.37 -0.89 25.77
C ARG D 391 44.94 -2.03 26.68
N VAL D 392 44.24 -3.04 26.15
CA VAL D 392 43.92 -4.22 26.96
C VAL D 392 45.20 -4.97 27.32
N ARG D 393 46.13 -5.07 26.38
CA ARG D 393 47.40 -5.71 26.68
C ARG D 393 48.14 -4.99 27.79
N LYS D 394 48.15 -3.65 27.74
CA LYS D 394 48.98 -2.85 28.63
C LYS D 394 48.44 -2.78 30.06
N LEU D 395 47.26 -3.33 30.32
CA LEU D 395 46.73 -3.35 31.67
C LEU D 395 47.58 -4.24 32.57
N THR D 396 47.77 -3.82 33.81
CA THR D 396 48.43 -4.69 34.78
C THR D 396 47.52 -5.87 35.11
N ALA D 397 48.13 -6.96 35.62
CA ALA D 397 47.33 -8.11 36.03
C ALA D 397 46.30 -7.70 37.07
N ASP D 398 46.67 -6.82 37.98
CA ASP D 398 45.70 -6.35 38.96
C ASP D 398 44.61 -5.51 38.30
N GLU D 399 44.96 -4.72 37.29
CA GLU D 399 43.95 -3.92 36.61
C GLU D 399 43.01 -4.81 35.80
N ARG D 400 43.56 -5.86 35.20
CA ARG D 400 42.74 -6.80 34.46
C ARG D 400 41.79 -7.51 35.41
N ARG D 401 42.27 -7.88 36.60
CA ARG D 401 41.38 -8.57 37.55
C ARG D 401 40.25 -7.66 38.02
N ARG D 402 40.56 -6.38 38.28
CA ARG D 402 39.53 -5.48 38.78
C ARG D 402 38.52 -5.12 37.69
N MET D 403 38.95 -5.09 36.43
CA MET D 403 38.03 -4.77 35.35
C MET D 403 37.15 -5.96 34.96
N ARG D 404 37.68 -7.17 35.05
CA ARG D 404 36.82 -8.35 35.00
C ARG D 404 35.77 -8.30 36.11
N ALA D 405 36.19 -7.98 37.34
CA ALA D 405 35.27 -7.90 38.47
C ALA D 405 34.24 -6.80 38.28
N ALA D 406 34.66 -5.66 37.75
CA ALA D 406 33.75 -4.56 37.53
C ALA D 406 32.72 -4.96 36.51
N ALA D 407 33.15 -5.69 35.47
CA ALA D 407 32.29 -6.13 34.40
C ALA D 407 31.21 -7.06 34.92
N ALA D 408 31.61 -8.13 35.61
CA ALA D 408 30.67 -9.06 36.21
C ALA D 408 29.68 -8.34 37.14
N ALA D 409 30.15 -7.36 37.92
CA ALA D 409 29.27 -6.66 38.83
C ALA D 409 28.28 -5.78 38.08
N ARG D 410 28.69 -5.24 36.94
CA ARG D 410 27.79 -4.46 36.11
C ARG D 410 26.65 -5.31 35.56
N VAL D 411 26.95 -6.54 35.13
CA VAL D 411 25.89 -7.42 34.68
C VAL D 411 24.91 -7.67 35.82
N ARG D 412 25.43 -7.92 37.02
CA ARG D 412 24.56 -8.22 38.15
C ARG D 412 23.71 -7.02 38.52
N ALA D 413 24.22 -5.81 38.28
CA ALA D 413 23.56 -4.60 38.75
C ALA D 413 22.57 -4.06 37.75
N ARG D 414 22.85 -4.20 36.46
CA ARG D 414 22.09 -3.49 35.43
C ARG D 414 21.49 -4.39 34.36
N PHE D 415 21.99 -5.60 34.17
CA PHE D 415 21.56 -6.44 33.05
C PHE D 415 21.15 -7.83 33.53
N ASP D 416 20.44 -7.88 34.66
CA ASP D 416 19.83 -9.11 35.14
C ASP D 416 18.44 -9.23 34.53
N PHE D 417 18.22 -10.27 33.70
CA PHE D 417 16.97 -10.32 32.96
C PHE D 417 15.78 -10.39 33.91
N ALA D 418 15.89 -11.19 34.97
CA ALA D 418 14.76 -11.38 35.87
C ALA D 418 14.37 -10.07 36.54
N ALA D 419 15.38 -9.25 36.87
CA ALA D 419 15.10 -7.94 37.45
C ALA D 419 14.53 -7.00 36.38
N ASN D 420 15.08 -7.04 35.17
CA ASN D 420 14.68 -6.06 34.16
C ASN D 420 13.33 -6.41 33.51
N VAL D 421 12.96 -7.68 33.44
CA VAL D 421 11.60 -7.97 32.96
C VAL D 421 10.59 -7.70 34.06
N ARG D 422 11.00 -7.85 35.32
CA ARG D 422 10.15 -7.40 36.43
C ARG D 422 9.97 -5.88 36.37
N GLU D 423 11.04 -5.16 36.05
CA GLU D 423 10.93 -3.71 35.89
C GLU D 423 9.88 -3.36 34.83
N LEU D 424 9.93 -4.05 33.69
CA LEU D 424 8.93 -3.87 32.64
C LEU D 424 7.53 -4.19 33.15
N ALA D 425 7.37 -5.38 33.75
CA ALA D 425 6.05 -5.77 34.25
C ALA D 425 5.52 -4.75 35.26
N ASP D 426 6.36 -4.36 36.23
CA ASP D 426 5.93 -3.43 37.28
C ASP D 426 5.55 -2.07 36.70
N ALA D 427 6.40 -1.52 35.82
CA ALA D 427 6.09 -0.23 35.22
C ALA D 427 4.80 -0.29 34.42
N ALA D 428 4.57 -1.41 33.73
CA ALA D 428 3.36 -1.54 32.91
C ALA D 428 2.12 -1.66 33.80
N VAL D 429 2.23 -2.41 34.89
CA VAL D 429 1.13 -2.50 35.85
C VAL D 429 0.86 -1.15 36.51
N ASP D 430 1.92 -0.47 36.96
CA ASP D 430 1.73 0.88 37.49
C ASP D 430 1.06 1.78 36.46
N ARG D 431 1.50 1.71 35.20
CA ARG D 431 0.96 2.60 34.21
C ARG D 431 -0.49 2.26 33.87
N LEU D 432 -0.86 0.99 33.98
CA LEU D 432 -2.27 0.60 33.82
C LEU D 432 -3.14 1.30 34.88
N ALA D 433 -2.71 1.23 36.14
CA ALA D 433 -3.43 1.91 37.22
C ALA D 433 -3.60 3.40 36.97
N GLU D 434 -2.51 4.08 36.57
CA GLU D 434 -2.56 5.54 36.42
C GLU D 434 -3.53 5.96 35.33
N VAL D 435 -3.77 5.10 34.34
CA VAL D 435 -4.69 5.37 33.24
C VAL D 435 -6.13 5.17 33.72
N SER D 436 -6.29 4.91 35.00
CA SER D 436 -7.63 4.93 35.59
C SER D 436 -7.69 5.83 36.83
#